data_3RSZ
#
_entry.id   3RSZ
#
_cell.length_a   96.557
_cell.length_b   166.731
_cell.length_c   121.136
_cell.angle_alpha   90.00
_cell.angle_beta   103.25
_cell.angle_gamma   90.00
#
_symmetry.space_group_name_H-M   'P 1 21 1'
#
loop_
_entity.id
_entity.type
_entity.pdbx_description
1 polymer 'Glycogen [starch] synthase isoform 2'
2 polymer 'Glycogen [starch] synthase isoform 2'
3 branched alpha-D-glucopyranose-(1-4)-alpha-D-glucopyranose-(1-4)-alpha-D-glucopyranose-(1-4)-alpha-D-glucopyranose
4 non-polymer 'SULFATE ION'
#
loop_
_entity_poly.entity_id
_entity_poly.type
_entity_poly.pdbx_seq_one_letter_code
_entity_poly.pdbx_strand_id
1 'polypeptide(L)'
;MGSSHHHHHHSSGLVPRGSHMSRDLQNHLLFETATEVANRVGGIYSVLKSKAPITVAQYKDHYHLIGPLNKATYQNEVDI
LDWKKPEAFSDEMRPVQHALQTMESRGVHFVYGRWLIEGAPKVILFDLDSVRGYSNEWKGDLWSLVGIPSPENDFETNDA
ILLGYTVAWFLGEVAHLDSQHAIVAHFHEWLAGVALPLCRKRRIDVVTIFTTHATLLGRYLCASGSFDFYNCLESVDVDH
EAGRFGIYHRYCIERAAAHSADVFTTVSQITAFEAEHLLKRKPDGILPNGLNVIKFQAFHEFQNLHALKKEKINDFVRGH
FHGCFDFDLDNTLYFFIAGRYEYKNKGADMFIEALARLNYRLKVSGSKKTVVAFIVMPAKNNSFTVEALKGQAEVRALEN
TVHEVTTSIGKRIFDHAIRYPHNGLTTELPTDLGELLKSSDKVMLKRRILALRRPEGQLPPIVTHNMVDDANDLILNKIR
QVQLFNSPSDRVKMIFHPEFLNANNPILGLDYDEFVRGCHLGVFPSYYEPWGYTPAECTVMGVPSITTNVSGFGSYMEDL
IETNQAKDYGIYIVDRRFKAPDESVEQLVDYMEEFVKKTAAQAINQRNRTERLSDLLDWKRMGLEYVKARQLALRRGYPD
QFRELVGEELNDSNMDALAGGKKLKVARPLSVPGSPRDLRSNSTVYMTPGDLGTLQEVNNADDYFSLGVNPAADDDDDGP
YADDS
;
A,B,C,D
2 'polypeptide(L)' (UNK)(UNK)(UNK)(UNK)(UNK) E,F
#
loop_
_chem_comp.id
_chem_comp.type
_chem_comp.name
_chem_comp.formula
GLC D-saccharide, alpha linking alpha-D-glucopyranose 'C6 H12 O6'
SO4 non-polymer 'SULFATE ION' 'O4 S -2'
#
# COMPACT_ATOMS: atom_id res chain seq x y z
N SER A 22 49.07 36.89 -26.85
CA SER A 22 48.00 37.61 -26.14
C SER A 22 46.63 36.90 -26.19
N ARG A 23 46.30 36.25 -25.07
CA ARG A 23 45.19 35.29 -24.98
C ARG A 23 43.94 35.85 -24.30
N ASP A 24 42.83 35.11 -24.41
CA ASP A 24 41.55 35.58 -23.87
C ASP A 24 41.28 35.11 -22.45
N LEU A 25 41.26 36.07 -21.52
CA LEU A 25 41.01 35.77 -20.12
C LEU A 25 39.53 35.47 -19.89
N GLN A 26 38.66 36.23 -20.54
CA GLN A 26 37.21 36.05 -20.40
C GLN A 26 36.79 34.65 -20.87
N ASN A 27 37.43 34.16 -21.93
CA ASN A 27 37.12 32.84 -22.46
C ASN A 27 38.30 31.88 -22.33
N HIS A 28 38.47 31.35 -21.11
CA HIS A 28 39.62 30.51 -20.77
C HIS A 28 39.27 29.05 -20.58
N LEU A 29 40.33 28.24 -20.52
CA LEU A 29 40.24 26.81 -20.30
C LEU A 29 40.42 26.48 -18.82
N LEU A 30 39.93 25.32 -18.39
CA LEU A 30 40.07 24.89 -17.00
C LEU A 30 40.47 23.43 -16.93
N PHE A 31 41.64 23.16 -16.33
CA PHE A 31 42.11 21.79 -16.15
C PHE A 31 42.28 21.44 -14.66
N GLU A 32 41.39 20.59 -14.13
CA GLU A 32 41.43 20.23 -12.71
C GLU A 32 42.03 18.83 -12.51
N THR A 33 43.16 18.77 -11.83
CA THR A 33 43.94 17.55 -11.74
C THR A 33 43.91 17.03 -10.31
N ALA A 34 43.68 15.74 -10.14
CA ALA A 34 43.72 15.13 -8.82
C ALA A 34 43.77 13.61 -8.93
N THR A 35 44.48 12.98 -8.00
CA THR A 35 44.55 11.51 -7.95
C THR A 35 43.21 10.81 -7.87
N GLU A 36 42.12 11.56 -7.66
CA GLU A 36 40.85 10.93 -7.37
C GLU A 36 39.81 11.03 -8.48
N VAL A 37 40.19 11.52 -9.66
CA VAL A 37 39.19 11.85 -10.67
C VAL A 37 38.13 10.78 -10.90
N ALA A 38 38.53 9.55 -11.17
CA ALA A 38 37.49 8.55 -11.32
C ALA A 38 37.80 7.30 -10.52
N ASN A 39 38.32 7.50 -9.31
CA ASN A 39 38.46 6.42 -8.35
C ASN A 39 38.42 6.93 -6.92
N ARG A 40 37.39 6.52 -6.18
CA ARG A 40 37.24 6.93 -4.80
C ARG A 40 38.32 6.32 -3.93
N VAL A 41 39.38 7.09 -3.71
CA VAL A 41 40.47 6.67 -2.87
C VAL A 41 40.53 7.63 -1.70
N GLY A 42 39.83 8.75 -1.84
CA GLY A 42 39.78 9.78 -0.82
C GLY A 42 38.46 10.54 -0.76
N GLY A 43 38.40 11.53 0.14
CA GLY A 43 37.24 12.37 0.25
C GLY A 43 37.23 13.46 -0.81
N ILE A 44 38.33 13.59 -1.53
CA ILE A 44 38.41 14.57 -2.61
C ILE A 44 37.55 14.11 -3.77
N TYR A 45 37.47 12.80 -3.94
CA TYR A 45 36.60 12.24 -4.97
C TYR A 45 35.24 12.89 -4.83
N SER A 46 34.78 13.01 -3.59
CA SER A 46 33.45 13.56 -3.32
C SER A 46 33.37 15.03 -3.67
N VAL A 47 34.31 15.82 -3.17
CA VAL A 47 34.43 17.22 -3.57
C VAL A 47 34.35 17.42 -5.10
N LEU A 48 35.21 16.76 -5.85
CA LEU A 48 35.21 16.90 -7.29
C LEU A 48 33.90 16.46 -7.93
N LYS A 49 33.38 15.31 -7.50
CA LYS A 49 32.13 14.79 -8.04
C LYS A 49 30.94 15.70 -7.77
N SER A 50 30.92 16.30 -6.59
CA SER A 50 29.77 17.12 -6.20
C SER A 50 29.92 18.56 -6.67
N LYS A 51 31.11 18.91 -7.15
CA LYS A 51 31.36 20.24 -7.71
C LYS A 51 31.18 20.25 -9.22
N ALA A 52 31.19 19.05 -9.81
CA ALA A 52 31.05 18.91 -11.26
C ALA A 52 29.89 19.73 -11.81
N PRO A 53 28.65 19.41 -11.39
CA PRO A 53 27.49 20.03 -12.02
C PRO A 53 27.60 21.55 -12.13
N ILE A 54 28.14 22.22 -11.12
CA ILE A 54 28.20 23.68 -11.19
C ILE A 54 29.34 24.24 -12.02
N THR A 55 30.44 23.50 -12.14
CA THR A 55 31.50 23.98 -13.03
C THR A 55 31.27 23.55 -14.49
N VAL A 56 30.73 22.36 -14.69
CA VAL A 56 30.38 21.94 -16.04
C VAL A 56 29.32 22.88 -16.59
N ALA A 57 28.49 23.44 -15.70
CA ALA A 57 27.48 24.39 -16.12
C ALA A 57 28.14 25.65 -16.67
N GLN A 58 29.25 26.04 -16.07
CA GLN A 58 29.91 27.28 -16.45
C GLN A 58 30.81 27.09 -17.66
N TYR A 59 31.65 26.06 -17.61
CA TYR A 59 32.69 25.84 -18.63
C TYR A 59 32.30 24.95 -19.81
N LYS A 60 31.10 24.37 -19.77
CA LYS A 60 30.72 23.32 -20.72
C LYS A 60 31.90 22.39 -21.08
N ASP A 61 32.30 22.37 -22.35
CA ASP A 61 33.38 21.47 -22.80
C ASP A 61 34.77 22.10 -22.83
N HIS A 62 34.92 23.24 -22.15
CA HIS A 62 36.24 23.86 -21.93
C HIS A 62 36.94 23.23 -20.73
N TYR A 63 36.14 22.56 -19.91
CA TYR A 63 36.57 21.99 -18.64
C TYR A 63 36.94 20.52 -18.76
N HIS A 64 38.12 20.15 -18.29
CA HIS A 64 38.52 18.74 -18.19
C HIS A 64 39.05 18.42 -16.79
N LEU A 65 38.73 17.24 -16.29
CA LEU A 65 39.39 16.70 -15.13
C LEU A 65 40.49 15.79 -15.64
N ILE A 66 41.69 15.88 -15.06
CA ILE A 66 42.77 15.00 -15.42
C ILE A 66 43.13 14.20 -14.22
N GLY A 67 43.53 12.94 -14.40
CA GLY A 67 43.99 12.14 -13.29
C GLY A 67 44.60 10.82 -13.72
N PRO A 68 45.17 10.07 -12.78
CA PRO A 68 45.83 8.81 -13.11
C PRO A 68 44.77 7.76 -13.43
N LEU A 69 44.95 7.04 -14.53
CA LEU A 69 44.02 5.99 -14.88
C LEU A 69 44.17 4.86 -13.87
N ASN A 70 43.05 4.46 -13.27
CA ASN A 70 43.02 3.29 -12.40
C ASN A 70 42.44 2.10 -13.17
N LYS A 71 43.28 1.13 -13.50
CA LYS A 71 42.88 0.05 -14.40
C LYS A 71 41.85 -0.94 -13.82
N ALA A 72 41.55 -0.78 -12.53
CA ALA A 72 40.63 -1.70 -11.86
C ALA A 72 39.19 -1.19 -11.80
N THR A 73 39.02 0.12 -11.91
CA THR A 73 37.73 0.75 -11.64
C THR A 73 37.21 1.59 -12.79
N TYR A 74 38.11 2.15 -13.59
CA TYR A 74 37.73 3.14 -14.61
C TYR A 74 36.56 2.68 -15.49
N GLN A 75 36.44 1.36 -15.65
CA GLN A 75 35.41 0.83 -16.52
C GLN A 75 34.00 0.94 -15.95
N ASN A 76 33.91 1.13 -14.64
CA ASN A 76 32.61 1.30 -14.00
C ASN A 76 32.18 2.76 -13.92
N GLU A 77 33.11 3.68 -14.14
CA GLU A 77 32.83 5.09 -13.94
C GLU A 77 32.97 5.95 -15.19
N VAL A 78 33.57 5.39 -16.24
CA VAL A 78 33.81 6.19 -17.43
C VAL A 78 33.15 5.73 -18.73
N ASP A 79 32.40 6.65 -19.32
CA ASP A 79 31.87 6.52 -20.66
C ASP A 79 33.04 6.73 -21.63
N ILE A 80 33.72 5.65 -21.98
CA ILE A 80 34.92 5.76 -22.82
C ILE A 80 34.63 6.33 -24.21
N LEU A 81 35.36 7.38 -24.57
CA LEU A 81 35.09 8.05 -25.83
C LEU A 81 36.23 7.86 -26.83
N ASP A 82 35.89 7.98 -28.11
CA ASP A 82 36.89 7.98 -29.15
C ASP A 82 37.25 9.42 -29.42
N TRP A 83 38.49 9.78 -29.12
CA TRP A 83 38.91 11.17 -29.10
C TRP A 83 39.49 11.66 -30.41
N LYS A 84 39.47 10.79 -31.41
CA LYS A 84 40.03 11.10 -32.71
C LYS A 84 38.97 11.61 -33.67
N LYS A 85 37.75 11.07 -33.58
CA LYS A 85 36.67 11.56 -34.43
C LYS A 85 36.66 13.09 -34.43
N PRO A 86 36.71 13.71 -35.62
CA PRO A 86 36.58 15.16 -35.73
C PRO A 86 35.51 15.75 -34.80
N GLU A 87 34.42 15.03 -34.57
CA GLU A 87 33.32 15.53 -33.74
C GLU A 87 33.67 15.68 -32.26
N ALA A 88 34.63 14.88 -31.79
CA ALA A 88 34.97 14.81 -30.37
C ALA A 88 35.37 16.16 -29.76
N PHE A 89 35.54 17.18 -30.61
CA PHE A 89 35.95 18.49 -30.14
C PHE A 89 35.40 19.60 -31.00
N SER A 90 34.94 20.69 -30.36
CA SER A 90 34.62 21.90 -31.12
C SER A 90 35.89 22.36 -31.82
N ASP A 91 35.73 23.19 -32.84
CA ASP A 91 36.88 23.63 -33.62
C ASP A 91 37.87 24.43 -32.77
N GLU A 92 37.34 25.34 -31.95
CA GLU A 92 38.20 26.14 -31.08
C GLU A 92 38.94 25.24 -30.09
N MET A 93 38.28 24.18 -29.62
CA MET A 93 38.90 23.25 -28.68
C MET A 93 39.75 22.19 -29.38
N ARG A 94 39.93 22.36 -30.69
CA ARG A 94 40.79 21.47 -31.46
C ARG A 94 42.19 21.24 -30.85
N PRO A 95 42.83 22.31 -30.33
CA PRO A 95 44.21 22.24 -29.83
C PRO A 95 44.44 21.12 -28.82
N VAL A 96 43.44 20.86 -27.98
CA VAL A 96 43.58 19.79 -26.99
C VAL A 96 43.68 18.43 -27.69
N GLN A 97 43.00 18.30 -28.82
CA GLN A 97 42.93 17.03 -29.54
C GLN A 97 44.25 16.72 -30.20
N HIS A 98 44.81 17.72 -30.88
CA HIS A 98 46.15 17.57 -31.49
C HIS A 98 47.16 17.27 -30.40
N ALA A 99 47.01 18.01 -29.29
CA ALA A 99 47.78 17.85 -28.06
C ALA A 99 47.86 16.41 -27.58
N LEU A 100 46.69 15.76 -27.52
CA LEU A 100 46.61 14.38 -27.09
C LEU A 100 47.29 13.45 -28.07
N GLN A 101 47.13 13.69 -29.37
CA GLN A 101 47.81 12.83 -30.36
C GLN A 101 49.33 12.88 -30.18
N THR A 102 49.89 14.09 -30.26
CA THR A 102 51.30 14.27 -29.97
C THR A 102 51.69 13.31 -28.86
N MET A 103 50.90 13.33 -27.80
CA MET A 103 51.13 12.51 -26.61
C MET A 103 51.13 11.01 -26.85
N GLU A 104 50.20 10.52 -27.67
CA GLU A 104 50.16 9.09 -27.97
C GLU A 104 51.27 8.67 -28.95
N SER A 105 51.57 9.55 -29.91
CA SER A 105 52.72 9.35 -30.80
C SER A 105 53.93 8.90 -29.98
N ARG A 106 54.20 9.65 -28.90
CA ARG A 106 55.40 9.45 -28.09
C ARG A 106 55.25 8.29 -27.09
N GLY A 107 54.10 7.62 -27.11
CA GLY A 107 53.94 6.38 -26.37
C GLY A 107 53.18 6.45 -25.06
N VAL A 108 52.51 7.57 -24.84
CA VAL A 108 51.75 7.78 -23.61
C VAL A 108 50.30 7.39 -23.82
N HIS A 109 49.87 6.35 -23.12
CA HIS A 109 48.52 5.81 -23.31
C HIS A 109 47.51 6.31 -22.27
N PHE A 110 46.37 6.79 -22.75
CA PHE A 110 45.35 7.33 -21.87
C PHE A 110 43.94 6.83 -22.20
N VAL A 111 42.95 7.35 -21.46
CA VAL A 111 41.54 7.10 -21.73
C VAL A 111 40.82 8.44 -21.69
N TYR A 112 40.22 8.83 -22.81
CA TYR A 112 39.41 10.05 -22.82
C TYR A 112 37.97 9.57 -22.68
N GLY A 113 37.16 10.29 -21.92
CA GLY A 113 35.77 9.89 -21.72
C GLY A 113 34.94 10.86 -20.91
N ARG A 114 33.70 10.47 -20.64
CA ARG A 114 32.84 11.19 -19.71
C ARG A 114 32.82 10.45 -18.37
N TRP A 115 32.99 11.17 -17.26
CA TRP A 115 32.85 10.58 -15.94
C TRP A 115 31.36 10.52 -15.61
N LEU A 116 30.82 9.30 -15.50
CA LEU A 116 29.38 9.16 -15.33
C LEU A 116 28.90 9.62 -13.95
N ILE A 117 28.80 10.94 -13.78
CA ILE A 117 28.26 11.53 -12.57
C ILE A 117 27.38 12.71 -13.02
N GLU A 118 26.48 13.17 -12.16
CA GLU A 118 25.66 14.32 -12.54
C GLU A 118 26.57 15.42 -13.03
N GLY A 119 26.36 15.86 -14.27
CA GLY A 119 27.20 16.88 -14.88
C GLY A 119 28.05 16.32 -16.02
N ALA A 120 28.33 15.02 -15.95
CA ALA A 120 29.08 14.29 -16.99
C ALA A 120 30.26 15.08 -17.56
N PRO A 121 31.16 15.56 -16.68
CA PRO A 121 32.34 16.31 -17.09
C PRO A 121 33.30 15.45 -17.89
N LYS A 122 34.07 16.07 -18.78
CA LYS A 122 35.01 15.32 -19.60
C LYS A 122 36.27 15.02 -18.83
N VAL A 123 36.92 13.91 -19.16
CA VAL A 123 37.98 13.38 -18.32
C VAL A 123 39.16 12.85 -19.12
N ILE A 124 40.37 13.15 -18.69
CA ILE A 124 41.55 12.56 -19.31
C ILE A 124 42.33 11.73 -18.29
N LEU A 125 42.44 10.43 -18.54
CA LEU A 125 42.99 9.50 -17.54
C LEU A 125 44.30 8.83 -17.98
N PHE A 126 45.43 9.39 -17.57
CA PHE A 126 46.73 8.92 -18.06
C PHE A 126 47.13 7.58 -17.48
N ASP A 127 47.67 6.71 -18.33
CA ASP A 127 48.04 5.35 -17.93
C ASP A 127 49.46 5.36 -17.41
N LEU A 128 49.61 5.25 -16.10
CA LEU A 128 50.93 5.43 -15.49
C LEU A 128 51.94 4.33 -15.85
N ASP A 129 51.45 3.18 -16.27
CA ASP A 129 52.32 2.12 -16.79
C ASP A 129 52.95 2.54 -18.13
N SER A 130 52.18 3.22 -18.98
CA SER A 130 52.60 3.56 -20.33
C SER A 130 53.77 4.53 -20.37
N VAL A 131 54.17 5.01 -19.20
CA VAL A 131 55.12 6.11 -19.12
C VAL A 131 56.15 5.77 -18.03
N ARG A 132 55.94 4.61 -17.41
CA ARG A 132 56.81 4.14 -16.34
C ARG A 132 58.28 4.04 -16.75
N GLY A 133 58.53 3.99 -18.04
CA GLY A 133 59.90 3.94 -18.53
C GLY A 133 60.63 5.22 -18.16
N TYR A 134 60.14 6.35 -18.69
CA TYR A 134 60.65 7.67 -18.36
C TYR A 134 60.82 7.90 -16.84
N SER A 135 60.60 6.86 -16.03
CA SER A 135 60.68 7.00 -14.58
C SER A 135 61.96 7.67 -14.12
N ASN A 136 63.07 6.95 -14.22
CA ASN A 136 64.36 7.41 -13.72
C ASN A 136 64.79 8.74 -14.32
N GLU A 137 64.69 8.89 -15.64
CA GLU A 137 65.02 10.18 -16.24
C GLU A 137 64.34 11.30 -15.44
N TRP A 138 63.25 10.95 -14.76
CA TRP A 138 62.35 11.93 -14.13
C TRP A 138 62.59 12.14 -12.63
N LYS A 139 62.72 11.06 -11.87
CA LYS A 139 63.10 11.19 -10.47
C LYS A 139 64.31 12.11 -10.38
N GLY A 140 65.21 11.97 -11.36
CA GLY A 140 66.38 12.81 -11.46
C GLY A 140 66.05 14.24 -11.82
N ASP A 141 65.43 14.44 -12.99
CA ASP A 141 65.12 15.79 -13.46
C ASP A 141 64.35 16.61 -12.44
N LEU A 142 63.71 15.91 -11.49
CA LEU A 142 62.98 16.56 -10.39
C LEU A 142 63.98 17.13 -9.41
N TRP A 143 64.86 16.25 -8.94
CA TRP A 143 65.92 16.62 -8.01
C TRP A 143 66.76 17.80 -8.51
N SER A 144 66.97 17.86 -9.82
CA SER A 144 67.86 18.89 -10.39
C SER A 144 67.15 20.18 -10.82
N LEU A 145 65.92 20.37 -10.36
CA LEU A 145 65.20 21.63 -10.58
C LEU A 145 64.41 22.03 -9.33
N VAL A 146 64.34 21.13 -8.35
CA VAL A 146 63.62 21.42 -7.12
C VAL A 146 64.13 20.58 -5.94
N GLY A 147 65.29 19.95 -6.12
CA GLY A 147 65.93 19.22 -5.05
C GLY A 147 64.98 18.37 -4.24
N ILE A 148 63.97 17.82 -4.92
CA ILE A 148 63.07 16.87 -4.27
C ILE A 148 63.61 15.43 -4.39
N PRO A 149 63.95 14.85 -3.23
CA PRO A 149 64.37 13.44 -3.14
C PRO A 149 63.24 12.49 -3.55
N SER A 150 63.57 11.23 -3.76
CA SER A 150 62.59 10.27 -4.23
C SER A 150 63.09 8.83 -4.15
N PRO A 151 63.07 8.22 -2.93
CA PRO A 151 63.42 6.81 -2.81
C PRO A 151 62.57 5.95 -3.75
N GLU A 152 63.05 4.75 -4.09
CA GLU A 152 62.39 3.92 -5.09
C GLU A 152 61.37 2.93 -4.49
N ASN A 153 61.26 2.93 -3.17
CA ASN A 153 60.38 2.00 -2.45
C ASN A 153 59.03 2.63 -2.10
N ASP A 154 58.85 3.88 -2.52
CA ASP A 154 57.64 4.67 -2.22
C ASP A 154 56.77 4.78 -3.47
N PHE A 155 55.80 3.89 -3.58
CA PHE A 155 55.03 3.78 -4.81
C PHE A 155 54.15 5.00 -5.09
N GLU A 156 53.56 5.55 -4.03
CA GLU A 156 52.68 6.70 -4.13
C GLU A 156 53.38 7.92 -4.73
N THR A 157 54.62 8.17 -4.30
CA THR A 157 55.41 9.30 -4.82
C THR A 157 55.96 9.04 -6.22
N ASN A 158 56.31 7.78 -6.51
CA ASN A 158 56.66 7.40 -7.87
C ASN A 158 55.48 7.70 -8.78
N ASP A 159 54.32 7.20 -8.36
CA ASP A 159 53.09 7.45 -9.08
C ASP A 159 52.79 8.96 -9.18
N ALA A 160 53.06 9.69 -8.10
CA ALA A 160 52.82 11.14 -8.07
C ALA A 160 53.79 11.90 -8.98
N ILE A 161 54.99 11.37 -9.13
CA ILE A 161 56.00 11.94 -10.04
C ILE A 161 55.68 11.60 -11.51
N LEU A 162 55.35 10.33 -11.74
CA LEU A 162 54.94 9.93 -13.08
C LEU A 162 53.80 10.83 -13.55
N LEU A 163 52.78 10.95 -12.70
CA LEU A 163 51.62 11.77 -13.01
C LEU A 163 52.03 13.23 -13.24
N GLY A 164 52.86 13.76 -12.35
CA GLY A 164 53.31 15.15 -12.46
C GLY A 164 53.95 15.49 -13.79
N TYR A 165 54.91 14.66 -14.19
CA TYR A 165 55.61 14.88 -15.45
C TYR A 165 54.71 14.78 -16.69
N THR A 166 53.79 13.82 -16.64
CA THR A 166 52.89 13.57 -17.75
C THR A 166 51.94 14.73 -17.95
N VAL A 167 51.44 15.30 -16.86
CA VAL A 167 50.46 16.36 -16.92
C VAL A 167 51.09 17.69 -17.34
N ALA A 168 52.31 17.94 -16.87
CA ALA A 168 53.02 19.16 -17.20
C ALA A 168 53.31 19.13 -18.69
N TRP A 169 53.79 17.97 -19.14
CA TRP A 169 53.90 17.61 -20.54
C TRP A 169 52.61 17.97 -21.30
N PHE A 170 51.52 17.31 -20.95
CA PHE A 170 50.23 17.55 -21.60
C PHE A 170 49.87 19.06 -21.65
N LEU A 171 50.17 19.76 -20.56
CA LEU A 171 49.79 21.16 -20.45
C LEU A 171 50.72 22.02 -21.27
N GLY A 172 52.00 21.62 -21.30
CA GLY A 172 52.97 22.22 -22.21
C GLY A 172 52.41 22.24 -23.62
N GLU A 173 52.15 21.05 -24.16
CA GLU A 173 51.57 20.90 -25.49
C GLU A 173 50.38 21.82 -25.74
N VAL A 174 49.37 21.74 -24.89
CA VAL A 174 48.18 22.55 -25.06
C VAL A 174 48.56 24.03 -25.09
N ALA A 175 49.41 24.44 -24.16
CA ALA A 175 49.83 25.83 -24.03
C ALA A 175 50.44 26.29 -25.34
N HIS A 176 51.14 25.35 -25.96
CA HIS A 176 51.78 25.52 -27.25
C HIS A 176 50.77 25.66 -28.40
N LEU A 177 49.96 24.62 -28.60
CA LEU A 177 49.01 24.55 -29.70
C LEU A 177 47.82 25.49 -29.55
N ASP A 178 47.32 25.66 -28.33
CA ASP A 178 46.24 26.62 -28.12
C ASP A 178 46.85 28.00 -27.91
N SER A 179 46.34 28.99 -28.64
CA SER A 179 46.81 30.36 -28.47
C SER A 179 45.65 31.36 -28.41
N GLN A 180 44.42 30.85 -28.38
CA GLN A 180 43.25 31.71 -28.30
C GLN A 180 42.84 31.88 -26.85
N HIS A 181 42.94 30.79 -26.11
CA HIS A 181 42.46 30.73 -24.73
C HIS A 181 43.59 30.90 -23.73
N ALA A 182 43.30 31.63 -22.65
CA ALA A 182 44.17 31.63 -21.48
C ALA A 182 43.89 30.31 -20.77
N ILE A 183 44.90 29.74 -20.13
CA ILE A 183 44.71 28.41 -19.54
C ILE A 183 44.99 28.34 -18.03
N VAL A 184 43.93 28.16 -17.24
CA VAL A 184 44.11 27.90 -15.81
C VAL A 184 44.07 26.40 -15.52
N ALA A 185 44.93 25.97 -14.60
CA ALA A 185 45.07 24.55 -14.26
C ALA A 185 45.15 24.36 -12.73
N HIS A 186 44.10 23.74 -12.18
CA HIS A 186 43.91 23.60 -10.74
C HIS A 186 44.31 22.19 -10.24
N PHE A 187 45.23 22.13 -9.29
CA PHE A 187 45.67 20.86 -8.73
C PHE A 187 45.22 20.66 -7.27
N HIS A 188 44.76 19.47 -6.92
CA HIS A 188 44.29 19.18 -5.58
C HIS A 188 45.17 18.15 -4.89
N GLU A 189 45.79 18.55 -3.79
CA GLU A 189 46.53 17.64 -2.90
C GLU A 189 47.91 17.27 -3.44
N TRP A 190 48.85 16.97 -2.54
CA TRP A 190 50.25 16.80 -2.94
C TRP A 190 50.48 15.75 -4.03
N LEU A 191 49.76 14.64 -3.96
CA LEU A 191 49.89 13.57 -4.95
C LEU A 191 49.70 14.06 -6.39
N ALA A 192 49.06 15.21 -6.57
CA ALA A 192 48.93 15.80 -7.90
C ALA A 192 49.69 17.11 -7.98
N GLY A 193 50.72 17.24 -7.16
CA GLY A 193 51.40 18.51 -7.02
C GLY A 193 52.65 18.69 -7.86
N VAL A 194 53.31 17.58 -8.19
CA VAL A 194 54.59 17.62 -8.89
C VAL A 194 54.58 18.43 -10.19
N ALA A 195 53.47 18.46 -10.89
CA ALA A 195 53.39 19.29 -12.09
C ALA A 195 53.66 20.75 -11.76
N LEU A 196 53.39 21.15 -10.52
CA LEU A 196 53.33 22.58 -10.18
C LEU A 196 54.65 23.33 -10.27
N PRO A 197 55.73 22.74 -9.71
CA PRO A 197 57.07 23.31 -9.86
C PRO A 197 57.48 23.35 -11.33
N LEU A 198 57.35 22.21 -12.01
CA LEU A 198 57.70 22.12 -13.44
C LEU A 198 57.07 23.25 -14.23
N CYS A 199 55.79 23.53 -14.00
CA CYS A 199 55.14 24.59 -14.76
C CYS A 199 55.81 25.94 -14.55
N ARG A 200 56.11 26.26 -13.30
CA ARG A 200 56.81 27.49 -12.97
C ARG A 200 58.24 27.52 -13.54
N LYS A 201 58.95 26.39 -13.41
CA LYS A 201 60.33 26.26 -13.91
C LYS A 201 60.43 26.44 -15.43
N ARG A 202 59.51 25.81 -16.16
CA ARG A 202 59.56 25.78 -17.61
C ARG A 202 58.79 26.94 -18.23
N ARG A 203 58.54 27.98 -17.44
CA ARG A 203 57.74 29.13 -17.87
C ARG A 203 56.56 28.80 -18.81
N ILE A 204 55.92 27.65 -18.60
CA ILE A 204 54.74 27.23 -19.37
C ILE A 204 53.61 28.26 -19.26
N ASP A 205 52.89 28.53 -20.34
CA ASP A 205 51.87 29.58 -20.29
C ASP A 205 50.45 29.18 -19.78
N VAL A 206 50.43 28.49 -18.64
CA VAL A 206 49.22 28.24 -17.88
C VAL A 206 49.34 28.98 -16.56
N VAL A 207 48.21 29.40 -15.99
CA VAL A 207 48.19 29.96 -14.64
C VAL A 207 47.78 28.86 -13.66
N THR A 208 48.59 28.57 -12.66
CA THR A 208 48.31 27.45 -11.74
C THR A 208 47.61 27.81 -10.41
N ILE A 209 46.91 26.83 -9.84
CA ILE A 209 46.27 26.95 -8.53
C ILE A 209 46.47 25.66 -7.75
N PHE A 210 46.89 25.76 -6.49
CA PHE A 210 47.07 24.56 -5.68
C PHE A 210 46.20 24.59 -4.42
N THR A 211 45.32 23.62 -4.29
CA THR A 211 44.47 23.49 -3.12
C THR A 211 44.89 22.28 -2.29
N THR A 212 45.21 22.52 -1.03
CA THR A 212 45.52 21.40 -0.13
C THR A 212 44.37 21.16 0.86
N HIS A 213 44.00 19.90 1.04
CA HIS A 213 42.84 19.53 1.85
C HIS A 213 43.28 19.00 3.20
N ALA A 214 44.52 19.29 3.54
CA ALA A 214 45.14 18.80 4.76
C ALA A 214 46.62 18.93 4.52
N THR A 215 47.42 18.78 5.56
CA THR A 215 48.87 18.77 5.37
C THR A 215 49.41 17.43 5.88
N LEU A 216 50.57 17.04 5.40
CA LEU A 216 51.16 15.77 5.83
C LEU A 216 51.58 15.84 7.27
N LEU A 217 52.25 16.93 7.63
CA LEU A 217 52.65 17.11 9.01
C LEU A 217 51.42 17.18 9.92
N GLY A 218 50.43 17.96 9.52
CA GLY A 218 49.15 17.99 10.20
C GLY A 218 48.70 16.60 10.63
N ARG A 219 48.37 15.75 9.66
CA ARG A 219 47.92 14.39 9.96
C ARG A 219 48.86 13.65 10.90
N TYR A 220 50.10 13.46 10.46
CA TYR A 220 51.09 12.68 11.23
C TYR A 220 51.33 13.18 12.66
N LEU A 221 51.29 14.50 12.85
CA LEU A 221 51.47 15.05 14.19
C LEU A 221 50.31 14.71 15.12
N CYS A 222 49.09 14.73 14.59
CA CYS A 222 47.91 14.46 15.40
C CYS A 222 47.55 12.98 15.46
N ALA A 223 48.48 12.10 15.07
CA ALA A 223 48.20 10.67 15.06
C ALA A 223 48.66 9.93 16.33
N SER A 224 49.24 10.67 17.27
CA SER A 224 49.61 10.09 18.57
C SER A 224 48.64 10.49 19.69
N GLY A 225 48.91 11.61 20.35
CA GLY A 225 48.07 12.10 21.43
C GLY A 225 48.80 13.09 22.33
N ASP A 228 50.23 16.84 21.18
CA ASP A 228 49.54 18.14 21.05
C ASP A 228 49.92 18.88 19.76
N PHE A 229 49.07 19.83 19.37
CA PHE A 229 49.09 20.40 18.02
C PHE A 229 48.77 21.90 18.03
N TYR A 230 47.49 22.22 17.96
CA TYR A 230 47.03 23.60 17.68
C TYR A 230 47.67 24.74 18.48
N ASN A 231 48.44 24.40 19.51
CA ASN A 231 49.16 25.41 20.28
C ASN A 231 50.61 25.49 19.84
N CYS A 232 51.34 24.41 20.08
CA CYS A 232 52.76 24.40 19.75
C CYS A 232 53.07 23.97 18.31
N LEU A 233 52.14 24.22 17.39
CA LEU A 233 52.40 23.89 15.98
C LEU A 233 53.24 24.97 15.31
N GLU A 234 53.16 26.19 15.84
CA GLU A 234 53.88 27.31 15.27
C GLU A 234 55.34 27.37 15.72
N SER A 235 55.83 26.28 16.29
CA SER A 235 57.15 26.28 16.89
C SER A 235 57.89 24.96 16.70
N VAL A 236 57.46 24.17 15.73
CA VAL A 236 58.14 22.91 15.44
C VAL A 236 59.08 23.05 14.25
N ASP A 237 60.18 22.30 14.28
CA ASP A 237 61.14 22.27 13.18
C ASP A 237 60.62 21.33 12.11
N VAL A 238 59.89 21.91 11.16
CA VAL A 238 59.24 21.13 10.11
C VAL A 238 60.20 20.17 9.45
N ASP A 239 61.38 20.67 9.07
CA ASP A 239 62.39 19.83 8.45
C ASP A 239 62.75 18.60 9.29
N HIS A 240 62.81 18.78 10.61
CA HIS A 240 63.17 17.71 11.54
C HIS A 240 62.01 16.76 11.82
N GLU A 241 60.81 17.32 11.97
CA GLU A 241 59.62 16.54 12.23
C GLU A 241 59.27 15.66 11.03
N ALA A 242 59.32 16.23 9.84
CA ALA A 242 59.11 15.44 8.62
C ALA A 242 60.08 14.27 8.61
N GLY A 243 61.36 14.59 8.82
CA GLY A 243 62.39 13.56 8.88
C GLY A 243 62.01 12.49 9.87
N ARG A 244 61.52 12.89 11.03
CA ARG A 244 61.17 11.96 12.11
C ARG A 244 60.12 10.91 11.72
N PHE A 245 59.27 11.24 10.75
CA PHE A 245 58.21 10.32 10.32
C PHE A 245 58.56 9.58 9.03
N GLY A 246 59.75 9.84 8.50
CA GLY A 246 60.17 9.26 7.23
C GLY A 246 59.24 9.76 6.14
N ILE A 247 59.14 11.07 6.05
CA ILE A 247 58.08 11.73 5.30
C ILE A 247 58.70 12.88 4.53
N TYR A 248 60.01 13.06 4.70
CA TYR A 248 60.66 14.25 4.18
C TYR A 248 60.39 14.55 2.69
N HIS A 249 60.51 13.53 1.83
CA HIS A 249 60.34 13.72 0.39
C HIS A 249 58.90 14.09 0.05
N ARG A 250 57.97 13.40 0.71
CA ARG A 250 56.56 13.73 0.57
C ARG A 250 56.33 15.17 1.04
N TYR A 251 56.93 15.52 2.17
CA TYR A 251 56.78 16.85 2.69
C TYR A 251 57.24 17.88 1.65
N CYS A 252 58.38 17.60 1.02
CA CYS A 252 58.95 18.51 0.02
C CYS A 252 58.01 18.73 -1.16
N ILE A 253 57.46 17.64 -1.67
CA ILE A 253 56.49 17.71 -2.76
C ILE A 253 55.33 18.61 -2.37
N GLU A 254 54.86 18.44 -1.13
CA GLU A 254 53.72 19.25 -0.65
C GLU A 254 54.08 20.73 -0.53
N ARG A 255 55.27 21.05 -0.03
CA ARG A 255 55.72 22.43 0.07
C ARG A 255 55.97 23.03 -1.32
N ALA A 256 56.75 22.30 -2.12
CA ALA A 256 57.08 22.71 -3.48
C ALA A 256 55.83 23.11 -4.26
N ALA A 257 54.79 22.28 -4.17
CA ALA A 257 53.53 22.58 -4.83
C ALA A 257 52.93 23.87 -4.28
N ALA A 258 53.03 24.05 -2.96
CA ALA A 258 52.43 25.20 -2.30
C ALA A 258 53.07 26.54 -2.69
N HIS A 259 54.37 26.51 -3.00
CA HIS A 259 55.07 27.73 -3.39
C HIS A 259 55.07 28.02 -4.91
N SER A 260 54.98 26.99 -5.73
CA SER A 260 55.06 27.18 -7.19
C SER A 260 53.73 27.58 -7.80
N ALA A 261 52.65 27.43 -7.06
CA ALA A 261 51.32 27.80 -7.54
C ALA A 261 51.22 29.32 -7.64
N ASP A 262 50.41 29.80 -8.57
CA ASP A 262 50.21 31.23 -8.64
C ASP A 262 49.21 31.67 -7.58
N VAL A 263 48.25 30.79 -7.28
CA VAL A 263 47.32 30.95 -6.17
C VAL A 263 47.41 29.71 -5.28
N PHE A 264 47.66 29.91 -3.98
CA PHE A 264 47.71 28.79 -3.01
C PHE A 264 46.50 28.80 -2.08
N THR A 265 45.83 27.66 -1.94
CA THR A 265 44.61 27.64 -1.13
C THR A 265 44.43 26.39 -0.29
N THR A 266 43.48 26.46 0.66
CA THR A 266 43.07 25.30 1.45
C THR A 266 41.57 25.30 1.60
N VAL A 267 41.04 24.19 2.10
CA VAL A 267 39.58 24.03 2.20
C VAL A 267 38.95 24.81 3.33
N SER A 268 39.73 25.18 4.34
CA SER A 268 39.14 25.79 5.52
C SER A 268 40.08 26.75 6.23
N GLN A 269 39.46 27.65 6.99
CA GLN A 269 40.23 28.62 7.75
C GLN A 269 41.25 27.96 8.66
N ILE A 270 40.80 26.93 9.38
CA ILE A 270 41.65 26.29 10.37
C ILE A 270 42.82 25.61 9.70
N THR A 271 42.59 25.06 8.51
CA THR A 271 43.67 24.40 7.80
C THR A 271 44.67 25.41 7.26
N ALA A 272 44.16 26.57 6.82
CA ALA A 272 45.01 27.67 6.36
C ALA A 272 45.92 28.17 7.46
N PHE A 273 45.55 27.92 8.71
CA PHE A 273 46.41 28.27 9.84
C PHE A 273 47.53 27.26 9.98
N GLU A 274 47.20 25.98 9.85
CA GLU A 274 48.17 24.90 9.94
C GLU A 274 49.07 24.92 8.71
N ALA A 275 48.50 25.32 7.57
CA ALA A 275 49.24 25.42 6.31
C ALA A 275 50.30 26.50 6.39
N GLU A 276 49.89 27.71 6.75
CA GLU A 276 50.80 28.84 6.87
C GLU A 276 52.07 28.51 7.65
N HIS A 277 51.95 27.75 8.73
CA HIS A 277 53.12 27.51 9.56
C HIS A 277 53.84 26.19 9.25
N LEU A 278 53.12 25.24 8.67
CA LEU A 278 53.74 23.97 8.33
C LEU A 278 54.36 23.94 6.91
N LEU A 279 53.78 24.68 5.97
CA LEU A 279 54.31 24.72 4.61
C LEU A 279 54.94 26.07 4.28
N LYS A 280 54.84 27.02 5.20
CA LYS A 280 55.57 28.28 5.09
C LYS A 280 55.09 29.18 3.97
N ARG A 281 53.80 29.08 3.62
CA ARG A 281 53.17 30.07 2.75
C ARG A 281 51.74 30.33 3.19
N LYS A 282 51.41 31.60 3.40
CA LYS A 282 50.07 31.95 3.82
C LYS A 282 49.11 31.86 2.64
N PRO A 283 48.13 30.95 2.73
CA PRO A 283 47.11 30.75 1.70
C PRO A 283 46.52 32.08 1.26
N ASP A 284 46.25 32.21 -0.04
CA ASP A 284 45.64 33.43 -0.57
C ASP A 284 44.14 33.37 -0.39
N GLY A 285 43.65 32.27 0.15
CA GLY A 285 42.21 32.09 0.29
C GLY A 285 41.76 30.70 0.72
N ILE A 286 40.45 30.54 0.76
CA ILE A 286 39.82 29.36 1.31
C ILE A 286 38.79 28.86 0.31
N LEU A 287 38.75 27.55 0.09
CA LEU A 287 37.80 26.96 -0.84
C LEU A 287 36.94 25.91 -0.15
N PRO A 288 36.00 26.35 0.70
CA PRO A 288 35.18 25.46 1.51
C PRO A 288 34.35 24.52 0.63
N ASN A 289 34.20 23.27 1.07
CA ASN A 289 33.47 22.29 0.28
C ASN A 289 31.97 22.40 0.39
N GLY A 290 31.32 22.60 -0.74
CA GLY A 290 29.87 22.69 -0.76
C GLY A 290 29.31 21.34 -1.15
N LEU A 291 27.99 21.24 -1.21
CA LEU A 291 27.32 19.99 -1.56
C LEU A 291 26.31 20.22 -2.66
N ASN A 292 25.84 19.13 -3.24
CA ASN A 292 24.72 19.18 -4.19
C ASN A 292 23.40 19.04 -3.42
N VAL A 293 22.93 20.13 -2.83
CA VAL A 293 21.83 20.09 -1.86
C VAL A 293 20.56 19.36 -2.33
N ILE A 294 20.22 19.49 -3.61
CA ILE A 294 19.08 18.79 -4.18
C ILE A 294 19.20 17.29 -3.91
N LYS A 295 20.42 16.77 -3.99
CA LYS A 295 20.70 15.34 -3.84
C LYS A 295 20.18 14.76 -2.52
N PHE A 296 19.86 15.62 -1.56
CA PHE A 296 19.32 15.18 -0.29
C PHE A 296 17.81 15.41 -0.20
N GLN A 297 17.41 16.68 -0.21
CA GLN A 297 15.99 17.05 -0.18
C GLN A 297 15.34 16.80 -1.54
N LEU A 305 9.11 13.68 7.35
CA LEU A 305 10.09 12.60 7.23
C LEU A 305 10.69 12.19 8.58
N HIS A 306 10.94 13.17 9.45
CA HIS A 306 11.59 12.89 10.73
C HIS A 306 10.81 11.88 11.54
N ALA A 307 9.53 12.15 11.76
CA ALA A 307 8.69 11.26 12.53
C ALA A 307 8.70 9.89 11.89
N LEU A 308 8.48 9.85 10.59
CA LEU A 308 8.37 8.59 9.89
C LEU A 308 9.64 7.73 10.09
N LYS A 309 10.81 8.37 10.08
CA LYS A 309 12.07 7.65 10.17
C LYS A 309 12.47 7.38 11.61
N LYS A 310 12.10 8.30 12.51
CA LYS A 310 12.32 8.11 13.94
C LYS A 310 11.60 6.87 14.42
N GLU A 311 10.56 6.45 13.70
CA GLU A 311 9.79 5.28 14.10
C GLU A 311 10.54 3.98 13.82
N LYS A 312 11.38 3.99 12.80
CA LYS A 312 12.20 2.83 12.49
C LYS A 312 13.30 2.66 13.54
N ILE A 313 13.77 3.78 14.08
CA ILE A 313 14.77 3.75 15.15
C ILE A 313 14.11 3.36 16.45
N ASN A 314 12.84 3.70 16.59
CA ASN A 314 12.06 3.22 17.73
C ASN A 314 11.92 1.70 17.72
N ASP A 315 11.65 1.12 16.54
CA ASP A 315 11.53 -0.33 16.41
C ASP A 315 12.84 -1.01 16.80
N PHE A 316 13.95 -0.42 16.41
CA PHE A 316 15.23 -1.02 16.76
C PHE A 316 15.42 -0.97 18.26
N VAL A 317 15.26 0.20 18.85
CA VAL A 317 15.47 0.37 20.28
C VAL A 317 14.65 -0.62 21.12
N ARG A 318 13.43 -0.91 20.68
CA ARG A 318 12.56 -1.83 21.42
C ARG A 318 13.03 -3.25 21.34
N GLY A 319 13.60 -3.64 20.21
CA GLY A 319 14.12 -4.97 20.04
C GLY A 319 15.43 -5.13 20.78
N HIS A 320 16.07 -4.01 21.11
CA HIS A 320 17.40 -4.06 21.69
C HIS A 320 17.31 -4.04 23.23
N PHE A 321 16.36 -3.28 23.74
CA PHE A 321 16.15 -3.23 25.16
C PHE A 321 14.99 -4.14 25.57
N HIS A 322 14.70 -5.14 24.74
CA HIS A 322 13.63 -6.09 25.05
C HIS A 322 13.88 -6.72 26.42
N GLY A 323 12.83 -6.85 27.20
CA GLY A 323 12.99 -7.50 28.48
C GLY A 323 13.42 -6.55 29.57
N CYS A 324 13.86 -5.35 29.19
CA CYS A 324 13.99 -4.30 30.19
C CYS A 324 13.81 -2.93 29.58
N PHE A 325 12.62 -2.75 29.01
CA PHE A 325 12.24 -1.50 28.39
C PHE A 325 11.48 -0.66 29.42
N ASP A 326 12.22 0.22 30.09
CA ASP A 326 11.72 0.92 31.27
C ASP A 326 11.71 2.43 31.08
N PHE A 327 11.69 2.91 29.84
CA PHE A 327 11.73 4.34 29.59
C PHE A 327 10.75 4.73 28.49
N ASP A 328 10.36 6.00 28.46
CA ASP A 328 9.34 6.47 27.51
C ASP A 328 9.98 7.01 26.24
N LEU A 329 9.76 6.33 25.12
CA LEU A 329 10.30 6.79 23.86
C LEU A 329 9.85 8.22 23.52
N ASP A 330 8.61 8.56 23.86
CA ASP A 330 8.09 9.91 23.69
C ASP A 330 8.85 10.90 24.56
N ASN A 331 9.75 10.37 25.37
CA ASN A 331 10.56 11.22 26.22
C ASN A 331 12.04 10.85 26.10
N THR A 332 12.41 10.24 24.97
CA THR A 332 13.81 9.94 24.70
C THR A 332 14.36 10.65 23.45
N LEU A 333 15.64 10.96 23.52
CA LEU A 333 16.34 11.67 22.46
C LEU A 333 17.46 10.82 21.88
N TYR A 334 17.59 10.87 20.56
CA TYR A 334 18.63 10.11 19.88
C TYR A 334 19.81 11.01 19.53
N PHE A 335 20.97 10.69 20.07
CA PHE A 335 22.20 11.40 19.74
C PHE A 335 23.01 10.46 18.86
N PHE A 336 23.81 11.00 17.95
CA PHE A 336 24.69 10.13 17.14
C PHE A 336 26.01 10.77 16.74
N ILE A 337 27.03 9.93 16.59
CA ILE A 337 28.26 10.34 15.94
C ILE A 337 28.51 9.36 14.81
N ALA A 338 29.10 9.82 13.71
CA ALA A 338 29.35 8.96 12.57
C ALA A 338 30.60 9.35 11.80
N GLY A 339 31.08 8.45 10.94
CA GLY A 339 32.18 8.75 10.06
C GLY A 339 33.26 7.68 10.09
N ARG A 340 34.42 7.97 9.54
CA ARG A 340 35.54 7.04 9.60
C ARG A 340 35.90 6.73 11.05
N TYR A 341 36.32 5.51 11.31
CA TYR A 341 36.76 5.13 12.63
C TYR A 341 38.14 5.74 12.86
N GLU A 342 38.15 6.98 13.33
CA GLU A 342 39.38 7.66 13.75
C GLU A 342 39.15 8.12 15.18
N TYR A 343 39.42 7.22 16.12
CA TYR A 343 39.09 7.42 17.53
C TYR A 343 39.44 8.81 18.06
N LYS A 344 40.72 9.17 18.04
CA LYS A 344 41.16 10.47 18.53
C LYS A 344 40.68 11.66 17.68
N ASN A 345 40.95 11.61 16.38
CA ASN A 345 40.67 12.72 15.46
C ASN A 345 39.20 13.08 15.27
N LYS A 346 38.34 12.08 15.27
CA LYS A 346 36.91 12.33 15.13
C LYS A 346 36.29 12.67 16.48
N GLY A 347 37.10 12.62 17.52
CA GLY A 347 36.65 12.94 18.87
C GLY A 347 35.64 11.95 19.39
N ALA A 348 35.87 10.67 19.11
CA ALA A 348 35.01 9.60 19.61
C ALA A 348 35.22 9.49 21.11
N ASP A 349 36.47 9.75 21.53
CA ASP A 349 36.80 9.81 22.95
C ASP A 349 36.03 10.92 23.66
N MET A 350 36.21 12.17 23.25
CA MET A 350 35.43 13.26 23.83
C MET A 350 33.95 12.89 23.90
N PHE A 351 33.42 12.29 22.84
CA PHE A 351 31.98 11.99 22.77
C PHE A 351 31.55 11.10 23.93
N ILE A 352 32.18 9.94 24.06
CA ILE A 352 31.81 8.93 25.05
C ILE A 352 32.01 9.49 26.45
N GLU A 353 33.15 10.11 26.68
CA GLU A 353 33.42 10.79 27.93
C GLU A 353 32.30 11.73 28.29
N ALA A 354 32.01 12.68 27.41
CA ALA A 354 30.98 13.68 27.68
C ALA A 354 29.65 13.04 27.97
N LEU A 355 29.39 11.86 27.42
CA LEU A 355 28.11 11.19 27.63
C LEU A 355 28.06 10.62 29.03
N ALA A 356 29.17 10.06 29.49
CA ALA A 356 29.26 9.58 30.86
C ALA A 356 28.96 10.73 31.82
N ARG A 357 29.55 11.88 31.54
CA ARG A 357 29.34 13.06 32.37
C ARG A 357 27.94 13.64 32.22
N LEU A 358 27.30 13.40 31.09
CA LEU A 358 25.92 13.85 30.88
C LEU A 358 24.99 12.91 31.63
N ASN A 359 25.48 11.69 31.87
CA ASN A 359 24.70 10.66 32.53
C ASN A 359 24.55 10.96 34.02
N TYR A 360 25.67 11.34 34.65
CA TYR A 360 25.69 11.84 36.02
C TYR A 360 24.73 13.01 36.15
N ARG A 361 25.09 14.12 35.53
CA ARG A 361 24.25 15.31 35.53
C ARG A 361 22.75 15.02 35.44
N LEU A 362 22.39 14.03 34.63
CA LEU A 362 20.99 13.69 34.40
C LEU A 362 20.37 12.91 35.55
N LYS A 363 21.16 12.03 36.16
CA LYS A 363 20.70 11.32 37.33
C LYS A 363 20.51 12.32 38.47
N VAL A 364 21.61 12.93 38.93
CA VAL A 364 21.55 13.98 39.94
C VAL A 364 20.42 14.99 39.74
N SER A 365 20.22 15.46 38.51
CA SER A 365 19.16 16.43 38.27
C SER A 365 17.81 15.76 38.31
N GLY A 366 17.81 14.47 38.63
CA GLY A 366 16.60 13.65 38.57
C GLY A 366 15.76 13.92 37.35
N SER A 367 16.34 13.71 36.16
CA SER A 367 15.63 14.01 34.92
C SER A 367 14.77 12.85 34.46
N LYS A 368 13.77 13.18 33.67
CA LYS A 368 12.73 12.25 33.27
C LYS A 368 13.02 11.70 31.88
N LYS A 369 14.01 12.30 31.24
CA LYS A 369 14.30 12.01 29.85
C LYS A 369 15.40 10.97 29.69
N THR A 370 15.50 10.40 28.50
CA THR A 370 16.51 9.39 28.20
C THR A 370 17.25 9.70 26.90
N VAL A 371 18.56 9.51 26.91
CA VAL A 371 19.33 9.71 25.71
C VAL A 371 19.87 8.37 25.21
N VAL A 372 19.47 7.95 24.01
CA VAL A 372 20.08 6.78 23.39
C VAL A 372 21.11 7.22 22.35
N ALA A 373 22.39 6.95 22.59
CA ALA A 373 23.46 7.50 21.76
C ALA A 373 24.14 6.45 20.89
N PHE A 374 24.03 6.61 19.57
CA PHE A 374 24.64 5.68 18.62
C PHE A 374 26.02 6.13 18.18
N ILE A 375 26.93 5.18 18.07
CA ILE A 375 28.21 5.43 17.40
C ILE A 375 28.22 4.60 16.11
N VAL A 376 28.09 5.27 14.97
CA VAL A 376 28.13 4.56 13.69
C VAL A 376 29.49 4.76 13.02
N MET A 377 30.43 3.86 13.31
CA MET A 377 31.80 3.92 12.80
C MET A 377 32.30 2.51 12.54
N PRO A 378 32.55 2.18 11.26
CA PRO A 378 32.84 0.82 10.79
C PRO A 378 34.15 0.25 11.32
N ALA A 379 34.09 -1.01 11.76
CA ALA A 379 35.24 -1.69 12.33
C ALA A 379 35.25 -3.14 11.86
N LYS A 380 36.41 -3.78 11.90
CA LYS A 380 36.50 -5.21 11.66
C LYS A 380 35.44 -5.92 12.53
N ASN A 381 34.49 -6.57 11.88
CA ASN A 381 33.44 -7.29 12.60
C ASN A 381 33.04 -8.59 11.90
N ASN A 382 32.32 -9.44 12.63
CA ASN A 382 31.84 -10.70 12.09
C ASN A 382 30.31 -10.71 12.05
N SER A 383 29.73 -9.61 11.58
CA SER A 383 28.29 -9.48 11.46
C SER A 383 27.62 -9.40 12.83
N PHE A 384 26.30 -9.50 12.84
CA PHE A 384 25.52 -9.24 14.05
C PHE A 384 25.65 -10.28 15.15
N THR A 385 25.63 -9.83 16.39
CA THR A 385 25.67 -10.73 17.54
C THR A 385 24.38 -11.53 17.62
N VAL A 386 24.52 -12.83 17.86
CA VAL A 386 23.36 -13.68 18.06
C VAL A 386 22.33 -13.01 18.97
N GLU A 387 22.85 -12.34 20.00
CA GLU A 387 22.00 -11.67 20.96
C GLU A 387 21.16 -10.57 20.30
N ALA A 388 21.81 -9.67 19.56
CA ALA A 388 21.10 -8.56 18.96
C ALA A 388 20.08 -9.04 17.92
N LEU A 389 20.41 -10.11 17.22
CA LEU A 389 19.53 -10.64 16.20
C LEU A 389 18.25 -11.19 16.80
N LYS A 390 18.38 -11.79 17.99
CA LYS A 390 17.24 -12.40 18.67
C LYS A 390 16.27 -11.32 19.10
N GLY A 391 16.80 -10.32 19.81
CA GLY A 391 15.96 -9.23 20.26
C GLY A 391 15.00 -8.76 19.17
N GLN A 392 15.55 -8.48 17.99
CA GLN A 392 14.75 -7.94 16.91
C GLN A 392 13.71 -8.92 16.43
N ALA A 393 14.08 -10.19 16.33
CA ALA A 393 13.17 -11.20 15.81
C ALA A 393 11.99 -11.47 16.75
N GLU A 394 12.25 -11.50 18.05
CA GLU A 394 11.20 -11.77 19.02
C GLU A 394 10.24 -10.60 19.13
N VAL A 395 10.75 -9.39 18.96
CA VAL A 395 9.92 -8.19 19.04
C VAL A 395 9.15 -8.01 17.75
N ARG A 396 9.60 -8.70 16.70
CA ARG A 396 8.90 -8.65 15.44
C ARG A 396 7.73 -9.63 15.50
N ALA A 397 7.96 -10.79 16.11
CA ALA A 397 6.91 -11.77 16.29
C ALA A 397 5.79 -11.24 17.17
N LEU A 398 6.16 -10.37 18.11
CA LEU A 398 5.18 -9.74 18.98
C LEU A 398 4.27 -8.84 18.18
N GLU A 399 4.86 -7.96 17.37
CA GLU A 399 4.12 -7.08 16.47
C GLU A 399 3.20 -7.90 15.59
N ASN A 400 3.73 -8.97 15.01
CA ASN A 400 2.93 -9.83 14.15
C ASN A 400 1.73 -10.43 14.88
N THR A 401 1.98 -10.92 16.08
CA THR A 401 0.93 -11.59 16.84
C THR A 401 -0.11 -10.59 17.35
N VAL A 402 0.35 -9.45 17.84
CA VAL A 402 -0.57 -8.44 18.29
C VAL A 402 -1.46 -8.06 17.12
N HIS A 403 -0.84 -7.80 15.97
CA HIS A 403 -1.58 -7.43 14.75
C HIS A 403 -2.61 -8.47 14.38
N GLU A 404 -2.22 -9.75 14.35
CA GLU A 404 -3.18 -10.83 14.07
C GLU A 404 -4.32 -10.86 15.07
N VAL A 405 -3.99 -10.67 16.35
CA VAL A 405 -5.01 -10.66 17.39
C VAL A 405 -5.96 -9.47 17.32
N THR A 406 -5.42 -8.28 17.09
CA THR A 406 -6.29 -7.10 16.99
C THR A 406 -7.21 -7.14 15.77
N THR A 407 -6.76 -7.65 14.63
CA THR A 407 -7.69 -7.71 13.52
C THR A 407 -8.82 -8.70 13.80
N SER A 408 -8.54 -9.73 14.56
CA SER A 408 -9.59 -10.65 15.04
C SER A 408 -10.66 -9.92 15.85
N ILE A 409 -10.23 -9.18 16.86
CA ILE A 409 -11.15 -8.37 17.64
C ILE A 409 -11.96 -7.49 16.69
N GLY A 410 -11.26 -6.84 15.76
CA GLY A 410 -11.91 -6.03 14.74
C GLY A 410 -13.07 -6.77 14.08
N LYS A 411 -12.78 -7.93 13.51
CA LYS A 411 -13.81 -8.71 12.84
C LYS A 411 -14.97 -8.97 13.80
N ARG A 412 -14.66 -9.29 15.05
CA ARG A 412 -15.71 -9.66 15.99
C ARG A 412 -16.54 -8.47 16.51
N ILE A 413 -15.90 -7.35 16.82
CA ILE A 413 -16.64 -6.16 17.21
C ILE A 413 -17.56 -5.71 16.08
N PHE A 414 -17.04 -5.65 14.86
CA PHE A 414 -17.81 -5.24 13.70
C PHE A 414 -18.97 -6.19 13.44
N ASP A 415 -18.70 -7.48 13.37
CA ASP A 415 -19.75 -8.43 13.05
C ASP A 415 -20.88 -8.36 14.08
N HIS A 416 -20.53 -7.98 15.30
CA HIS A 416 -21.53 -7.78 16.34
C HIS A 416 -22.41 -6.57 16.03
N ALA A 417 -21.76 -5.44 15.75
CA ALA A 417 -22.49 -4.20 15.51
C ALA A 417 -23.38 -4.29 14.28
N ILE A 418 -22.97 -5.07 13.30
CA ILE A 418 -23.72 -5.12 12.07
C ILE A 418 -24.91 -6.06 12.20
N ARG A 419 -24.76 -7.10 13.03
CA ARG A 419 -25.81 -8.09 13.20
C ARG A 419 -26.90 -7.58 14.13
N TYR A 420 -26.63 -6.46 14.78
CA TYR A 420 -27.53 -5.88 15.76
C TYR A 420 -28.89 -5.55 15.16
N PRO A 421 -29.97 -6.04 15.79
CA PRO A 421 -29.93 -6.93 16.97
C PRO A 421 -29.49 -8.36 16.63
N GLU A 435 -14.82 -10.22 27.62
CA GLU A 435 -13.58 -10.77 27.04
C GLU A 435 -13.75 -11.02 25.55
N LEU A 436 -13.10 -10.19 24.74
CA LEU A 436 -13.16 -10.25 23.28
C LEU A 436 -12.03 -11.10 22.73
N LEU A 437 -11.02 -11.32 23.58
CA LEU A 437 -9.91 -12.22 23.32
C LEU A 437 -10.34 -13.63 23.63
N LYS A 438 -10.38 -14.51 22.64
CA LYS A 438 -10.58 -15.91 22.96
C LYS A 438 -9.34 -16.43 23.68
N SER A 439 -9.43 -17.65 24.20
CA SER A 439 -8.28 -18.22 24.91
C SER A 439 -7.19 -18.57 23.92
N SER A 440 -7.59 -18.96 22.71
CA SER A 440 -6.66 -19.24 21.63
C SER A 440 -5.66 -18.10 21.43
N ASP A 441 -6.18 -16.86 21.47
CA ASP A 441 -5.36 -15.67 21.24
C ASP A 441 -4.56 -15.34 22.47
N LYS A 442 -5.16 -15.56 23.63
CA LYS A 442 -4.46 -15.38 24.88
C LYS A 442 -3.18 -16.20 24.92
N VAL A 443 -3.25 -17.45 24.48
CA VAL A 443 -2.09 -18.34 24.49
C VAL A 443 -0.93 -17.86 23.64
N MET A 444 -1.15 -17.54 22.36
CA MET A 444 -0.06 -17.02 21.55
C MET A 444 0.44 -15.68 22.08
N LEU A 445 -0.47 -14.84 22.57
CA LEU A 445 -0.06 -13.59 23.18
C LEU A 445 0.90 -13.82 24.32
N LYS A 446 0.58 -14.81 25.16
CA LYS A 446 1.36 -15.10 26.36
C LYS A 446 2.73 -15.65 26.00
N ARG A 447 2.76 -16.56 25.04
CA ARG A 447 4.00 -17.09 24.53
C ARG A 447 4.93 -15.96 24.05
N ARG A 448 4.41 -15.06 23.21
CA ARG A 448 5.24 -14.02 22.62
C ARG A 448 5.81 -13.02 23.63
N ILE A 449 5.06 -12.75 24.69
CA ILE A 449 5.55 -11.92 25.81
C ILE A 449 6.59 -12.64 26.68
N LEU A 450 6.47 -13.96 26.78
CA LEU A 450 7.41 -14.76 27.55
C LEU A 450 8.76 -14.82 26.85
N ALA A 451 8.76 -14.67 25.53
CA ALA A 451 9.99 -14.79 24.77
C ALA A 451 10.84 -13.54 24.93
N LEU A 452 10.26 -12.50 25.52
CA LEU A 452 10.96 -11.23 25.67
C LEU A 452 11.75 -11.18 26.95
N ARG A 453 11.36 -11.99 27.93
CA ARG A 453 12.08 -12.12 29.20
C ARG A 453 13.55 -12.32 28.90
N ARG A 454 14.42 -11.54 29.55
CA ARG A 454 15.86 -11.77 29.38
C ARG A 454 16.57 -12.26 30.63
N PRO A 455 17.52 -13.18 30.45
CA PRO A 455 18.36 -13.80 31.49
C PRO A 455 18.62 -12.82 32.64
N GLU A 456 18.40 -13.25 33.87
CA GLU A 456 18.49 -12.34 35.01
C GLU A 456 19.88 -11.72 35.12
N GLY A 457 19.90 -10.42 35.37
CA GLY A 457 21.14 -9.67 35.48
C GLY A 457 21.83 -9.35 34.16
N GLN A 458 21.32 -9.88 33.05
CA GLN A 458 21.89 -9.58 31.73
C GLN A 458 21.37 -8.22 31.24
N LEU A 459 22.26 -7.42 30.68
CA LEU A 459 21.92 -6.07 30.25
C LEU A 459 21.92 -5.94 28.72
N PRO A 460 21.26 -4.89 28.20
CA PRO A 460 21.29 -4.60 26.77
C PRO A 460 22.71 -4.29 26.27
N PRO A 461 23.20 -5.06 25.30
CA PRO A 461 24.57 -4.95 24.79
C PRO A 461 24.95 -3.53 24.41
N ILE A 462 26.22 -3.18 24.57
CA ILE A 462 26.72 -1.89 24.11
C ILE A 462 27.16 -1.97 22.67
N VAL A 463 27.03 -3.14 22.05
CA VAL A 463 27.46 -3.30 20.67
C VAL A 463 26.56 -4.27 19.91
N THR A 464 26.32 -3.99 18.62
CA THR A 464 25.42 -4.80 17.83
C THR A 464 26.11 -5.93 17.04
N HIS A 465 27.43 -5.86 16.94
CA HIS A 465 28.19 -6.79 16.11
C HIS A 465 29.20 -7.65 16.86
N ASN A 466 29.67 -8.69 16.19
CA ASN A 466 30.78 -9.49 16.66
C ASN A 466 32.10 -8.76 16.38
N MET A 467 32.74 -8.25 17.42
CA MET A 467 34.00 -7.54 17.25
C MET A 467 35.13 -8.53 16.94
N VAL A 468 35.94 -8.18 15.94
CA VAL A 468 37.14 -8.94 15.56
C VAL A 468 38.33 -8.38 16.33
N ASP A 469 38.19 -8.21 17.64
CA ASP A 469 39.19 -7.55 18.46
C ASP A 469 38.51 -6.88 19.62
N ASP A 470 37.82 -7.65 20.43
CA ASP A 470 37.04 -7.10 21.51
C ASP A 470 37.97 -6.49 22.57
N ALA A 471 39.20 -6.98 22.60
CA ALA A 471 40.13 -6.63 23.67
C ALA A 471 40.79 -5.28 23.46
N ASN A 472 41.10 -4.99 22.20
CA ASN A 472 41.93 -3.85 21.84
C ASN A 472 41.20 -2.67 21.23
N ASP A 473 39.90 -2.82 21.01
CA ASP A 473 39.12 -1.79 20.32
C ASP A 473 39.00 -0.49 21.12
N LEU A 474 39.46 0.60 20.52
CA LEU A 474 39.54 1.87 21.23
C LEU A 474 38.20 2.31 21.78
N ILE A 475 37.14 2.14 20.99
CA ILE A 475 35.81 2.59 21.40
C ILE A 475 35.25 1.76 22.55
N LEU A 476 35.11 0.45 22.34
CA LEU A 476 34.64 -0.43 23.41
C LEU A 476 35.37 -0.17 24.74
N ASN A 477 36.70 -0.23 24.70
CA ASN A 477 37.48 0.07 25.89
C ASN A 477 37.16 1.41 26.57
N LYS A 478 36.89 2.46 25.79
CA LYS A 478 36.52 3.75 26.37
C LYS A 478 35.17 3.66 27.03
N ILE A 479 34.22 2.95 26.42
CA ILE A 479 32.90 2.88 27.04
C ILE A 479 32.90 1.93 28.24
N ARG A 480 33.88 1.03 28.27
CA ARG A 480 34.11 0.23 29.47
C ARG A 480 34.67 1.10 30.60
N GLN A 481 35.77 1.79 30.33
CA GLN A 481 36.37 2.75 31.27
C GLN A 481 35.35 3.65 31.99
N VAL A 482 34.23 3.95 31.38
CA VAL A 482 33.28 4.90 31.96
C VAL A 482 32.01 4.20 32.44
N GLN A 483 31.95 2.90 32.17
CA GLN A 483 30.86 2.04 32.62
C GLN A 483 29.49 2.59 32.26
N LEU A 484 29.27 2.78 30.96
CA LEU A 484 27.94 2.97 30.43
C LEU A 484 27.55 1.62 29.89
N PHE A 485 26.76 0.87 30.66
CA PHE A 485 26.51 -0.51 30.34
C PHE A 485 25.03 -0.80 30.08
N ASN A 486 24.23 0.26 30.06
CA ASN A 486 22.81 0.17 29.68
C ASN A 486 21.90 -0.39 30.76
N SER A 487 22.28 -0.22 32.03
CA SER A 487 21.42 -0.58 33.16
C SER A 487 20.35 0.49 33.34
N PRO A 488 19.24 0.14 34.01
CA PRO A 488 18.04 0.99 34.07
C PRO A 488 18.28 2.33 34.74
N SER A 489 19.22 2.35 35.68
CA SER A 489 19.61 3.57 36.37
C SER A 489 20.21 4.56 35.38
N ASP A 490 20.99 4.03 34.44
CA ASP A 490 21.67 4.80 33.41
C ASP A 490 20.70 5.56 32.52
N ARG A 491 20.83 6.87 32.53
CA ARG A 491 19.91 7.72 31.80
C ARG A 491 20.36 7.99 30.35
N VAL A 492 21.66 7.86 30.09
CA VAL A 492 22.11 7.81 28.70
C VAL A 492 22.51 6.37 28.37
N LYS A 493 21.85 5.80 27.37
CA LYS A 493 22.15 4.46 26.91
C LYS A 493 23.19 4.54 25.79
N MET A 494 23.79 3.41 25.44
CA MET A 494 24.93 3.39 24.53
C MET A 494 24.82 2.28 23.50
N ILE A 495 24.93 2.62 22.23
CA ILE A 495 24.84 1.63 21.16
C ILE A 495 25.93 1.86 20.13
N PHE A 496 26.87 0.93 20.06
CA PHE A 496 27.96 1.01 19.08
C PHE A 496 27.62 0.11 17.89
N HIS A 497 27.56 0.68 16.69
CA HIS A 497 27.18 -0.09 15.48
C HIS A 497 28.29 -0.01 14.45
N PRO A 498 29.30 -0.90 14.57
CA PRO A 498 30.57 -0.83 13.86
C PRO A 498 30.45 -1.23 12.40
N GLU A 499 29.53 -0.63 11.66
CA GLU A 499 29.32 -0.99 10.27
C GLU A 499 28.46 0.05 9.58
N PHE A 500 28.60 0.19 8.27
CA PHE A 500 27.76 1.09 7.52
C PHE A 500 26.30 0.70 7.66
N LEU A 501 25.41 1.67 7.56
CA LEU A 501 24.00 1.41 7.63
C LEU A 501 23.44 1.15 6.23
N ASN A 502 22.81 -0.01 6.06
CA ASN A 502 22.04 -0.28 4.85
C ASN A 502 20.62 -0.61 5.27
N ALA A 503 19.65 -0.21 4.45
CA ALA A 503 18.23 -0.36 4.81
C ALA A 503 17.79 -1.81 4.90
N ASN A 504 18.60 -2.69 4.33
CA ASN A 504 18.30 -4.12 4.25
C ASN A 504 18.84 -4.95 5.41
N ASN A 505 19.16 -4.31 6.53
CA ASN A 505 19.71 -5.04 7.67
C ASN A 505 18.65 -5.48 8.68
N PRO A 506 18.83 -6.66 9.30
CA PRO A 506 17.96 -7.25 10.31
C PRO A 506 17.85 -6.38 11.54
N ILE A 507 18.90 -5.62 11.82
CA ILE A 507 18.96 -4.83 13.04
C ILE A 507 18.39 -3.41 12.86
N LEU A 508 19.13 -2.56 12.15
CA LEU A 508 18.78 -1.14 12.07
C LEU A 508 18.46 -0.85 10.61
N GLY A 509 17.21 -1.13 10.21
CA GLY A 509 16.82 -1.12 8.81
C GLY A 509 16.74 0.25 8.15
N LEU A 510 17.85 0.98 8.18
CA LEU A 510 17.90 2.33 7.66
C LEU A 510 19.08 2.54 6.73
N ASP A 511 18.93 3.44 5.78
CA ASP A 511 20.09 3.94 5.08
C ASP A 511 20.60 5.06 5.95
N TYR A 512 21.89 5.35 5.88
CA TYR A 512 22.41 6.44 6.68
C TYR A 512 21.54 7.69 6.55
N ASP A 513 21.27 8.14 5.33
CA ASP A 513 20.45 9.35 5.17
C ASP A 513 19.10 9.23 5.89
N GLU A 514 18.48 8.06 5.87
CA GLU A 514 17.27 7.80 6.65
C GLU A 514 17.52 7.92 8.15
N PHE A 515 18.50 7.18 8.65
CA PHE A 515 18.87 7.18 10.07
C PHE A 515 19.12 8.60 10.55
N VAL A 516 19.93 9.35 9.81
CA VAL A 516 20.27 10.71 10.23
C VAL A 516 19.03 11.58 10.50
N ARG A 517 18.06 11.57 9.58
CA ARG A 517 16.85 12.34 9.79
C ARG A 517 16.05 11.85 11.00
N GLY A 518 16.07 10.54 11.23
CA GLY A 518 15.36 9.99 12.35
C GLY A 518 15.87 10.48 13.69
N CYS A 519 17.04 11.10 13.70
CA CYS A 519 17.66 11.45 14.96
C CYS A 519 17.31 12.83 15.44
N HIS A 520 17.94 13.25 16.53
CA HIS A 520 17.60 14.51 17.16
C HIS A 520 18.79 15.45 17.20
N LEU A 521 19.99 14.90 17.32
CA LEU A 521 21.19 15.70 17.41
C LEU A 521 22.41 14.90 17.00
N GLY A 522 23.26 15.45 16.13
CA GLY A 522 24.46 14.79 15.71
C GLY A 522 25.63 15.41 16.44
N VAL A 523 26.61 14.60 16.84
CA VAL A 523 27.68 15.10 17.70
C VAL A 523 29.08 14.75 17.21
N PHE A 524 29.78 15.74 16.66
CA PHE A 524 31.04 15.49 15.98
C PHE A 524 32.16 16.37 16.53
N PRO A 525 32.68 15.99 17.70
CA PRO A 525 33.68 16.69 18.52
C PRO A 525 35.08 16.56 17.97
N SER A 526 35.29 16.84 16.69
CA SER A 526 36.51 16.47 16.01
C SER A 526 37.74 17.26 16.46
N TYR A 527 38.88 16.59 16.53
CA TYR A 527 40.16 17.22 16.85
C TYR A 527 40.99 17.57 15.62
N TYR A 528 41.09 16.63 14.68
CA TYR A 528 41.73 16.93 13.40
C TYR A 528 40.79 16.67 12.24
N GLU A 529 40.33 17.74 11.59
CA GLU A 529 39.30 17.57 10.59
C GLU A 529 39.27 18.77 9.67
N PRO A 530 40.03 18.69 8.56
CA PRO A 530 40.18 19.81 7.62
C PRO A 530 38.85 20.33 7.08
N TRP A 531 37.89 19.44 6.78
CA TRP A 531 36.55 19.93 6.48
C TRP A 531 35.45 19.32 7.35
N GLY A 532 35.18 18.04 7.17
CA GLY A 532 34.14 17.42 7.94
C GLY A 532 32.84 17.37 7.17
N TYR A 533 32.77 16.47 6.22
CA TYR A 533 31.55 16.33 5.47
C TYR A 533 30.37 15.91 6.35
N THR A 534 30.58 14.90 7.19
CA THR A 534 29.51 14.34 8.04
C THR A 534 28.72 15.36 8.88
N PRO A 535 29.39 16.35 9.50
CA PRO A 535 28.67 17.44 10.16
C PRO A 535 27.85 18.23 9.18
N ALA A 536 28.51 18.73 8.12
CA ALA A 536 27.86 19.55 7.11
C ALA A 536 26.65 18.87 6.50
N GLU A 537 26.79 17.61 6.13
CA GLU A 537 25.67 16.92 5.49
C GLU A 537 24.58 16.63 6.53
N CYS A 538 24.97 16.43 7.78
CA CYS A 538 24.01 16.31 8.87
C CYS A 538 23.14 17.56 8.93
N THR A 539 23.77 18.72 8.99
CA THR A 539 23.09 20.01 8.91
C THR A 539 22.20 20.14 7.67
N VAL A 540 22.74 19.78 6.51
CA VAL A 540 21.99 19.90 5.28
C VAL A 540 20.67 19.14 5.32
N MET A 541 20.60 18.08 6.10
CA MET A 541 19.36 17.29 6.20
C MET A 541 18.46 17.82 7.31
N GLY A 542 18.83 18.97 7.87
CA GLY A 542 18.01 19.64 8.84
C GLY A 542 18.06 19.00 10.21
N VAL A 543 19.25 18.63 10.65
CA VAL A 543 19.41 18.02 11.96
C VAL A 543 20.46 18.78 12.74
N PRO A 544 20.08 19.32 13.90
CA PRO A 544 21.00 20.14 14.67
C PRO A 544 22.25 19.33 14.92
N SER A 545 23.38 19.97 15.20
CA SER A 545 24.62 19.22 15.33
C SER A 545 25.69 20.02 16.05
N ILE A 546 26.51 19.31 16.81
CA ILE A 546 27.61 19.93 17.50
C ILE A 546 28.89 19.65 16.73
N THR A 547 29.63 20.71 16.37
CA THR A 547 30.96 20.51 15.82
C THR A 547 32.01 21.20 16.71
N THR A 548 33.19 21.49 16.16
CA THR A 548 34.20 22.19 16.96
C THR A 548 34.92 23.20 16.09
N ASN A 549 35.77 24.03 16.71
CA ASN A 549 36.42 25.08 15.97
C ASN A 549 37.77 24.68 15.38
N VAL A 550 38.14 23.42 15.55
CA VAL A 550 39.32 22.88 14.85
C VAL A 550 38.89 22.03 13.64
N SER A 551 37.59 21.86 13.51
CA SER A 551 36.99 21.32 12.30
C SER A 551 36.97 22.44 11.28
N GLY A 552 37.15 22.10 10.02
CA GLY A 552 37.08 23.09 8.98
C GLY A 552 35.67 23.63 8.87
N PHE A 553 34.71 22.72 8.78
CA PHE A 553 33.31 23.10 8.72
C PHE A 553 32.90 23.86 9.97
N GLY A 554 33.50 23.51 11.10
CA GLY A 554 33.27 24.27 12.31
C GLY A 554 33.73 25.70 12.08
N SER A 555 35.05 25.86 11.90
CA SER A 555 35.62 27.17 11.69
C SER A 555 34.79 28.00 10.73
N TYR A 556 34.37 27.37 9.65
CA TYR A 556 33.61 28.10 8.64
C TYR A 556 32.29 28.59 9.20
N MET A 557 31.54 27.67 9.81
CA MET A 557 30.26 27.99 10.42
C MET A 557 30.41 29.10 11.45
N GLU A 558 31.50 29.06 12.21
CA GLU A 558 31.77 30.06 13.22
C GLU A 558 31.75 31.50 12.70
N ASP A 559 31.81 31.67 11.38
CA ASP A 559 31.71 33.00 10.76
C ASP A 559 30.39 33.18 10.04
N LEU A 560 29.28 33.09 10.75
CA LEU A 560 27.95 33.23 10.13
C LEU A 560 26.84 33.35 11.19
N ALA A 566 23.50 32.93 17.84
CA ALA A 566 24.48 31.98 17.31
C ALA A 566 23.97 30.52 17.30
N LYS A 567 24.04 29.87 18.46
CA LYS A 567 23.64 28.47 18.64
C LYS A 567 22.18 28.23 18.27
N ASP A 568 21.44 29.31 18.07
CA ASP A 568 19.99 29.23 17.86
C ASP A 568 19.66 28.51 16.56
N TYR A 569 20.64 28.41 15.67
CA TYR A 569 20.42 27.85 14.34
C TYR A 569 20.69 26.36 14.21
N GLY A 570 21.01 25.71 15.32
CA GLY A 570 21.21 24.28 15.33
C GLY A 570 22.67 23.90 15.25
N ILE A 571 23.54 24.90 15.35
CA ILE A 571 24.95 24.61 15.32
C ILE A 571 25.64 25.09 16.58
N TYR A 572 26.11 24.12 17.36
CA TYR A 572 26.88 24.41 18.55
C TYR A 572 28.33 24.17 18.18
N ILE A 573 29.22 24.98 18.70
CA ILE A 573 30.62 24.85 18.35
C ILE A 573 31.46 24.80 19.60
N VAL A 574 31.88 23.60 19.97
CA VAL A 574 32.76 23.43 21.11
C VAL A 574 34.12 23.99 20.77
N ASP A 575 34.77 24.61 21.74
CA ASP A 575 36.11 25.16 21.56
C ASP A 575 37.18 24.14 21.92
N ARG A 576 37.98 23.71 20.95
CA ARG A 576 39.14 22.85 21.23
C ARG A 576 40.44 23.58 20.98
N ARG A 577 40.37 24.80 20.45
CA ARG A 577 41.59 25.51 20.11
C ARG A 577 42.14 26.25 21.32
N PHE A 578 41.24 26.65 22.21
CA PHE A 578 41.60 27.55 23.31
C PHE A 578 41.40 26.97 24.72
N LYS A 579 40.21 26.48 25.03
CA LYS A 579 39.96 25.81 26.31
C LYS A 579 40.78 24.53 26.43
N ALA A 580 41.13 24.15 27.65
CA ALA A 580 41.89 22.93 27.91
C ALA A 580 41.01 21.71 27.66
N PRO A 581 41.63 20.52 27.51
CA PRO A 581 40.84 19.33 27.18
C PRO A 581 39.62 19.18 28.08
N ASP A 582 39.81 19.34 29.38
CA ASP A 582 38.71 19.14 30.32
C ASP A 582 37.63 20.21 30.21
N GLU A 583 38.02 21.47 30.13
CA GLU A 583 37.05 22.55 29.95
C GLU A 583 36.22 22.31 28.69
N SER A 584 36.87 21.71 27.68
CA SER A 584 36.22 21.39 26.41
C SER A 584 35.12 20.38 26.57
N VAL A 585 35.46 19.25 27.19
CA VAL A 585 34.50 18.19 27.49
C VAL A 585 33.30 18.76 28.22
N GLU A 586 33.58 19.58 29.24
CA GLU A 586 32.52 20.20 30.03
C GLU A 586 31.62 21.09 29.20
N GLN A 587 32.20 21.84 28.26
CA GLN A 587 31.38 22.66 27.36
C GLN A 587 30.48 21.79 26.50
N LEU A 588 30.96 20.59 26.17
CA LEU A 588 30.19 19.66 25.35
C LEU A 588 28.94 19.24 26.11
N VAL A 589 29.15 18.87 27.38
CA VAL A 589 28.06 18.43 28.24
C VAL A 589 27.06 19.54 28.50
N ASP A 590 27.55 20.78 28.57
CA ASP A 590 26.68 21.95 28.69
C ASP A 590 25.77 22.04 27.50
N TYR A 591 26.32 21.81 26.31
CA TYR A 591 25.52 21.88 25.09
C TYR A 591 24.52 20.75 25.03
N MET A 592 24.94 19.57 25.46
CA MET A 592 24.08 18.39 25.43
C MET A 592 22.89 18.53 26.38
N GLU A 593 23.19 18.86 27.63
CA GLU A 593 22.19 19.15 28.67
C GLU A 593 21.18 20.17 28.18
N GLU A 594 21.67 21.34 27.78
CA GLU A 594 20.82 22.39 27.21
C GLU A 594 19.85 21.83 26.19
N PHE A 595 20.31 20.88 25.36
CA PHE A 595 19.48 20.34 24.30
C PHE A 595 18.46 19.33 24.82
N VAL A 596 18.83 18.61 25.88
CA VAL A 596 17.93 17.62 26.47
C VAL A 596 16.69 18.32 27.03
N LYS A 597 16.89 19.53 27.57
CA LYS A 597 15.80 20.30 28.17
C LYS A 597 14.80 20.88 27.17
N LYS A 598 15.29 21.47 26.08
CA LYS A 598 14.43 21.93 24.98
C LYS A 598 13.04 21.26 25.05
N THR A 599 12.01 22.10 25.14
CA THR A 599 10.63 21.63 25.12
C THR A 599 10.25 21.23 23.70
N ALA A 600 8.98 20.91 23.49
CA ALA A 600 8.49 20.62 22.16
C ALA A 600 8.73 21.81 21.21
N ALA A 601 8.30 23.00 21.63
CA ALA A 601 8.43 24.20 20.81
C ALA A 601 9.89 24.59 20.60
N GLN A 602 10.67 24.55 21.67
CA GLN A 602 12.07 24.97 21.61
C GLN A 602 12.90 24.14 20.63
N ALA A 603 12.58 22.85 20.53
CA ALA A 603 13.24 21.96 19.60
C ALA A 603 12.73 22.17 18.18
N ILE A 604 11.41 22.20 18.01
CA ILE A 604 10.80 22.32 16.68
C ILE A 604 11.09 23.67 16.04
N ASN A 605 11.50 24.65 16.85
CA ASN A 605 12.01 25.91 16.32
C ASN A 605 13.39 25.68 15.71
N GLN A 606 14.33 25.30 16.57
CA GLN A 606 15.70 25.00 16.15
C GLN A 606 15.77 24.15 14.88
N ARG A 607 15.03 23.04 14.85
CA ARG A 607 14.99 22.19 13.68
C ARG A 607 14.68 22.97 12.40
N ASN A 608 13.62 23.77 12.45
CA ASN A 608 13.23 24.58 11.30
C ASN A 608 14.31 25.59 10.93
N ARG A 609 15.06 26.03 11.94
CA ARG A 609 16.12 27.00 11.72
C ARG A 609 17.32 26.43 10.96
N THR A 610 17.74 25.22 11.31
CA THR A 610 18.88 24.59 10.64
C THR A 610 18.53 24.18 9.20
N GLU A 611 17.29 23.73 9.02
CA GLU A 611 16.82 23.29 7.72
C GLU A 611 16.85 24.41 6.69
N ARG A 612 17.04 25.64 7.16
CA ARG A 612 17.11 26.79 6.27
C ARG A 612 18.55 27.25 6.06
N LEU A 613 19.43 26.90 6.99
CA LEU A 613 20.88 27.05 6.81
C LEU A 613 21.34 26.22 5.63
N SER A 614 20.56 25.18 5.35
CA SER A 614 20.79 24.29 4.21
C SER A 614 21.37 25.00 2.98
N ASP A 615 20.58 25.89 2.37
CA ASP A 615 20.96 26.47 1.09
C ASP A 615 22.25 27.28 1.11
N LEU A 616 22.86 27.44 2.28
CA LEU A 616 24.14 28.14 2.37
C LEU A 616 25.31 27.29 1.92
N LEU A 617 25.11 25.98 1.89
CA LEU A 617 26.20 25.03 1.65
C LEU A 617 26.20 24.47 0.23
N ASP A 618 25.21 24.85 -0.57
CA ASP A 618 25.16 24.40 -1.96
C ASP A 618 26.33 25.01 -2.72
N TRP A 619 26.83 24.28 -3.72
CA TRP A 619 27.91 24.79 -4.54
C TRP A 619 27.51 26.09 -5.24
N LYS A 620 26.21 26.26 -5.50
CA LYS A 620 25.70 27.48 -6.12
C LYS A 620 26.20 28.71 -5.38
N ARG A 621 26.37 28.59 -4.07
CA ARG A 621 26.95 29.66 -3.27
C ARG A 621 28.46 29.49 -3.06
N MET A 622 28.89 28.30 -2.66
CA MET A 622 30.30 28.07 -2.31
C MET A 622 31.21 28.16 -3.52
N GLY A 623 30.67 27.79 -4.67
CA GLY A 623 31.45 27.77 -5.90
C GLY A 623 31.98 29.14 -6.31
N LEU A 624 31.43 30.21 -5.75
CA LEU A 624 31.89 31.54 -6.12
C LEU A 624 33.30 31.77 -5.62
N GLU A 625 33.71 30.93 -4.68
CA GLU A 625 35.07 30.98 -4.13
C GLU A 625 36.05 30.35 -5.09
N TYR A 626 35.60 29.37 -5.86
CA TYR A 626 36.46 28.84 -6.89
C TYR A 626 36.68 29.92 -7.95
N VAL A 627 35.61 30.61 -8.31
CA VAL A 627 35.72 31.73 -9.25
C VAL A 627 36.69 32.79 -8.74
N LYS A 628 36.57 33.20 -7.48
CA LYS A 628 37.54 34.14 -6.91
C LYS A 628 38.98 33.65 -7.07
N ALA A 629 39.21 32.37 -6.83
CA ALA A 629 40.56 31.83 -6.90
C ALA A 629 41.10 31.77 -8.33
N ARG A 630 40.25 31.33 -9.25
CA ARG A 630 40.68 31.19 -10.63
C ARG A 630 40.99 32.55 -11.23
N GLN A 631 40.13 33.52 -10.97
CA GLN A 631 40.33 34.87 -11.46
C GLN A 631 41.60 35.48 -10.91
N LEU A 632 41.85 35.30 -9.62
CA LEU A 632 43.10 35.79 -9.03
C LEU A 632 44.29 35.19 -9.75
N ALA A 633 44.14 33.96 -10.23
CA ALA A 633 45.20 33.29 -10.96
C ALA A 633 45.47 33.99 -12.29
N LEU A 634 44.40 34.44 -12.93
CA LEU A 634 44.51 35.23 -14.13
C LEU A 634 45.17 36.59 -13.85
N ARG A 635 44.55 37.39 -12.98
CA ARG A 635 45.11 38.67 -12.56
C ARG A 635 46.61 38.61 -12.28
N ARG A 636 47.09 37.52 -11.70
CA ARG A 636 48.51 37.43 -11.38
C ARG A 636 49.35 37.00 -12.59
N GLY A 637 48.72 36.33 -13.55
CA GLY A 637 49.42 35.80 -14.70
C GLY A 637 49.54 36.81 -15.83
N TYR A 638 48.53 37.64 -15.98
CA TYR A 638 48.46 38.60 -17.06
C TYR A 638 48.03 39.94 -16.51
N PRO A 639 48.86 40.52 -15.63
CA PRO A 639 48.51 41.71 -14.85
C PRO A 639 47.95 42.79 -15.76
N ASP A 640 48.58 42.91 -16.92
CA ASP A 640 48.27 43.99 -17.85
C ASP A 640 46.91 43.79 -18.50
N GLN A 641 46.71 42.63 -19.12
CA GLN A 641 45.44 42.36 -19.79
C GLN A 641 44.25 42.36 -18.84
N PHE A 642 44.51 42.08 -17.56
CA PHE A 642 43.44 42.07 -16.56
C PHE A 642 42.91 43.47 -16.33
N ARG A 643 43.81 44.45 -16.26
CA ARG A 643 43.40 45.84 -16.07
C ARG A 643 42.47 46.30 -17.19
N GLU A 644 42.71 45.77 -18.39
CA GLU A 644 41.91 46.11 -19.57
C GLU A 644 40.50 45.56 -19.44
N LEU A 645 40.39 44.34 -18.91
CA LEU A 645 39.10 43.68 -18.77
C LEU A 645 38.28 44.29 -17.62
N VAL A 646 38.96 44.80 -16.60
CA VAL A 646 38.30 45.27 -15.39
C VAL A 646 38.16 46.79 -15.28
N GLY A 647 39.23 47.52 -15.59
CA GLY A 647 39.17 48.97 -15.58
C GLY A 647 39.99 49.64 -14.49
N GLU A 648 41.07 48.99 -14.08
CA GLU A 648 42.00 49.50 -13.07
C GLU A 648 42.92 48.36 -12.66
N GLU A 649 43.78 48.61 -11.67
CA GLU A 649 44.49 47.52 -11.04
C GLU A 649 43.82 47.14 -9.72
N LEU A 650 43.00 46.10 -9.77
CA LEU A 650 42.41 45.53 -8.57
C LEU A 650 43.53 44.84 -7.78
N ASN A 651 43.37 44.74 -6.47
CA ASN A 651 44.40 44.16 -5.61
C ASN A 651 44.59 42.65 -5.77
N ASP A 652 45.83 42.19 -5.68
CA ASP A 652 46.14 40.78 -5.96
C ASP A 652 46.81 40.03 -4.80
N SER A 653 46.68 40.54 -3.57
CA SER A 653 47.31 39.87 -2.43
C SER A 653 46.53 38.64 -1.98
N ASN A 654 45.20 38.73 -1.97
CA ASN A 654 44.34 37.56 -1.76
C ASN A 654 43.07 37.56 -2.62
N MET A 655 42.28 36.49 -2.51
CA MET A 655 41.10 36.34 -3.34
C MET A 655 40.00 37.29 -2.89
N ASP A 656 39.92 37.51 -1.59
CA ASP A 656 38.95 38.45 -1.05
C ASP A 656 39.34 39.88 -1.41
N ALA A 657 40.65 40.13 -1.45
CA ALA A 657 41.18 41.43 -1.85
C ALA A 657 40.68 41.84 -3.24
N LEU A 658 40.76 40.91 -4.19
CA LEU A 658 40.26 41.16 -5.54
C LEU A 658 38.80 41.62 -5.50
N ALA A 659 37.91 40.72 -5.10
CA ALA A 659 36.49 41.06 -4.90
C ALA A 659 36.20 41.56 -3.48
N SER B 22 -29.35 27.96 53.37
CA SER B 22 -27.95 28.32 53.12
C SER B 22 -27.13 27.22 52.43
N ARG B 23 -26.93 27.40 51.12
CA ARG B 23 -26.44 26.36 50.21
C ARG B 23 -24.97 26.51 49.82
N ASP B 24 -24.41 25.48 49.21
CA ASP B 24 -22.99 25.47 48.87
C ASP B 24 -22.70 26.00 47.46
N LEU B 25 -22.03 27.15 47.41
CA LEU B 25 -21.66 27.76 46.15
C LEU B 25 -20.50 27.00 45.51
N GLN B 26 -19.53 26.60 46.31
CA GLN B 26 -18.36 25.88 45.79
C GLN B 26 -18.79 24.56 45.14
N ASN B 27 -19.78 23.90 45.72
CA ASN B 27 -20.26 22.63 45.19
C ASN B 27 -21.70 22.74 44.69
N HIS B 28 -21.86 23.31 43.50
CA HIS B 28 -23.17 23.61 42.92
C HIS B 28 -23.54 22.73 41.75
N LEU B 29 -24.83 22.78 41.40
CA LEU B 29 -25.40 22.08 40.27
C LEU B 29 -25.39 22.94 39.00
N LEU B 30 -25.45 22.30 37.83
CA LEU B 30 -25.50 23.03 36.57
C LEU B 30 -26.53 22.44 35.63
N PHE B 31 -27.52 23.24 35.25
CA PHE B 31 -28.55 22.79 34.32
C PHE B 31 -28.54 23.63 33.03
N GLU B 32 -28.11 23.05 31.92
CA GLU B 32 -28.03 23.78 30.65
C GLU B 32 -29.16 23.40 29.69
N THR B 33 -30.01 24.37 29.39
CA THR B 33 -31.25 24.11 28.69
C THR B 33 -31.19 24.72 27.29
N ALA B 34 -31.55 23.95 26.27
CA ALA B 34 -31.61 24.49 24.91
C ALA B 34 -32.40 23.57 24.00
N THR B 35 -33.12 24.16 23.04
CA THR B 35 -33.90 23.38 22.07
C THR B 35 -33.09 22.38 21.26
N GLU B 36 -31.78 22.41 21.41
CA GLU B 36 -30.93 21.60 20.54
C GLU B 36 -30.24 20.41 21.22
N VAL B 37 -30.56 20.12 22.47
CA VAL B 37 -29.75 19.17 23.23
C VAL B 37 -29.42 17.91 22.48
N ALA B 38 -30.40 17.21 21.93
CA ALA B 38 -30.04 16.01 21.20
C ALA B 38 -30.73 15.94 19.86
N ASN B 39 -30.82 17.10 19.22
CA ASN B 39 -31.29 17.17 17.84
C ASN B 39 -30.72 18.40 17.14
N ARG B 40 -29.88 18.14 16.14
CA ARG B 40 -29.27 19.20 15.35
C ARG B 40 -30.31 19.93 14.53
N VAL B 41 -30.77 21.05 15.06
CA VAL B 41 -31.75 21.89 14.39
C VAL B 41 -31.10 23.24 14.18
N GLY B 42 -29.97 23.45 14.87
CA GLY B 42 -29.23 24.69 14.78
C GLY B 42 -27.73 24.52 14.98
N GLY B 43 -27.00 25.64 14.98
CA GLY B 43 -25.58 25.61 15.23
C GLY B 43 -25.26 25.54 16.72
N ILE B 44 -26.29 25.73 17.55
CA ILE B 44 -26.10 25.62 18.99
C ILE B 44 -25.83 24.18 19.33
N TYR B 45 -26.44 23.28 18.59
CA TYR B 45 -26.19 21.85 18.80
C TYR B 45 -24.68 21.65 18.86
N SER B 46 -23.98 22.30 17.95
CA SER B 46 -22.54 22.14 17.86
C SER B 46 -21.81 22.72 19.06
N VAL B 47 -22.12 23.97 19.39
CA VAL B 47 -21.64 24.57 20.64
C VAL B 47 -21.80 23.63 21.85
N LEU B 48 -23.01 23.20 22.13
CA LEU B 48 -23.23 22.36 23.29
C LEU B 48 -22.44 21.06 23.22
N LYS B 49 -22.44 20.42 22.05
CA LYS B 49 -21.78 19.14 21.87
C LYS B 49 -20.28 19.24 22.02
N SER B 50 -19.72 20.36 21.59
CA SER B 50 -18.28 20.51 21.59
C SER B 50 -17.81 21.12 22.89
N LYS B 51 -18.75 21.60 23.70
CA LYS B 51 -18.43 22.13 25.02
C LYS B 51 -18.58 21.04 26.11
N ALA B 52 -19.28 19.96 25.75
CA ALA B 52 -19.54 18.89 26.69
C ALA B 52 -18.27 18.44 27.40
N PRO B 53 -17.30 17.92 26.64
CA PRO B 53 -16.14 17.29 27.29
C PRO B 53 -15.52 18.14 28.39
N ILE B 54 -15.46 19.46 28.21
CA ILE B 54 -14.80 20.28 29.21
C ILE B 54 -15.67 20.61 30.42
N THR B 55 -16.99 20.65 30.25
CA THR B 55 -17.84 20.88 31.41
C THR B 55 -18.16 19.57 32.14
N VAL B 56 -18.30 18.49 31.40
CA VAL B 56 -18.51 17.20 32.04
C VAL B 56 -17.27 16.86 32.85
N ALA B 57 -16.12 17.34 32.40
CA ALA B 57 -14.86 17.14 33.12
C ALA B 57 -14.91 17.82 34.49
N GLN B 58 -15.53 19.00 34.52
CA GLN B 58 -15.58 19.80 35.75
C GLN B 58 -16.72 19.32 36.69
N TYR B 59 -17.91 19.16 36.14
CA TYR B 59 -19.11 18.90 36.94
C TYR B 59 -19.44 17.43 37.13
N LYS B 60 -18.72 16.53 36.47
CA LYS B 60 -19.10 15.12 36.41
C LYS B 60 -20.61 14.91 36.29
N ASP B 61 -21.24 14.27 37.29
CA ASP B 61 -22.69 14.00 37.25
C ASP B 61 -23.57 15.03 37.97
N HIS B 62 -23.00 16.20 38.23
CA HIS B 62 -23.77 17.33 38.75
C HIS B 62 -24.40 18.11 37.59
N TYR B 63 -23.89 17.84 36.40
CA TYR B 63 -24.27 18.55 35.18
C TYR B 63 -25.31 17.81 34.35
N HIS B 64 -26.40 18.49 34.00
CA HIS B 64 -27.40 17.93 33.09
C HIS B 64 -27.72 18.93 31.98
N LEU B 65 -27.93 18.40 30.78
CA LEU B 65 -28.51 19.17 29.70
C LEU B 65 -29.99 18.85 29.68
N ILE B 66 -30.83 19.87 29.56
CA ILE B 66 -32.26 19.65 29.47
C ILE B 66 -32.69 20.15 28.11
N GLY B 67 -33.68 19.49 27.52
CA GLY B 67 -34.22 19.97 26.26
C GLY B 67 -35.46 19.21 25.83
N PRO B 68 -36.13 19.68 24.77
CA PRO B 68 -37.37 19.06 24.34
C PRO B 68 -37.05 17.73 23.69
N LEU B 69 -37.80 16.70 24.04
CA LEU B 69 -37.59 15.40 23.42
C LEU B 69 -38.05 15.47 21.98
N ASN B 70 -37.18 15.08 21.06
CA ASN B 70 -37.53 14.96 19.65
C ASN B 70 -37.77 13.50 19.29
N LYS B 71 -39.03 13.13 19.07
CA LYS B 71 -39.40 11.71 18.96
C LYS B 71 -38.88 11.03 17.69
N ALA B 72 -38.29 11.80 16.80
CA ALA B 72 -37.82 11.26 15.52
C ALA B 72 -36.34 10.89 15.52
N THR B 73 -35.57 11.48 16.42
CA THR B 73 -34.11 11.38 16.39
C THR B 73 -33.49 10.86 17.68
N TYR B 74 -34.15 11.11 18.81
CA TYR B 74 -33.57 10.84 20.12
C TYR B 74 -33.00 9.42 20.22
N GLN B 75 -33.56 8.51 19.45
CA GLN B 75 -33.13 7.11 19.53
C GLN B 75 -31.76 6.86 18.92
N ASN B 76 -31.31 7.77 18.07
CA ASN B 76 -29.99 7.66 17.47
C ASN B 76 -28.90 8.35 18.28
N GLU B 77 -29.29 9.19 19.22
CA GLU B 77 -28.32 10.00 19.95
C GLU B 77 -28.29 9.76 21.44
N VAL B 78 -29.26 9.03 21.97
CA VAL B 78 -29.34 8.84 23.42
C VAL B 78 -29.26 7.41 23.92
N ASP B 79 -28.31 7.19 24.82
CA ASP B 79 -28.21 6.00 25.62
C ASP B 79 -29.30 6.05 26.68
N ILE B 80 -30.48 5.53 26.37
CA ILE B 80 -31.62 5.63 27.29
C ILE B 80 -31.38 4.91 28.62
N LEU B 81 -31.55 5.63 29.71
CA LEU B 81 -31.27 5.06 31.03
C LEU B 81 -32.54 4.87 31.85
N ASP B 82 -32.46 3.95 32.81
CA ASP B 82 -33.53 3.75 33.76
C ASP B 82 -33.18 4.60 34.96
N TRP B 83 -33.99 5.62 35.20
CA TRP B 83 -33.68 6.65 36.18
C TRP B 83 -34.20 6.33 37.58
N LYS B 84 -34.81 5.17 37.72
CA LYS B 84 -35.41 4.79 38.98
C LYS B 84 -34.46 3.95 39.81
N LYS B 85 -33.67 3.10 39.17
CA LYS B 85 -32.69 2.29 39.91
C LYS B 85 -31.94 3.17 40.90
N PRO B 86 -31.91 2.75 42.18
CA PRO B 86 -31.13 3.47 43.18
C PRO B 86 -29.76 3.91 42.69
N GLU B 87 -29.13 3.10 41.83
CA GLU B 87 -27.78 3.40 41.34
C GLU B 87 -27.70 4.62 40.42
N ALA B 88 -28.81 4.93 39.74
CA ALA B 88 -28.82 5.98 38.72
C ALA B 88 -28.39 7.36 39.24
N PHE B 89 -28.21 7.48 40.56
CA PHE B 89 -27.82 8.75 41.14
C PHE B 89 -26.98 8.56 42.41
N SER B 90 -25.96 9.39 42.57
CA SER B 90 -25.25 9.44 43.84
C SER B 90 -26.24 9.87 44.91
N ASP B 91 -25.93 9.58 46.18
CA ASP B 91 -26.86 9.91 47.25
C ASP B 91 -27.11 11.41 47.34
N GLU B 92 -26.05 12.21 47.21
CA GLU B 92 -26.21 13.66 47.28
C GLU B 92 -27.07 14.16 46.12
N MET B 93 -26.94 13.51 44.97
CA MET B 93 -27.73 13.88 43.80
C MET B 93 -29.09 13.23 43.77
N ARG B 94 -29.46 12.57 44.87
CA ARG B 94 -30.77 11.97 45.03
C ARG B 94 -31.94 12.92 44.70
N PRO B 95 -31.86 14.19 45.15
CA PRO B 95 -32.96 15.16 45.00
C PRO B 95 -33.49 15.27 43.57
N VAL B 96 -32.59 15.18 42.60
CA VAL B 96 -33.02 15.28 41.21
C VAL B 96 -33.90 14.08 40.84
N GLN B 97 -33.64 12.95 41.46
CA GLN B 97 -34.35 11.71 41.14
C GLN B 97 -35.76 11.75 41.67
N HIS B 98 -35.89 12.17 42.93
CA HIS B 98 -37.21 12.33 43.55
C HIS B 98 -37.97 13.36 42.73
N ALA B 99 -37.24 14.42 42.37
CA ALA B 99 -37.74 15.52 41.55
C ALA B 99 -38.41 15.04 40.28
N LEU B 100 -37.74 14.14 39.58
CA LEU B 100 -38.25 13.57 38.34
C LEU B 100 -39.48 12.72 38.57
N GLN B 101 -39.49 11.95 39.66
CA GLN B 101 -40.68 11.13 39.94
C GLN B 101 -41.91 12.03 40.14
N THR B 102 -41.81 12.97 41.09
CA THR B 102 -42.87 13.95 41.29
C THR B 102 -43.44 14.32 39.93
N MET B 103 -42.54 14.62 39.00
CA MET B 103 -42.88 15.03 37.65
C MET B 103 -43.65 13.99 36.84
N GLU B 104 -43.27 12.71 36.94
CA GLU B 104 -44.00 11.69 36.21
C GLU B 104 -45.34 11.35 36.88
N SER B 105 -45.39 11.40 38.22
CA SER B 105 -46.64 11.25 38.95
C SER B 105 -47.71 12.12 38.28
N ARG B 106 -47.34 13.37 38.01
CA ARG B 106 -48.29 14.39 37.55
C ARG B 106 -48.53 14.31 36.05
N GLY B 107 -47.90 13.34 35.39
CA GLY B 107 -48.21 13.02 34.01
C GLY B 107 -47.25 13.50 32.94
N VAL B 108 -46.09 13.98 33.38
CA VAL B 108 -45.09 14.54 32.47
C VAL B 108 -44.10 13.47 32.09
N HIS B 109 -44.09 13.11 30.81
CA HIS B 109 -43.25 12.02 30.35
C HIS B 109 -41.94 12.49 29.71
N PHE B 110 -40.84 11.89 30.15
CA PHE B 110 -39.51 12.27 29.66
C PHE B 110 -38.62 11.08 29.30
N VAL B 111 -37.39 11.38 28.91
CA VAL B 111 -36.37 10.36 28.67
C VAL B 111 -35.09 10.80 29.36
N TYR B 112 -34.61 10.01 30.30
CA TYR B 112 -33.35 10.32 30.97
C TYR B 112 -32.32 9.43 30.29
N GLY B 113 -31.13 9.95 30.04
CA GLY B 113 -30.11 9.16 29.38
C GLY B 113 -28.76 9.85 29.24
N ARG B 114 -27.83 9.19 28.55
CA ARG B 114 -26.56 9.79 28.15
C ARG B 114 -26.60 10.19 26.68
N TRP B 115 -26.18 11.41 26.39
CA TRP B 115 -26.08 11.88 25.01
C TRP B 115 -24.78 11.34 24.42
N LEU B 116 -24.89 10.45 23.45
CA LEU B 116 -23.71 9.74 22.94
C LEU B 116 -22.78 10.66 22.16
N ILE B 117 -22.03 11.50 22.87
CA ILE B 117 -21.02 12.36 22.26
C ILE B 117 -19.79 12.32 23.17
N GLU B 118 -18.64 12.74 22.69
CA GLU B 118 -17.47 12.76 23.56
C GLU B 118 -17.81 13.54 24.84
N GLY B 119 -17.67 12.87 25.98
CA GLY B 119 -18.02 13.45 27.27
C GLY B 119 -19.24 12.79 27.89
N ALA B 120 -20.11 12.23 27.04
CA ALA B 120 -21.31 11.52 27.47
C ALA B 120 -22.05 12.17 28.62
N PRO B 121 -22.42 13.44 28.45
CA PRO B 121 -23.13 14.20 29.48
C PRO B 121 -24.53 13.64 29.68
N LYS B 122 -25.06 13.79 30.90
CA LYS B 122 -26.39 13.29 31.20
C LYS B 122 -27.44 14.26 30.68
N VAL B 123 -28.59 13.73 30.31
CA VAL B 123 -29.58 14.50 29.57
C VAL B 123 -31.00 14.23 30.05
N ILE B 124 -31.79 15.29 30.18
CA ILE B 124 -33.21 15.12 30.47
C ILE B 124 -34.04 15.68 29.33
N LEU B 125 -34.83 14.82 28.68
CA LEU B 125 -35.55 15.18 27.45
C LEU B 125 -37.07 15.17 27.58
N PHE B 126 -37.68 16.32 27.88
CA PHE B 126 -39.11 16.37 28.17
C PHE B 126 -39.97 16.16 26.93
N ASP B 127 -41.01 15.35 27.09
CA ASP B 127 -41.92 15.01 26.00
C ASP B 127 -43.03 16.04 25.90
N LEU B 128 -42.95 16.92 24.91
CA LEU B 128 -43.85 18.06 24.86
C LEU B 128 -45.31 17.69 24.60
N ASP B 129 -45.54 16.51 24.05
CA ASP B 129 -46.91 15.98 23.93
C ASP B 129 -47.52 15.66 25.29
N SER B 130 -46.70 15.12 26.20
CA SER B 130 -47.18 14.64 27.49
C SER B 130 -47.72 15.76 28.39
N VAL B 131 -47.57 16.98 27.92
CA VAL B 131 -47.83 18.15 28.76
C VAL B 131 -48.64 19.16 27.96
N ARG B 132 -48.89 18.81 26.70
CA ARG B 132 -49.65 19.65 25.78
C ARG B 132 -51.04 20.05 26.30
N GLY B 133 -51.55 19.30 27.26
CA GLY B 133 -52.84 19.64 27.85
C GLY B 133 -52.75 20.97 28.56
N TYR B 134 -51.90 21.03 29.59
CA TYR B 134 -51.60 22.26 30.32
C TYR B 134 -51.30 23.46 29.38
N SER B 135 -51.48 23.28 28.09
CA SER B 135 -51.19 24.35 27.14
C SER B 135 -51.86 25.67 27.50
N ASN B 136 -53.17 25.72 27.30
CA ASN B 136 -53.93 26.96 27.51
C ASN B 136 -53.76 27.56 28.91
N GLU B 137 -53.88 26.73 29.94
CA GLU B 137 -53.66 27.25 31.28
C GLU B 137 -52.38 28.07 31.30
N TRP B 138 -51.48 27.80 30.33
CA TRP B 138 -50.11 28.32 30.34
C TRP B 138 -49.90 29.53 29.44
N LYS B 139 -50.38 29.45 28.21
CA LYS B 139 -50.35 30.64 27.35
C LYS B 139 -50.93 31.83 28.12
N GLY B 140 -51.94 31.54 28.93
CA GLY B 140 -52.56 32.53 29.78
C GLY B 140 -51.66 32.95 30.92
N ASP B 141 -51.27 32.01 31.77
CA ASP B 141 -50.44 32.33 32.94
C ASP B 141 -49.19 33.10 32.57
N LEU B 142 -48.79 33.00 31.30
CA LEU B 142 -47.64 33.73 30.79
C LEU B 142 -48.01 35.20 30.63
N TRP B 143 -49.08 35.43 29.89
CA TRP B 143 -49.60 36.77 29.66
C TRP B 143 -49.83 37.53 30.97
N SER B 144 -50.27 36.83 32.01
CA SER B 144 -50.63 37.49 33.26
C SER B 144 -49.50 37.62 34.28
N LEU B 145 -48.27 37.40 33.84
CA LEU B 145 -47.09 37.63 34.68
C LEU B 145 -45.97 38.29 33.88
N VAL B 146 -46.14 38.39 32.56
CA VAL B 146 -45.12 39.00 31.71
C VAL B 146 -45.72 39.52 30.40
N GLY B 147 -47.04 39.62 30.36
CA GLY B 147 -47.74 40.17 29.21
C GLY B 147 -47.18 39.76 27.88
N ILE B 148 -46.72 38.52 27.82
CA ILE B 148 -46.28 37.94 26.55
C ILE B 148 -47.44 37.31 25.78
N PRO B 149 -47.77 37.89 24.62
CA PRO B 149 -48.80 37.35 23.72
C PRO B 149 -48.39 36.00 23.15
N SER B 150 -49.33 35.28 22.54
CA SER B 150 -49.07 33.93 22.08
C SER B 150 -50.17 33.39 21.18
N PRO B 151 -50.19 33.81 19.91
CA PRO B 151 -51.17 33.26 18.96
C PRO B 151 -51.05 31.73 18.92
N GLU B 152 -52.11 31.05 18.47
CA GLU B 152 -52.16 29.58 18.52
C GLU B 152 -51.66 28.91 17.25
N ASN B 153 -51.29 29.72 16.26
CA ASN B 153 -50.84 29.21 14.97
C ASN B 153 -49.31 29.15 14.84
N ASP B 154 -48.63 29.50 15.93
CA ASP B 154 -47.17 29.56 15.99
C ASP B 154 -46.63 28.40 16.80
N PHE B 155 -46.26 27.32 16.11
CA PHE B 155 -45.92 26.07 16.79
C PHE B 155 -44.64 26.18 17.62
N GLU B 156 -43.66 26.90 17.09
CA GLU B 156 -42.37 27.05 17.74
C GLU B 156 -42.52 27.70 19.12
N THR B 157 -43.35 28.74 19.21
CA THR B 157 -43.57 29.44 20.46
C THR B 157 -44.46 28.65 21.42
N ASN B 158 -45.42 27.91 20.88
CA ASN B 158 -46.18 26.99 21.71
C ASN B 158 -45.22 25.99 22.34
N ASP B 159 -44.39 25.41 21.49
CA ASP B 159 -43.36 24.47 21.93
C ASP B 159 -42.38 25.13 22.90
N ALA B 160 -42.04 26.39 22.65
CA ALA B 160 -41.15 27.13 23.54
C ALA B 160 -41.80 27.43 24.90
N ILE B 161 -43.11 27.64 24.90
CA ILE B 161 -43.87 27.88 26.14
C ILE B 161 -44.08 26.57 26.90
N LEU B 162 -44.42 25.51 26.18
CA LEU B 162 -44.56 24.20 26.82
C LEU B 162 -43.26 23.86 27.53
N LEU B 163 -42.16 23.97 26.80
CA LEU B 163 -40.84 23.70 27.34
C LEU B 163 -40.52 24.59 28.55
N GLY B 164 -40.77 25.90 28.41
CA GLY B 164 -40.51 26.84 29.49
C GLY B 164 -41.19 26.47 30.80
N TYR B 165 -42.49 26.20 30.74
CA TYR B 165 -43.23 25.86 31.94
C TYR B 165 -42.77 24.55 32.57
N THR B 166 -42.43 23.59 31.72
CA THR B 166 -42.01 22.28 32.19
C THR B 166 -40.69 22.34 32.91
N VAL B 167 -39.77 23.15 32.39
CA VAL B 167 -38.43 23.24 32.96
C VAL B 167 -38.43 24.05 34.27
N ALA B 168 -39.24 25.09 34.33
CA ALA B 168 -39.32 25.93 35.51
C ALA B 168 -39.88 25.08 36.63
N TRP B 169 -40.93 24.34 36.27
CA TRP B 169 -41.50 23.28 37.08
C TRP B 169 -40.39 22.38 37.63
N PHE B 170 -39.69 21.70 36.72
CA PHE B 170 -38.63 20.78 37.12
C PHE B 170 -37.60 21.44 38.05
N LEU B 171 -37.29 22.70 37.79
CA LEU B 171 -36.26 23.39 38.55
C LEU B 171 -36.82 23.80 39.89
N GLY B 172 -38.10 24.16 39.89
CA GLY B 172 -38.83 24.40 41.12
C GLY B 172 -38.64 23.23 42.07
N GLU B 173 -39.07 22.06 41.62
CA GLU B 173 -38.95 20.82 42.40
C GLU B 173 -37.56 20.59 42.95
N VAL B 174 -36.56 20.64 42.08
CA VAL B 174 -35.19 20.41 42.51
C VAL B 174 -34.79 21.43 43.56
N ALA B 175 -35.11 22.69 43.32
CA ALA B 175 -34.80 23.79 44.23
C ALA B 175 -35.36 23.49 45.60
N HIS B 176 -36.54 22.87 45.58
CA HIS B 176 -37.27 22.46 46.76
C HIS B 176 -36.59 21.28 47.48
N LEU B 177 -36.45 20.16 46.78
CA LEU B 177 -35.89 18.95 47.37
C LEU B 177 -34.39 18.99 47.65
N ASP B 178 -33.62 19.64 46.78
CA ASP B 178 -32.19 19.80 47.04
C ASP B 178 -32.00 21.04 47.91
N SER B 179 -31.24 20.88 48.99
CA SER B 179 -30.94 22.03 49.86
C SER B 179 -29.46 22.08 50.25
N GLN B 180 -28.67 21.18 49.65
CA GLN B 180 -27.23 21.16 49.91
C GLN B 180 -26.51 22.02 48.88
N HIS B 181 -26.99 21.92 47.64
CA HIS B 181 -26.32 22.55 46.51
C HIS B 181 -26.97 23.86 46.11
N ALA B 182 -26.14 24.83 45.75
CA ALA B 182 -26.64 26.02 45.06
C ALA B 182 -26.89 25.59 43.63
N ILE B 183 -27.90 26.17 42.98
CA ILE B 183 -28.26 25.68 41.64
C ILE B 183 -28.21 26.75 40.54
N VAL B 184 -27.25 26.64 39.64
CA VAL B 184 -27.22 27.52 38.47
C VAL B 184 -27.84 26.84 37.25
N ALA B 185 -28.60 27.62 36.48
CA ALA B 185 -29.33 27.08 35.33
C ALA B 185 -29.17 27.99 34.10
N HIS B 186 -28.50 27.48 33.07
CA HIS B 186 -28.09 28.25 31.90
C HIS B 186 -29.00 27.95 30.71
N PHE B 187 -29.61 28.99 30.14
CA PHE B 187 -30.50 28.83 28.98
C PHE B 187 -29.90 29.45 27.70
N HIS B 188 -29.99 28.73 26.59
CA HIS B 188 -29.47 29.24 25.31
C HIS B 188 -30.58 29.52 24.30
N GLU B 189 -30.69 30.78 23.89
CA GLU B 189 -31.57 31.19 22.80
C GLU B 189 -33.04 31.29 23.21
N TRP B 190 -33.80 32.16 22.55
CA TRP B 190 -35.15 32.49 23.00
C TRP B 190 -36.09 31.31 23.15
N LEU B 191 -35.99 30.34 22.24
CA LEU B 191 -36.82 29.13 22.30
C LEU B 191 -36.72 28.37 23.61
N ALA B 192 -35.66 28.62 24.37
CA ALA B 192 -35.54 28.03 25.71
C ALA B 192 -35.59 29.12 26.79
N GLY B 193 -36.21 30.24 26.47
CA GLY B 193 -36.15 31.41 27.32
C GLY B 193 -37.31 31.57 28.28
N VAL B 194 -38.46 31.01 27.94
CA VAL B 194 -39.67 31.19 28.74
C VAL B 194 -39.54 30.82 30.22
N ALA B 195 -38.71 29.83 30.53
CA ALA B 195 -38.50 29.51 31.94
C ALA B 195 -37.95 30.70 32.72
N LEU B 196 -37.25 31.58 32.02
CA LEU B 196 -36.47 32.62 32.68
C LEU B 196 -37.27 33.63 33.49
N PRO B 197 -38.33 34.18 32.91
CA PRO B 197 -39.22 35.08 33.66
C PRO B 197 -39.86 34.34 34.83
N LEU B 198 -40.45 33.19 34.56
CA LEU B 198 -41.08 32.39 35.61
C LEU B 198 -40.16 32.21 36.81
N CYS B 199 -38.90 31.89 36.57
CA CYS B 199 -37.99 31.69 37.70
C CYS B 199 -37.87 32.94 38.54
N ARG B 200 -37.71 34.09 37.89
CA ARG B 200 -37.63 35.37 38.59
C ARG B 200 -38.94 35.73 39.31
N LYS B 201 -40.06 35.49 38.63
CA LYS B 201 -41.40 35.76 39.19
C LYS B 201 -41.71 34.93 40.43
N ARG B 202 -41.41 33.64 40.37
CA ARG B 202 -41.74 32.69 41.42
C ARG B 202 -40.64 32.59 42.48
N ARG B 203 -39.76 33.58 42.53
CA ARG B 203 -38.61 33.58 43.45
C ARG B 203 -37.99 32.19 43.70
N ILE B 204 -37.93 31.36 42.66
CA ILE B 204 -37.30 30.04 42.73
C ILE B 204 -35.82 30.14 43.07
N ASP B 205 -35.30 29.24 43.91
CA ASP B 205 -33.91 29.39 44.36
C ASP B 205 -32.82 28.78 43.44
N VAL B 206 -32.89 29.12 42.16
CA VAL B 206 -31.81 28.88 41.20
C VAL B 206 -31.29 30.23 40.74
N VAL B 207 -30.01 30.29 40.38
CA VAL B 207 -29.44 31.48 39.75
C VAL B 207 -29.41 31.28 38.24
N THR B 208 -30.01 32.19 37.48
CA THR B 208 -30.15 31.98 36.03
C THR B 208 -29.12 32.70 35.16
N ILE B 209 -28.89 32.16 33.96
CA ILE B 209 -28.01 32.77 32.95
C ILE B 209 -28.65 32.64 31.56
N PHE B 210 -28.69 33.72 30.80
CA PHE B 210 -29.25 33.64 29.45
C PHE B 210 -28.25 34.07 28.38
N THR B 211 -27.94 33.15 27.48
CA THR B 211 -27.03 33.42 26.38
C THR B 211 -27.77 33.48 25.05
N THR B 212 -27.64 34.58 24.34
CA THR B 212 -28.29 34.66 23.04
C THR B 212 -27.24 34.64 21.92
N HIS B 213 -27.49 33.80 20.91
CA HIS B 213 -26.52 33.56 19.85
C HIS B 213 -26.87 34.36 18.60
N ALA B 214 -27.71 35.37 18.78
CA ALA B 214 -28.23 36.17 17.68
C ALA B 214 -29.47 36.83 18.23
N THR B 215 -30.03 37.79 17.52
CA THR B 215 -31.29 38.37 17.94
C THR B 215 -32.29 38.22 16.81
N LEU B 216 -33.58 38.23 17.14
CA LEU B 216 -34.60 38.06 16.12
C LEU B 216 -34.62 39.25 15.19
N LEU B 217 -34.60 40.44 15.76
CA LEU B 217 -34.55 41.64 14.95
C LEU B 217 -33.29 41.68 14.10
N GLY B 218 -32.15 41.40 14.71
CA GLY B 218 -30.91 41.23 13.96
C GLY B 218 -31.11 40.45 12.65
N ARG B 219 -31.46 39.18 12.76
CA ARG B 219 -31.66 38.35 11.57
C ARG B 219 -32.62 39.01 10.59
N TYR B 220 -33.87 39.25 11.02
CA TYR B 220 -34.92 39.75 10.14
C TYR B 220 -34.59 41.08 9.46
N LEU B 221 -33.87 41.95 10.17
CA LEU B 221 -33.48 43.24 9.59
C LEU B 221 -32.47 43.09 8.47
N CYS B 222 -31.52 42.17 8.62
CA CYS B 222 -30.49 41.95 7.62
C CYS B 222 -30.89 40.95 6.54
N ALA B 223 -32.18 40.65 6.43
CA ALA B 223 -32.65 39.66 5.45
C ALA B 223 -33.14 40.29 4.14
N SER B 224 -33.09 41.62 4.05
CA SER B 224 -33.40 42.30 2.79
C SER B 224 -32.12 42.77 2.07
N GLY B 225 -31.57 43.92 2.47
CA GLY B 225 -30.31 44.37 1.88
C GLY B 225 -29.99 45.84 2.11
N ASP B 228 -30.11 48.22 5.42
CA ASP B 228 -28.93 48.55 6.23
C ASP B 228 -29.16 48.33 7.74
N PHE B 229 -28.05 48.19 8.47
CA PHE B 229 -28.07 47.67 9.84
C PHE B 229 -27.08 48.38 10.77
N TYR B 230 -25.84 47.89 10.79
CA TYR B 230 -24.85 48.28 11.79
C TYR B 230 -24.65 49.77 12.08
N ASN B 231 -25.26 50.63 11.26
CA ASN B 231 -25.22 52.08 11.49
C ASN B 231 -26.50 52.54 12.15
N CYS B 232 -27.60 52.44 11.41
CA CYS B 232 -28.88 52.91 11.92
C CYS B 232 -29.64 51.88 12.75
N LEU B 233 -28.93 50.97 13.42
CA LEU B 233 -29.60 49.99 14.26
C LEU B 233 -29.92 50.58 15.63
N GLU B 234 -29.17 51.60 16.00
CA GLU B 234 -29.34 52.22 17.32
C GLU B 234 -30.45 53.28 17.31
N SER B 235 -31.31 53.24 16.29
CA SER B 235 -32.30 54.29 16.11
C SER B 235 -33.60 53.75 15.53
N VAL B 236 -33.81 52.45 15.63
CA VAL B 236 -35.05 51.87 15.15
C VAL B 236 -36.05 51.65 16.28
N ASP B 237 -37.34 51.78 15.97
CA ASP B 237 -38.39 51.51 16.95
C ASP B 237 -38.62 50.00 17.03
N VAL B 238 -37.92 49.35 17.95
CA VAL B 238 -37.96 47.91 18.08
C VAL B 238 -39.39 47.39 18.14
N ASP B 239 -40.23 48.02 18.95
CA ASP B 239 -41.63 47.62 19.06
C ASP B 239 -42.35 47.62 17.71
N HIS B 240 -42.04 48.62 16.88
CA HIS B 240 -42.68 48.77 15.58
C HIS B 240 -42.10 47.84 14.51
N GLU B 241 -40.77 47.68 14.53
CA GLU B 241 -40.08 46.80 13.60
C GLU B 241 -40.46 45.35 13.83
N ALA B 242 -40.46 44.92 15.08
CA ALA B 242 -40.93 43.57 15.41
C ALA B 242 -42.32 43.36 14.86
N GLY B 243 -43.22 44.30 15.17
CA GLY B 243 -44.58 44.25 14.64
C GLY B 243 -44.58 44.09 13.14
N ARG B 244 -43.72 44.85 12.46
CA ARG B 244 -43.66 44.84 11.00
C ARG B 244 -43.34 43.48 10.40
N PHE B 245 -42.67 42.62 11.16
CA PHE B 245 -42.30 41.29 10.66
C PHE B 245 -43.22 40.20 11.18
N GLY B 246 -44.22 40.58 11.98
CA GLY B 246 -45.12 39.62 12.60
C GLY B 246 -44.33 38.74 13.54
N ILE B 247 -43.60 39.39 14.44
CA ILE B 247 -42.55 38.78 15.21
C ILE B 247 -42.66 39.27 16.65
N TYR B 248 -43.65 40.11 16.90
CA TYR B 248 -43.74 40.77 18.20
C TYR B 248 -43.68 39.83 19.41
N HIS B 249 -44.46 38.76 19.40
CA HIS B 249 -44.51 37.83 20.53
C HIS B 249 -43.19 37.12 20.75
N ARG B 250 -42.61 36.68 19.65
CA ARG B 250 -41.27 36.11 19.68
C ARG B 250 -40.27 37.13 20.21
N TYR B 251 -40.36 38.36 19.71
CA TYR B 251 -39.48 39.40 20.20
C TYR B 251 -39.62 39.56 21.71
N CYS B 252 -40.85 39.52 22.21
CA CYS B 252 -41.10 39.67 23.64
C CYS B 252 -40.43 38.59 24.47
N ILE B 253 -40.61 37.33 24.05
CA ILE B 253 -39.96 36.20 24.69
C ILE B 253 -38.45 36.41 24.75
N GLU B 254 -37.86 36.86 23.66
CA GLU B 254 -36.43 37.09 23.63
C GLU B 254 -35.98 38.22 24.59
N ARG B 255 -36.75 39.30 24.65
CA ARG B 255 -36.44 40.40 25.57
C ARG B 255 -36.65 39.95 27.02
N ALA B 256 -37.83 39.38 27.27
CA ALA B 256 -38.20 38.90 28.60
C ALA B 256 -37.09 38.04 29.18
N ALA B 257 -36.58 37.11 28.38
CA ALA B 257 -35.51 36.22 28.82
C ALA B 257 -34.26 37.03 29.13
N ALA B 258 -33.99 38.05 28.32
CA ALA B 258 -32.78 38.84 28.47
C ALA B 258 -32.77 39.68 29.74
N HIS B 259 -33.95 40.08 30.21
CA HIS B 259 -34.05 40.88 31.43
C HIS B 259 -34.22 40.07 32.73
N SER B 260 -34.81 38.88 32.64
CA SER B 260 -35.07 38.08 33.84
C SER B 260 -33.88 37.25 34.27
N ALA B 261 -32.87 37.15 33.42
CA ALA B 261 -31.67 36.40 33.77
C ALA B 261 -30.87 37.16 34.81
N ASP B 262 -30.14 36.44 35.65
CA ASP B 262 -29.28 37.12 36.60
C ASP B 262 -27.99 37.58 35.92
N VAL B 263 -27.56 36.80 34.93
CA VAL B 263 -26.46 37.16 34.05
C VAL B 263 -26.96 37.07 32.62
N PHE B 264 -26.81 38.16 31.85
CA PHE B 264 -27.19 38.15 30.43
C PHE B 264 -25.97 38.17 29.51
N THR B 265 -25.91 37.25 28.55
CA THR B 265 -24.71 37.18 27.70
C THR B 265 -25.00 36.92 26.23
N THR B 266 -23.98 37.12 25.39
CA THR B 266 -24.01 36.76 23.97
C THR B 266 -22.70 36.12 23.56
N VAL B 267 -22.67 35.56 22.35
CA VAL B 267 -21.51 34.80 21.90
C VAL B 267 -20.36 35.68 21.46
N SER B 268 -20.62 36.93 21.14
CA SER B 268 -19.59 37.76 20.55
C SER B 268 -19.76 39.24 20.83
N GLN B 269 -18.65 39.96 20.74
CA GLN B 269 -18.67 41.39 20.98
C GLN B 269 -19.66 42.11 20.07
N ILE B 270 -19.63 41.77 18.79
CA ILE B 270 -20.46 42.46 17.82
C ILE B 270 -21.94 42.21 18.11
N THR B 271 -22.26 41.00 18.57
CA THR B 271 -23.65 40.66 18.87
C THR B 271 -24.11 41.39 20.12
N ALA B 272 -23.20 41.52 21.10
CA ALA B 272 -23.49 42.27 22.31
C ALA B 272 -23.79 43.74 22.02
N PHE B 273 -23.33 44.22 20.87
CA PHE B 273 -23.66 45.57 20.44
C PHE B 273 -25.09 45.64 19.88
N GLU B 274 -25.43 44.65 19.07
CA GLU B 274 -26.78 44.56 18.50
C GLU B 274 -27.79 44.20 19.61
N ALA B 275 -27.34 43.41 20.58
CA ALA B 275 -28.18 43.02 21.72
C ALA B 275 -28.55 44.21 22.59
N GLU B 276 -27.53 44.93 23.04
CA GLU B 276 -27.75 46.12 23.85
C GLU B 276 -28.82 47.07 23.31
N HIS B 277 -28.86 47.26 22.00
CA HIS B 277 -29.79 48.24 21.45
C HIS B 277 -31.10 47.65 20.98
N LEU B 278 -31.09 46.36 20.67
CA LEU B 278 -32.29 45.70 20.18
C LEU B 278 -33.13 45.07 21.30
N LEU B 279 -32.47 44.60 22.35
CA LEU B 279 -33.17 43.99 23.48
C LEU B 279 -33.13 44.88 24.73
N LYS B 280 -32.40 45.97 24.65
CA LYS B 280 -32.42 46.99 25.69
C LYS B 280 -31.81 46.55 27.01
N ARG B 281 -30.86 45.62 26.96
CA ARG B 281 -30.02 45.31 28.11
C ARG B 281 -28.57 45.06 27.68
N LYS B 282 -27.64 45.80 28.28
CA LYS B 282 -26.24 45.59 27.96
C LYS B 282 -25.71 44.28 28.57
N PRO B 283 -25.29 43.35 27.71
CA PRO B 283 -24.73 42.06 28.14
C PRO B 283 -23.68 42.23 29.21
N ASP B 284 -23.68 41.36 30.21
CA ASP B 284 -22.67 41.40 31.27
C ASP B 284 -21.39 40.75 30.80
N GLY B 285 -21.40 40.23 29.58
CA GLY B 285 -20.23 39.51 29.09
C GLY B 285 -20.44 38.75 27.81
N ILE B 286 -19.38 38.05 27.39
CA ILE B 286 -19.31 37.41 26.09
C ILE B 286 -18.88 35.98 26.29
N LEU B 287 -19.55 35.06 25.60
CA LEU B 287 -19.20 33.64 25.70
C LEU B 287 -18.84 33.05 24.33
N PRO B 288 -17.64 33.40 23.82
CA PRO B 288 -17.22 33.03 22.47
C PRO B 288 -17.14 31.51 22.33
N ASN B 289 -17.52 30.99 21.16
CA ASN B 289 -17.56 29.55 20.94
C ASN B 289 -16.19 28.94 20.66
N GLY B 290 -15.77 28.02 21.51
CA GLY B 290 -14.52 27.33 21.29
C GLY B 290 -14.78 26.02 20.59
N LEU B 291 -13.72 25.26 20.28
CA LEU B 291 -13.85 23.99 19.60
C LEU B 291 -13.11 22.91 20.35
N ASN B 292 -13.37 21.67 19.97
CA ASN B 292 -12.59 20.54 20.46
C ASN B 292 -11.37 20.30 19.56
N VAL B 293 -10.32 21.09 19.75
CA VAL B 293 -9.20 21.15 18.81
C VAL B 293 -8.58 19.80 18.42
N ILE B 294 -8.49 18.89 19.38
CA ILE B 294 -7.98 17.55 19.11
C ILE B 294 -8.75 16.91 17.95
N LYS B 295 -10.06 17.16 17.92
CA LYS B 295 -10.97 16.57 16.93
C LYS B 295 -10.52 16.82 15.47
N PHE B 296 -9.63 17.80 15.29
CA PHE B 296 -9.12 18.11 13.95
C PHE B 296 -7.71 17.52 13.74
N GLN B 297 -6.75 17.89 14.57
CA GLN B 297 -5.42 17.31 14.50
C GLN B 297 -5.27 16.11 15.45
N LEU B 305 0.40 17.22 5.37
CA LEU B 305 -0.99 16.99 4.95
C LEU B 305 -1.43 17.94 3.84
N HIS B 306 -0.98 19.19 3.90
CA HIS B 306 -1.40 20.17 2.91
C HIS B 306 -1.07 19.70 1.51
N ALA B 307 0.20 19.39 1.28
CA ALA B 307 0.66 18.96 -0.04
C ALA B 307 -0.16 17.77 -0.47
N LEU B 308 -0.25 16.80 0.42
CA LEU B 308 -0.92 15.56 0.08
C LEU B 308 -2.37 15.80 -0.38
N LYS B 309 -3.06 16.74 0.26
CA LYS B 309 -4.48 17.01 -0.02
C LYS B 309 -4.65 18.00 -1.18
N LYS B 310 -3.71 18.93 -1.30
CA LYS B 310 -3.69 19.86 -2.43
C LYS B 310 -3.57 19.08 -3.74
N GLU B 311 -3.05 17.86 -3.68
CA GLU B 311 -2.87 17.06 -4.88
C GLU B 311 -4.19 16.52 -5.40
N LYS B 312 -5.11 16.26 -4.48
CA LYS B 312 -6.44 15.79 -4.85
C LYS B 312 -7.24 16.91 -5.53
N ILE B 313 -6.98 18.14 -5.10
CA ILE B 313 -7.63 19.31 -5.69
C ILE B 313 -7.01 19.60 -7.04
N ASN B 314 -5.71 19.29 -7.16
CA ASN B 314 -5.05 19.35 -8.45
C ASN B 314 -5.68 18.38 -9.46
N ASP B 315 -5.96 17.16 -9.01
CA ASP B 315 -6.59 16.17 -9.90
C ASP B 315 -7.94 16.67 -10.39
N PHE B 316 -8.69 17.31 -9.49
CA PHE B 316 -9.98 17.81 -9.89
C PHE B 316 -9.84 18.92 -10.93
N VAL B 317 -9.00 19.91 -10.63
CA VAL B 317 -8.81 21.05 -11.52
C VAL B 317 -8.41 20.61 -12.92
N ARG B 318 -7.61 19.55 -13.02
CA ARG B 318 -7.16 19.07 -14.33
C ARG B 318 -8.29 18.44 -15.12
N GLY B 319 -9.19 17.75 -14.43
CA GLY B 319 -10.31 17.12 -15.08
C GLY B 319 -11.36 18.14 -15.45
N HIS B 320 -11.28 19.31 -14.85
CA HIS B 320 -12.31 20.33 -15.06
C HIS B 320 -11.90 21.29 -16.18
N PHE B 321 -10.62 21.61 -16.23
CA PHE B 321 -10.09 22.45 -17.29
C PHE B 321 -9.48 21.62 -18.41
N HIS B 322 -9.91 20.37 -18.53
CA HIS B 322 -9.39 19.49 -19.58
C HIS B 322 -9.63 20.12 -20.94
N GLY B 323 -8.63 20.07 -21.79
CA GLY B 323 -8.83 20.60 -23.12
C GLY B 323 -8.52 22.08 -23.22
N CYS B 324 -8.38 22.73 -22.08
CA CYS B 324 -7.77 24.06 -22.08
C CYS B 324 -7.09 24.33 -20.76
N PHE B 325 -6.08 23.51 -20.48
CA PHE B 325 -5.27 23.65 -19.29
C PHE B 325 -4.03 24.43 -19.65
N ASP B 326 -4.07 25.74 -19.41
CA ASP B 326 -3.06 26.66 -19.90
C ASP B 326 -2.37 27.43 -18.78
N PHE B 327 -2.37 26.86 -17.57
CA PHE B 327 -1.76 27.55 -16.43
C PHE B 327 -0.99 26.59 -15.53
N ASP B 328 -0.02 27.11 -14.80
CA ASP B 328 0.88 26.27 -14.01
C ASP B 328 0.35 26.06 -12.60
N LEU B 329 -0.03 24.84 -12.27
CA LEU B 329 -0.53 24.55 -10.93
C LEU B 329 0.46 24.94 -9.85
N ASP B 330 1.76 24.75 -10.13
CA ASP B 330 2.81 25.16 -9.21
C ASP B 330 2.82 26.66 -9.04
N ASN B 331 1.98 27.34 -9.81
CA ASN B 331 1.88 28.78 -9.71
C ASN B 331 0.43 29.21 -9.59
N THR B 332 -0.42 28.31 -9.08
CA THR B 332 -1.81 28.65 -8.81
C THR B 332 -2.19 28.51 -7.33
N LEU B 333 -3.13 29.36 -6.91
CA LEU B 333 -3.58 29.42 -5.53
C LEU B 333 -5.07 29.10 -5.44
N TYR B 334 -5.42 28.33 -4.42
CA TYR B 334 -6.81 27.95 -4.22
C TYR B 334 -7.48 28.82 -3.15
N PHE B 335 -8.50 29.56 -3.54
CA PHE B 335 -9.26 30.36 -2.59
C PHE B 335 -10.59 29.67 -2.40
N PHE B 336 -11.16 29.74 -1.21
CA PHE B 336 -12.50 29.17 -1.01
C PHE B 336 -13.40 29.91 -0.03
N ILE B 337 -14.71 29.86 -0.28
CA ILE B 337 -15.70 30.27 0.69
C ILE B 337 -16.64 29.10 0.92
N ALA B 338 -17.14 28.95 2.15
CA ALA B 338 -18.01 27.81 2.46
C ALA B 338 -19.04 28.15 3.54
N GLY B 339 -20.06 27.30 3.66
CA GLY B 339 -21.04 27.45 4.73
C GLY B 339 -22.46 27.35 4.21
N ARG B 340 -23.41 27.76 5.03
CA ARG B 340 -24.80 27.81 4.60
C ARG B 340 -24.98 28.77 3.42
N TYR B 341 -25.88 28.41 2.51
CA TYR B 341 -26.15 29.27 1.36
C TYR B 341 -26.97 30.45 1.85
N GLU B 342 -26.27 31.46 2.34
CA GLU B 342 -26.88 32.74 2.72
C GLU B 342 -26.19 33.84 1.93
N TYR B 343 -26.68 34.07 0.72
CA TYR B 343 -26.00 34.92 -0.25
C TYR B 343 -25.50 36.23 0.37
N LYS B 344 -26.43 37.05 0.85
CA LYS B 344 -26.06 38.35 1.43
C LYS B 344 -25.24 38.25 2.72
N ASN B 345 -25.76 37.52 3.70
CA ASN B 345 -25.17 37.45 5.05
C ASN B 345 -23.78 36.83 5.11
N LYS B 346 -23.54 35.80 4.30
CA LYS B 346 -22.24 35.13 4.29
C LYS B 346 -21.26 35.92 3.43
N GLY B 347 -21.77 36.95 2.76
CA GLY B 347 -20.94 37.80 1.92
C GLY B 347 -20.45 37.06 0.68
N ALA B 348 -21.35 36.28 0.08
CA ALA B 348 -21.03 35.55 -1.13
C ALA B 348 -20.93 36.58 -2.24
N ASP B 349 -21.78 37.59 -2.16
CA ASP B 349 -21.76 38.72 -3.10
C ASP B 349 -20.40 39.44 -3.04
N MET B 350 -20.04 39.98 -1.87
CA MET B 350 -18.73 40.61 -1.75
C MET B 350 -17.63 39.73 -2.32
N PHE B 351 -17.68 38.43 -2.02
CA PHE B 351 -16.64 37.49 -2.49
C PHE B 351 -16.48 37.53 -4.01
N ILE B 352 -17.56 37.25 -4.73
CA ILE B 352 -17.52 37.12 -6.19
C ILE B 352 -17.13 38.44 -6.81
N GLU B 353 -17.74 39.51 -6.33
CA GLU B 353 -17.39 40.85 -6.76
C GLU B 353 -15.88 41.09 -6.61
N ALA B 354 -15.37 40.91 -5.42
CA ALA B 354 -13.96 41.16 -5.16
C ALA B 354 -13.07 40.33 -6.05
N LEU B 355 -13.54 39.16 -6.45
CA LEU B 355 -12.74 38.29 -7.31
C LEU B 355 -12.70 38.86 -8.72
N ALA B 356 -13.82 39.36 -9.21
CA ALA B 356 -13.83 40.02 -10.50
C ALA B 356 -12.81 41.16 -10.50
N ARG B 357 -12.82 41.95 -9.44
CA ARG B 357 -11.90 43.06 -9.31
C ARG B 357 -10.45 42.61 -9.08
N LEU B 358 -10.26 41.40 -8.57
CA LEU B 358 -8.93 40.87 -8.39
C LEU B 358 -8.44 40.35 -9.73
N ASN B 359 -9.39 40.06 -10.61
CA ASN B 359 -9.08 39.49 -11.92
C ASN B 359 -8.49 40.57 -12.82
N TYR B 360 -9.12 41.74 -12.81
CA TYR B 360 -8.63 42.94 -13.49
C TYR B 360 -7.21 43.23 -13.00
N ARG B 361 -7.10 43.68 -11.76
CA ARG B 361 -5.81 43.95 -11.15
C ARG B 361 -4.71 42.97 -11.58
N LEU B 362 -5.07 41.70 -11.71
CA LEU B 362 -4.10 40.65 -12.03
C LEU B 362 -3.70 40.63 -13.51
N LYS B 363 -4.66 40.90 -14.37
CA LYS B 363 -4.37 41.04 -15.78
C LYS B 363 -3.48 42.27 -15.98
N VAL B 364 -4.02 43.46 -15.72
CA VAL B 364 -3.26 44.71 -15.76
C VAL B 364 -1.84 44.60 -15.17
N SER B 365 -1.71 43.97 -14.01
CA SER B 365 -0.39 43.87 -13.40
C SER B 365 0.46 42.82 -14.14
N GLY B 366 -0.12 42.28 -15.23
CA GLY B 366 0.50 41.19 -15.96
C GLY B 366 1.08 40.14 -15.05
N SER B 367 0.24 39.54 -14.22
CA SER B 367 0.74 38.55 -13.25
C SER B 367 0.80 37.16 -13.86
N LYS B 368 1.66 36.34 -13.26
CA LYS B 368 2.02 35.02 -13.77
C LYS B 368 1.20 33.95 -13.06
N LYS B 369 0.53 34.36 -11.99
CA LYS B 369 -0.15 33.43 -11.11
C LYS B 369 -1.63 33.26 -11.45
N THR B 370 -2.23 32.20 -10.93
CA THR B 370 -3.65 31.92 -11.18
C THR B 370 -4.40 31.60 -9.89
N VAL B 371 -5.60 32.15 -9.77
CA VAL B 371 -6.41 31.87 -8.60
C VAL B 371 -7.63 31.04 -8.98
N VAL B 372 -7.74 29.83 -8.45
CA VAL B 372 -8.95 29.04 -8.66
C VAL B 372 -9.80 29.11 -7.40
N ALA B 373 -10.98 29.72 -7.51
CA ALA B 373 -11.80 30.05 -6.34
C ALA B 373 -13.08 29.22 -6.25
N PHE B 374 -13.18 28.41 -5.20
CA PHE B 374 -14.34 27.53 -4.99
C PHE B 374 -15.38 28.18 -4.10
N ILE B 375 -16.65 27.98 -4.45
CA ILE B 375 -17.75 28.35 -3.58
C ILE B 375 -18.45 27.05 -3.18
N VAL B 376 -18.24 26.63 -1.94
CA VAL B 376 -18.89 25.40 -1.46
C VAL B 376 -20.07 25.75 -0.56
N MET B 377 -21.25 25.84 -1.17
CA MET B 377 -22.49 26.24 -0.51
C MET B 377 -23.66 25.50 -1.14
N PRO B 378 -24.30 24.60 -0.38
CA PRO B 378 -25.31 23.65 -0.87
C PRO B 378 -26.59 24.32 -1.37
N ALA B 379 -27.08 23.84 -2.51
CA ALA B 379 -28.26 24.40 -3.16
C ALA B 379 -29.04 23.25 -3.75
N LYS B 380 -30.33 23.48 -4.00
CA LYS B 380 -31.14 22.53 -4.75
C LYS B 380 -30.41 22.15 -6.04
N ASN B 381 -30.07 20.88 -6.19
CA ASN B 381 -29.37 20.40 -7.39
C ASN B 381 -29.81 19.00 -7.81
N ASN B 382 -29.47 18.63 -9.04
CA ASN B 382 -29.79 17.30 -9.55
C ASN B 382 -28.50 16.50 -9.81
N SER B 383 -27.57 16.57 -8.87
CA SER B 383 -26.29 15.88 -8.99
C SER B 383 -25.40 16.50 -10.07
N PHE B 384 -24.32 15.80 -10.41
CA PHE B 384 -23.27 16.37 -11.27
C PHE B 384 -23.68 16.53 -12.73
N THR B 385 -23.20 17.60 -13.35
CA THR B 385 -23.41 17.82 -14.77
C THR B 385 -22.69 16.78 -15.61
N VAL B 386 -23.38 16.25 -16.61
CA VAL B 386 -22.77 15.31 -17.53
C VAL B 386 -21.39 15.80 -17.96
N GLU B 387 -21.29 17.11 -18.17
CA GLU B 387 -20.04 17.72 -18.61
C GLU B 387 -18.92 17.51 -17.57
N ALA B 388 -19.19 17.85 -16.32
CA ALA B 388 -18.18 17.76 -15.28
C ALA B 388 -17.77 16.30 -15.01
N LEU B 389 -18.73 15.40 -15.14
CA LEU B 389 -18.45 13.99 -14.94
C LEU B 389 -17.51 13.46 -16.01
N LYS B 390 -17.68 13.92 -17.24
CA LYS B 390 -16.84 13.46 -18.35
C LYS B 390 -15.41 13.90 -18.14
N GLY B 391 -15.22 15.19 -17.91
CA GLY B 391 -13.89 15.72 -17.67
C GLY B 391 -13.09 14.79 -16.76
N GLN B 392 -13.67 14.43 -15.62
CA GLN B 392 -12.94 13.66 -14.63
C GLN B 392 -12.65 12.26 -15.08
N ALA B 393 -13.59 11.65 -15.77
CA ALA B 393 -13.40 10.29 -16.27
C ALA B 393 -12.32 10.18 -17.36
N GLU B 394 -12.30 11.13 -18.29
CA GLU B 394 -11.33 11.09 -19.38
C GLU B 394 -9.92 11.35 -18.86
N VAL B 395 -9.81 12.19 -17.82
CA VAL B 395 -8.52 12.54 -17.28
C VAL B 395 -8.05 11.44 -16.35
N ARG B 396 -8.97 10.57 -15.97
CA ARG B 396 -8.60 9.44 -15.16
C ARG B 396 -8.08 8.33 -16.08
N ALA B 397 -8.72 8.16 -17.23
CA ALA B 397 -8.26 7.18 -18.19
C ALA B 397 -6.85 7.54 -18.68
N LEU B 398 -6.56 8.84 -18.72
CA LEU B 398 -5.25 9.29 -19.18
C LEU B 398 -4.21 8.82 -18.18
N GLU B 399 -4.44 9.13 -16.91
CA GLU B 399 -3.58 8.67 -15.82
C GLU B 399 -3.37 7.17 -15.88
N ASN B 400 -4.46 6.42 -16.05
CA ASN B 400 -4.37 4.97 -16.16
C ASN B 400 -3.50 4.51 -17.32
N THR B 401 -3.70 5.12 -18.49
CA THR B 401 -2.98 4.72 -19.68
C THR B 401 -1.51 5.12 -19.58
N VAL B 402 -1.23 6.33 -19.09
CA VAL B 402 0.13 6.77 -18.95
C VAL B 402 0.84 5.80 -18.03
N HIS B 403 0.20 5.51 -16.90
CA HIS B 403 0.76 4.56 -15.92
C HIS B 403 1.05 3.19 -16.52
N GLU B 404 0.09 2.63 -17.25
CA GLU B 404 0.32 1.36 -17.94
C GLU B 404 1.50 1.45 -18.89
N VAL B 405 1.57 2.54 -19.65
CA VAL B 405 2.64 2.72 -20.63
C VAL B 405 4.00 2.90 -19.98
N THR B 406 4.07 3.70 -18.92
CA THR B 406 5.36 3.89 -18.27
C THR B 406 5.88 2.62 -17.58
N THR B 407 5.00 1.82 -16.97
CA THR B 407 5.54 0.60 -16.40
C THR B 407 6.09 -0.34 -17.47
N SER B 408 5.48 -0.34 -18.66
CA SER B 408 6.05 -1.06 -19.80
C SER B 408 7.48 -0.62 -20.12
N ILE B 409 7.68 0.69 -20.26
CA ILE B 409 9.01 1.21 -20.50
C ILE B 409 9.92 0.69 -19.39
N GLY B 410 9.46 0.82 -18.15
CA GLY B 410 10.20 0.31 -17.02
C GLY B 410 10.69 -1.12 -17.25
N LYS B 411 9.76 -2.02 -17.54
CA LYS B 411 10.12 -3.41 -17.77
C LYS B 411 11.16 -3.52 -18.87
N ARG B 412 11.01 -2.73 -19.93
CA ARG B 412 11.91 -2.84 -21.07
C ARG B 412 13.30 -2.23 -20.84
N ILE B 413 13.36 -1.08 -20.18
CA ILE B 413 14.65 -0.49 -19.83
C ILE B 413 15.42 -1.43 -18.91
N PHE B 414 14.75 -1.91 -17.87
CA PHE B 414 15.38 -2.81 -16.91
C PHE B 414 15.86 -4.08 -17.59
N ASP B 415 14.98 -4.75 -18.32
CA ASP B 415 15.35 -6.03 -18.90
C ASP B 415 16.57 -5.87 -19.79
N HIS B 416 16.71 -4.68 -20.38
CA HIS B 416 17.85 -4.39 -21.22
C HIS B 416 19.13 -4.30 -20.40
N ALA B 417 19.07 -3.55 -19.31
CA ALA B 417 20.24 -3.33 -18.49
C ALA B 417 20.71 -4.62 -17.83
N ILE B 418 19.77 -5.50 -17.51
CA ILE B 418 20.13 -6.70 -16.80
C ILE B 418 20.71 -7.74 -17.76
N ARG B 419 20.25 -7.72 -19.01
CA ARG B 419 20.68 -8.70 -20.00
C ARG B 419 22.04 -8.34 -20.56
N TYR B 420 22.49 -7.12 -20.24
CA TYR B 420 23.75 -6.60 -20.75
C TYR B 420 24.95 -7.45 -20.35
N PRO B 421 25.84 -7.72 -21.32
CA PRO B 421 25.71 -7.25 -22.71
C PRO B 421 24.63 -8.01 -23.51
N GLU B 435 13.30 4.82 -29.76
CA GLU B 435 11.87 4.74 -29.45
C GLU B 435 11.55 3.53 -28.56
N LEU B 436 11.27 3.81 -27.29
CA LEU B 436 10.97 2.80 -26.27
C LEU B 436 9.49 2.51 -26.22
N LEU B 437 8.71 3.43 -26.78
CA LEU B 437 7.27 3.28 -26.94
C LEU B 437 7.00 2.45 -28.17
N LYS B 438 6.39 1.29 -28.02
CA LYS B 438 5.97 0.59 -29.23
C LYS B 438 4.81 1.35 -29.85
N SER B 439 4.40 0.95 -31.05
CA SER B 439 3.30 1.63 -31.72
C SER B 439 1.98 1.32 -31.01
N SER B 440 1.91 0.11 -30.45
CA SER B 440 0.75 -0.30 -29.67
C SER B 440 0.42 0.72 -28.56
N ASP B 441 1.46 1.21 -27.89
CA ASP B 441 1.29 2.13 -26.78
C ASP B 441 1.02 3.53 -27.31
N LYS B 442 1.66 3.86 -28.44
CA LYS B 442 1.42 5.14 -29.08
C LYS B 442 -0.07 5.31 -29.36
N VAL B 443 -0.70 4.24 -29.84
CA VAL B 443 -2.10 4.31 -30.25
C VAL B 443 -3.06 4.61 -29.10
N MET B 444 -2.98 3.83 -28.01
CA MET B 444 -3.82 4.17 -26.85
C MET B 444 -3.46 5.53 -26.21
N LEU B 445 -2.19 5.88 -26.18
CA LEU B 445 -1.80 7.22 -25.75
C LEU B 445 -2.54 8.28 -26.59
N LYS B 446 -2.54 8.10 -27.91
CA LYS B 446 -3.08 9.10 -28.83
C LYS B 446 -4.58 9.21 -28.62
N ARG B 447 -5.23 8.07 -28.52
CA ARG B 447 -6.65 8.04 -28.26
C ARG B 447 -7.04 8.82 -27.00
N ARG B 448 -6.36 8.53 -25.89
CA ARG B 448 -6.66 9.19 -24.63
C ARG B 448 -6.42 10.72 -24.64
N ILE B 449 -5.42 11.21 -25.36
CA ILE B 449 -5.20 12.65 -25.53
C ILE B 449 -6.29 13.30 -26.41
N LEU B 450 -6.81 12.52 -27.36
CA LEU B 450 -7.82 13.01 -28.28
C LEU B 450 -9.14 13.19 -27.58
N ALA B 451 -9.35 12.42 -26.52
CA ALA B 451 -10.60 12.49 -25.79
C ALA B 451 -10.66 13.72 -24.89
N LEU B 452 -9.55 14.42 -24.76
CA LEU B 452 -9.50 15.60 -23.91
C LEU B 452 -9.89 16.86 -24.67
N ARG B 453 -9.73 16.83 -26.00
CA ARG B 453 -10.13 17.93 -26.87
C ARG B 453 -11.54 18.33 -26.47
N ARG B 454 -11.78 19.62 -26.28
CA ARG B 454 -13.15 20.09 -26.01
C ARG B 454 -13.71 20.99 -27.11
N PRO B 455 -15.01 20.81 -27.42
CA PRO B 455 -15.80 21.55 -28.41
C PRO B 455 -15.33 23.00 -28.56
N GLU B 456 -15.07 23.43 -29.79
CA GLU B 456 -14.46 24.75 -30.00
C GLU B 456 -15.32 25.86 -29.39
N GLY B 457 -14.65 26.80 -28.72
CA GLY B 457 -15.32 27.90 -28.07
C GLY B 457 -16.02 27.58 -26.75
N GLN B 458 -16.10 26.30 -26.40
CA GLN B 458 -16.69 25.89 -25.12
C GLN B 458 -15.70 26.10 -23.97
N LEU B 459 -16.18 26.64 -22.86
CA LEU B 459 -15.33 26.97 -21.74
C LEU B 459 -15.59 26.05 -20.54
N PRO B 460 -14.63 26.00 -19.60
CA PRO B 460 -14.79 25.22 -18.36
C PRO B 460 -15.93 25.79 -17.51
N PRO B 461 -16.94 24.95 -17.20
CA PRO B 461 -18.17 25.34 -16.48
C PRO B 461 -17.89 26.10 -15.19
N ILE B 462 -18.76 27.04 -14.85
CA ILE B 462 -18.65 27.74 -13.57
C ILE B 462 -19.38 26.98 -12.48
N VAL B 463 -19.97 25.83 -12.82
CA VAL B 463 -20.69 25.06 -11.83
C VAL B 463 -20.56 23.55 -12.08
N THR B 464 -20.49 22.77 -11.00
CA THR B 464 -20.27 21.34 -11.14
C THR B 464 -21.57 20.53 -11.17
N HIS B 465 -22.67 21.15 -10.80
CA HIS B 465 -23.95 20.43 -10.64
C HIS B 465 -25.07 20.92 -11.53
N ASN B 466 -26.10 20.09 -11.65
CA ASN B 466 -27.34 20.47 -12.30
C ASN B 466 -28.14 21.37 -11.35
N MET B 467 -28.20 22.67 -11.66
CA MET B 467 -29.00 23.58 -10.84
C MET B 467 -30.49 23.35 -11.05
N VAL B 468 -31.22 23.30 -9.93
CA VAL B 468 -32.68 23.21 -9.90
C VAL B 468 -33.26 24.63 -9.86
N ASP B 469 -32.81 25.50 -10.75
CA ASP B 469 -33.16 26.91 -10.72
C ASP B 469 -32.02 27.73 -11.26
N ASP B 470 -31.64 27.47 -12.49
CA ASP B 470 -30.48 28.11 -13.07
C ASP B 470 -30.74 29.60 -13.25
N ALA B 471 -32.02 29.94 -13.33
CA ALA B 471 -32.42 31.29 -13.73
C ALA B 471 -32.38 32.26 -12.56
N ASN B 472 -32.76 31.75 -11.39
CA ASN B 472 -32.98 32.59 -10.22
C ASN B 472 -31.92 32.50 -9.15
N ASP B 473 -30.93 31.62 -9.33
CA ASP B 473 -29.91 31.41 -8.31
C ASP B 473 -29.01 32.62 -8.07
N LEU B 474 -29.00 33.11 -6.83
CA LEU B 474 -28.30 34.34 -6.50
C LEU B 474 -26.82 34.29 -6.85
N ILE B 475 -26.18 33.16 -6.58
CA ILE B 475 -24.75 33.02 -6.87
C ILE B 475 -24.45 33.03 -8.37
N LEU B 476 -25.03 32.08 -9.11
CA LEU B 476 -24.81 32.02 -10.55
C LEU B 476 -25.01 33.39 -11.19
N ASN B 477 -26.17 34.00 -10.92
CA ASN B 477 -26.46 35.34 -11.47
C ASN B 477 -25.39 36.39 -11.14
N LYS B 478 -24.82 36.34 -9.95
CA LYS B 478 -23.76 37.28 -9.61
C LYS B 478 -22.50 37.01 -10.42
N ILE B 479 -22.18 35.73 -10.64
CA ILE B 479 -20.95 35.45 -11.39
C ILE B 479 -21.18 35.67 -12.89
N ARG B 480 -22.44 35.66 -13.31
CA ARG B 480 -22.78 36.08 -14.67
C ARG B 480 -22.59 37.60 -14.81
N GLN B 481 -23.27 38.35 -13.95
CA GLN B 481 -23.11 39.81 -13.89
C GLN B 481 -21.66 40.31 -14.02
N VAL B 482 -20.68 39.53 -13.58
CA VAL B 482 -19.29 39.99 -13.58
C VAL B 482 -18.46 39.27 -14.65
N GLN B 483 -19.10 38.32 -15.32
CA GLN B 483 -18.49 37.58 -16.42
C GLN B 483 -17.14 36.99 -16.06
N LEU B 484 -17.13 36.14 -15.04
CA LEU B 484 -16.00 35.25 -14.78
C LEU B 484 -16.44 33.92 -15.33
N PHE B 485 -15.98 33.60 -16.52
CA PHE B 485 -16.52 32.46 -17.26
C PHE B 485 -15.46 31.40 -17.56
N ASN B 486 -14.28 31.62 -17.00
CA ASN B 486 -13.19 30.64 -17.08
C ASN B 486 -12.47 30.57 -18.42
N SER B 487 -12.44 31.68 -19.15
CA SER B 487 -11.63 31.79 -20.36
C SER B 487 -10.16 31.98 -20.00
N PRO B 488 -9.25 31.67 -20.93
CA PRO B 488 -7.80 31.62 -20.65
C PRO B 488 -7.24 32.97 -20.21
N SER B 489 -7.82 34.05 -20.72
CA SER B 489 -7.41 35.40 -20.36
C SER B 489 -7.63 35.61 -18.87
N ASP B 490 -8.75 35.07 -18.37
CA ASP B 490 -9.18 35.19 -16.97
C ASP B 490 -8.18 34.58 -16.00
N ARG B 491 -7.63 35.41 -15.13
CA ARG B 491 -6.59 34.96 -14.24
C ARG B 491 -7.15 34.38 -12.93
N VAL B 492 -8.36 34.78 -12.56
CA VAL B 492 -9.06 34.08 -11.50
C VAL B 492 -10.19 33.24 -12.10
N LYS B 493 -10.10 31.93 -11.88
CA LYS B 493 -11.10 31.00 -12.37
C LYS B 493 -12.19 30.82 -11.30
N MET B 494 -13.31 30.23 -11.67
CA MET B 494 -14.47 30.20 -10.80
C MET B 494 -15.14 28.83 -10.77
N ILE B 495 -15.30 28.25 -9.58
CA ILE B 495 -15.94 26.95 -9.47
C ILE B 495 -16.97 26.95 -8.35
N PHE B 496 -18.24 26.83 -8.71
CA PHE B 496 -19.32 26.78 -7.74
C PHE B 496 -19.72 25.31 -7.53
N HIS B 497 -19.63 24.84 -6.29
CA HIS B 497 -19.94 23.43 -5.98
C HIS B 497 -21.07 23.36 -4.97
N PRO B 498 -22.33 23.41 -5.45
CA PRO B 498 -23.52 23.60 -4.63
C PRO B 498 -23.92 22.35 -3.85
N GLU B 499 -23.01 21.78 -3.08
CA GLU B 499 -23.29 20.53 -2.36
C GLU B 499 -22.17 20.29 -1.36
N PHE B 500 -22.50 19.60 -0.28
CA PHE B 500 -21.50 19.20 0.71
C PHE B 500 -20.43 18.34 0.05
N LEU B 501 -19.23 18.40 0.60
CA LEU B 501 -18.15 17.60 0.09
C LEU B 501 -18.10 16.26 0.82
N ASN B 502 -18.15 15.17 0.06
CA ASN B 502 -17.87 13.85 0.60
C ASN B 502 -16.75 13.22 -0.19
N ALA B 503 -15.89 12.47 0.48
CA ALA B 503 -14.70 11.90 -0.15
C ALA B 503 -15.03 10.90 -1.27
N ASN B 504 -16.26 10.41 -1.26
CA ASN B 504 -16.70 9.38 -2.19
C ASN B 504 -17.33 9.93 -3.48
N ASN B 505 -17.05 11.19 -3.81
CA ASN B 505 -17.62 11.78 -5.03
C ASN B 505 -16.72 11.67 -6.26
N PRO B 506 -17.34 11.48 -7.44
CA PRO B 506 -16.66 11.36 -8.74
C PRO B 506 -15.90 12.61 -9.09
N ILE B 507 -16.36 13.74 -8.56
CA ILE B 507 -15.79 15.03 -8.94
C ILE B 507 -14.67 15.46 -8.00
N LEU B 508 -15.03 15.84 -6.77
CA LEU B 508 -14.07 16.44 -5.86
C LEU B 508 -13.93 15.50 -4.66
N GLY B 509 -13.11 14.46 -4.80
CA GLY B 509 -13.07 13.37 -3.83
C GLY B 509 -12.47 13.71 -2.48
N LEU B 510 -13.04 14.70 -1.82
CA LEU B 510 -12.52 15.16 -0.55
C LEU B 510 -13.63 15.26 0.50
N ASP B 511 -13.26 15.07 1.76
CA ASP B 511 -14.15 15.47 2.85
C ASP B 511 -13.84 16.93 3.05
N TYR B 512 -14.79 17.68 3.57
CA TYR B 512 -14.55 19.10 3.78
C TYR B 512 -13.24 19.35 4.54
N ASP B 513 -13.03 18.66 5.65
CA ASP B 513 -11.78 18.86 6.39
C ASP B 513 -10.54 18.59 5.53
N GLU B 514 -10.59 17.58 4.65
CA GLU B 514 -9.52 17.35 3.67
C GLU B 514 -9.38 18.54 2.71
N PHE B 515 -10.48 18.91 2.05
CA PHE B 515 -10.48 20.01 1.09
C PHE B 515 -9.91 21.26 1.71
N VAL B 516 -10.38 21.60 2.90
CA VAL B 516 -9.93 22.83 3.54
C VAL B 516 -8.41 22.90 3.67
N ARG B 517 -7.79 21.82 4.13
CA ARG B 517 -6.33 21.81 4.26
C ARG B 517 -5.64 21.93 2.90
N GLY B 518 -6.22 21.31 1.88
CA GLY B 518 -5.67 21.39 0.54
C GLY B 518 -5.57 22.80 0.03
N CYS B 519 -6.26 23.73 0.67
CA CYS B 519 -6.37 25.05 0.09
C CYS B 519 -5.29 26.01 0.56
N HIS B 520 -5.40 27.26 0.16
CA HIS B 520 -4.37 28.24 0.45
C HIS B 520 -4.92 29.39 1.27
N LEU B 521 -6.18 29.72 1.07
CA LEU B 521 -6.78 30.85 1.75
C LEU B 521 -8.30 30.70 1.78
N GLY B 522 -8.91 30.87 2.95
CA GLY B 522 -10.36 30.84 3.04
C GLY B 522 -10.90 32.25 3.13
N VAL B 523 -12.05 32.52 2.52
CA VAL B 523 -12.52 33.89 2.42
C VAL B 523 -13.99 34.08 2.81
N PHE B 524 -14.21 34.63 3.99
CA PHE B 524 -15.54 34.65 4.59
C PHE B 524 -15.92 36.08 4.97
N PRO B 525 -16.32 36.86 3.97
CA PRO B 525 -16.66 38.29 4.04
C PRO B 525 -18.04 38.54 4.63
N SER B 526 -18.31 37.96 5.79
CA SER B 526 -19.69 37.92 6.30
C SER B 526 -20.26 39.26 6.72
N TYR B 527 -21.55 39.48 6.42
CA TYR B 527 -22.25 40.69 6.85
C TYR B 527 -23.05 40.51 8.15
N TYR B 528 -23.80 39.41 8.25
CA TYR B 528 -24.45 39.05 9.51
C TYR B 528 -24.01 37.69 10.00
N GLU B 529 -23.20 37.68 11.05
CA GLU B 529 -22.65 36.41 11.50
C GLU B 529 -22.25 36.50 12.98
N PRO B 530 -23.17 36.11 13.87
CA PRO B 530 -22.95 36.21 15.32
C PRO B 530 -21.67 35.50 15.77
N TRP B 531 -21.33 34.35 15.20
CA TRP B 531 -20.03 33.75 15.49
C TRP B 531 -19.21 33.43 14.24
N GLY B 532 -19.66 32.45 13.47
CA GLY B 532 -18.90 32.05 12.30
C GLY B 532 -17.98 30.88 12.59
N TYR B 533 -18.56 29.71 12.73
CA TYR B 533 -17.74 28.54 12.91
C TYR B 533 -16.78 28.30 11.74
N THR B 534 -17.27 28.35 10.52
CA THR B 534 -16.46 28.05 9.33
C THR B 534 -15.11 28.80 9.23
N PRO B 535 -15.09 30.11 9.57
CA PRO B 535 -13.80 30.82 9.64
C PRO B 535 -12.93 30.22 10.73
N ALA B 536 -13.48 30.13 11.93
CA ALA B 536 -12.73 29.64 13.09
C ALA B 536 -12.15 28.27 12.84
N GLU B 537 -12.96 27.37 12.32
CA GLU B 537 -12.48 26.01 12.12
C GLU B 537 -11.47 25.97 10.97
N CYS B 538 -11.65 26.88 10.00
CA CYS B 538 -10.66 27.05 8.94
C CYS B 538 -9.31 27.37 9.55
N THR B 539 -9.27 28.40 10.39
CA THR B 539 -8.08 28.75 11.15
C THR B 539 -7.52 27.58 11.96
N VAL B 540 -8.38 26.88 12.67
CA VAL B 540 -7.94 25.78 13.51
C VAL B 540 -7.18 24.70 12.72
N MET B 541 -7.49 24.57 11.43
CA MET B 541 -6.81 23.59 10.61
C MET B 541 -5.54 24.17 9.97
N GLY B 542 -5.20 25.39 10.38
CA GLY B 542 -3.96 26.02 9.97
C GLY B 542 -4.01 26.54 8.55
N VAL B 543 -5.10 27.22 8.22
CA VAL B 543 -5.27 27.79 6.89
C VAL B 543 -5.64 29.25 7.03
N PRO B 544 -4.82 30.13 6.45
CA PRO B 544 -5.04 31.56 6.62
C PRO B 544 -6.45 31.87 6.14
N SER B 545 -7.02 33.00 6.55
CA SER B 545 -8.41 33.25 6.23
C SER B 545 -8.79 34.69 6.46
N ILE B 546 -9.68 35.18 5.63
CA ILE B 546 -10.15 36.54 5.73
C ILE B 546 -11.55 36.51 6.34
N THR B 547 -11.74 37.25 7.42
CA THR B 547 -13.08 37.42 7.96
C THR B 547 -13.46 38.91 7.97
N THR B 548 -14.43 39.31 8.78
CA THR B 548 -14.77 40.71 8.86
C THR B 548 -15.06 41.08 10.31
N ASN B 549 -15.25 42.38 10.55
CA ASN B 549 -15.45 42.84 11.92
C ASN B 549 -16.91 42.89 12.35
N VAL B 550 -17.82 42.48 11.48
CA VAL B 550 -19.23 42.27 11.88
C VAL B 550 -19.51 40.78 12.14
N SER B 551 -18.49 39.96 11.88
CA SER B 551 -18.53 38.56 12.25
C SER B 551 -18.16 38.55 13.71
N GLY B 552 -18.76 37.64 14.47
CA GLY B 552 -18.41 37.52 15.85
C GLY B 552 -16.97 37.04 15.99
N PHE B 553 -16.63 35.98 15.26
CA PHE B 553 -15.28 35.44 15.29
C PHE B 553 -14.30 36.48 14.81
N GLY B 554 -14.74 37.31 13.87
CA GLY B 554 -13.94 38.43 13.44
C GLY B 554 -13.68 39.34 14.63
N SER B 555 -14.75 39.95 15.14
CA SER B 555 -14.64 40.86 16.26
C SER B 555 -13.73 40.31 17.33
N TYR B 556 -13.91 39.03 17.64
CA TYR B 556 -13.14 38.42 18.70
C TYR B 556 -11.66 38.42 18.36
N MET B 557 -11.34 37.90 17.18
CA MET B 557 -9.97 37.87 16.69
C MET B 557 -9.33 39.24 16.69
N GLU B 558 -10.10 40.26 16.29
CA GLU B 558 -9.64 41.64 16.26
C GLU B 558 -9.03 42.12 17.59
N ASP B 559 -9.26 41.38 18.68
CA ASP B 559 -8.69 41.71 19.99
C ASP B 559 -7.64 40.69 20.38
N LEU B 560 -6.61 40.52 19.57
CA LEU B 560 -5.51 39.60 19.86
C LEU B 560 -4.35 39.81 18.88
N ALA B 566 -0.30 42.24 13.15
CA ALA B 566 -1.70 41.84 13.12
C ALA B 566 -1.98 40.74 12.06
N LYS B 567 -2.12 41.15 10.80
CA LYS B 567 -2.40 40.25 9.68
C LYS B 567 -1.36 39.15 9.50
N ASP B 568 -0.23 39.30 10.20
CA ASP B 568 0.89 38.40 10.03
C ASP B 568 0.55 36.98 10.43
N TYR B 569 -0.52 36.82 11.21
CA TYR B 569 -0.88 35.52 11.78
C TYR B 569 -1.86 34.71 10.95
N GLY B 570 -2.23 35.23 9.79
CA GLY B 570 -3.07 34.50 8.86
C GLY B 570 -4.50 34.94 8.95
N ILE B 571 -4.74 36.00 9.71
CA ILE B 571 -6.09 36.50 9.84
C ILE B 571 -6.18 37.93 9.36
N TYR B 572 -6.89 38.12 8.26
CA TYR B 572 -7.15 39.43 7.73
C TYR B 572 -8.58 39.77 8.10
N ILE B 573 -8.82 41.01 8.48
CA ILE B 573 -10.14 41.41 8.90
C ILE B 573 -10.64 42.60 8.12
N VAL B 574 -11.47 42.35 7.12
CA VAL B 574 -12.07 43.42 6.36
C VAL B 574 -13.03 44.20 7.26
N ASP B 575 -13.09 45.51 7.05
CA ASP B 575 -13.99 46.35 7.83
C ASP B 575 -15.33 46.54 7.10
N ARG B 576 -16.41 46.02 7.69
CA ARG B 576 -17.75 46.28 7.15
C ARG B 576 -18.55 47.20 8.06
N ARG B 577 -18.01 47.50 9.25
CA ARG B 577 -18.77 48.31 10.20
C ARG B 577 -18.63 49.80 9.90
N PHE B 578 -17.49 50.17 9.33
CA PHE B 578 -17.14 51.58 9.19
C PHE B 578 -16.95 52.08 7.74
N LYS B 579 -16.12 51.41 6.95
CA LYS B 579 -15.96 51.73 5.53
C LYS B 579 -17.25 51.44 4.75
N ALA B 580 -17.47 52.19 3.69
CA ALA B 580 -18.66 52.03 2.86
C ALA B 580 -18.57 50.72 2.08
N PRO B 581 -19.70 50.26 1.50
CA PRO B 581 -19.68 48.96 0.83
C PRO B 581 -18.53 48.86 -0.16
N ASP B 582 -18.34 49.90 -0.98
CA ASP B 582 -17.31 49.86 -2.01
C ASP B 582 -15.89 49.86 -1.44
N GLU B 583 -15.63 50.73 -0.47
CA GLU B 583 -14.32 50.77 0.16
C GLU B 583 -13.99 49.41 0.76
N SER B 584 -15.05 48.72 1.22
CA SER B 584 -14.92 47.40 1.84
C SER B 584 -14.44 46.38 0.82
N VAL B 585 -15.16 46.28 -0.29
CA VAL B 585 -14.80 45.39 -1.37
C VAL B 585 -13.33 45.60 -1.75
N GLU B 586 -12.97 46.87 -1.93
CA GLU B 586 -11.61 47.24 -2.31
C GLU B 586 -10.58 46.77 -1.29
N GLN B 587 -10.90 46.87 0.00
CA GLN B 587 -9.99 46.37 1.03
C GLN B 587 -9.81 44.85 0.91
N LEU B 588 -10.87 44.18 0.45
CA LEU B 588 -10.85 42.73 0.30
C LEU B 588 -9.83 42.38 -0.78
N VAL B 589 -9.94 43.07 -1.91
CA VAL B 589 -9.05 42.86 -3.05
C VAL B 589 -7.58 43.17 -2.69
N ASP B 590 -7.40 44.18 -1.85
CA ASP B 590 -6.07 44.51 -1.34
C ASP B 590 -5.49 43.33 -0.59
N TYR B 591 -6.33 42.69 0.22
CA TYR B 591 -5.87 41.57 1.02
C TYR B 591 -5.57 40.37 0.13
N MET B 592 -6.44 40.15 -0.85
CA MET B 592 -6.27 39.02 -1.77
C MET B 592 -4.98 39.16 -2.60
N GLU B 593 -4.84 40.32 -3.25
CA GLU B 593 -3.64 40.68 -4.01
C GLU B 593 -2.38 40.44 -3.17
N GLU B 594 -2.30 41.11 -2.03
CA GLU B 594 -1.18 40.94 -1.11
C GLU B 594 -0.85 39.46 -0.91
N PHE B 595 -1.87 38.62 -0.84
CA PHE B 595 -1.65 37.18 -0.59
C PHE B 595 -1.16 36.43 -1.83
N VAL B 596 -1.62 36.87 -3.01
CA VAL B 596 -1.21 36.26 -4.26
C VAL B 596 0.29 36.41 -4.45
N LYS B 597 0.83 37.55 -4.00
CA LYS B 597 2.25 37.86 -4.15
C LYS B 597 3.17 37.04 -3.25
N LYS B 598 2.80 36.92 -1.97
CA LYS B 598 3.55 36.06 -1.05
C LYS B 598 4.42 35.05 -1.80
N THR B 599 5.72 35.07 -1.51
CA THR B 599 6.65 34.12 -2.08
C THR B 599 6.49 32.80 -1.37
N ALA B 600 7.38 31.84 -1.68
CA ALA B 600 7.38 30.57 -0.99
C ALA B 600 7.55 30.76 0.52
N ALA B 601 8.60 31.49 0.91
CA ALA B 601 8.90 31.72 2.32
C ALA B 601 7.79 32.52 3.02
N GLN B 602 7.32 33.58 2.36
CA GLN B 602 6.33 34.48 2.95
C GLN B 602 5.02 33.77 3.29
N ALA B 603 4.66 32.79 2.46
CA ALA B 603 3.45 32.00 2.69
C ALA B 603 3.70 30.94 3.76
N ILE B 604 4.80 30.20 3.63
CA ILE B 604 5.10 29.11 4.57
C ILE B 604 5.38 29.61 5.99
N ASN B 605 5.68 30.91 6.11
CA ASN B 605 5.75 31.55 7.43
C ASN B 605 4.34 31.70 7.98
N GLN B 606 3.53 32.51 7.29
CA GLN B 606 2.14 32.72 7.67
C GLN B 606 1.41 31.44 8.05
N ARG B 607 1.51 30.42 7.21
CA ARG B 607 0.87 29.14 7.50
C ARG B 607 1.24 28.59 8.87
N ASN B 608 2.53 28.58 9.16
CA ASN B 608 3.03 28.11 10.45
C ASN B 608 2.53 28.99 11.59
N ARG B 609 2.31 30.27 11.30
CA ARG B 609 1.83 31.21 12.30
C ARG B 609 0.37 30.97 12.71
N THR B 610 -0.51 30.71 11.74
CA THR B 610 -1.91 30.47 12.05
C THR B 610 -2.11 29.11 12.75
N GLU B 611 -1.32 28.13 12.36
CA GLU B 611 -1.41 26.79 12.92
C GLU B 611 -1.10 26.79 14.42
N ARG B 612 -0.57 27.90 14.91
CA ARG B 612 -0.25 28.02 16.32
C ARG B 612 -1.28 28.85 17.07
N LEU B 613 -2.01 29.68 16.33
CA LEU B 613 -3.21 30.38 16.85
C LEU B 613 -4.24 29.34 17.25
N SER B 614 -4.15 28.17 16.64
CA SER B 614 -5.01 27.03 16.92
C SER B 614 -5.41 26.93 18.39
N ASP B 615 -4.45 26.65 19.26
CA ASP B 615 -4.75 26.33 20.65
C ASP B 615 -5.46 27.45 21.43
N LEU B 616 -5.64 28.61 20.80
CA LEU B 616 -6.36 29.69 21.45
C LEU B 616 -7.88 29.48 21.46
N LEU B 617 -8.34 28.61 20.57
CA LEU B 617 -9.78 28.45 20.33
C LEU B 617 -10.35 27.20 20.99
N ASP B 618 -9.49 26.40 21.61
CA ASP B 618 -9.96 25.22 22.33
C ASP B 618 -10.82 25.64 23.52
N TRP B 619 -11.80 24.83 23.87
CA TRP B 619 -12.63 25.13 25.03
C TRP B 619 -11.81 25.23 26.30
N LYS B 620 -10.67 24.53 26.34
CA LYS B 620 -9.76 24.58 27.49
C LYS B 620 -9.42 26.01 27.85
N ARG B 621 -9.38 26.88 26.83
CA ARG B 621 -9.18 28.29 27.09
C ARG B 621 -10.51 29.08 27.14
N MET B 622 -11.36 28.88 26.13
CA MET B 622 -12.60 29.65 26.01
C MET B 622 -13.59 29.35 27.13
N GLY B 623 -13.56 28.12 27.63
CA GLY B 623 -14.48 27.71 28.66
C GLY B 623 -14.35 28.47 29.97
N LEU B 624 -13.26 29.20 30.14
CA LEU B 624 -13.07 29.95 31.38
C LEU B 624 -14.07 31.10 31.44
N GLU B 625 -14.62 31.44 30.28
CA GLU B 625 -15.63 32.48 30.18
C GLU B 625 -16.97 31.98 30.69
N TYR B 626 -17.24 30.70 30.49
CA TYR B 626 -18.44 30.13 31.09
C TYR B 626 -18.30 30.17 32.61
N VAL B 627 -17.14 29.77 33.12
CA VAL B 627 -16.88 29.88 34.54
C VAL B 627 -17.10 31.31 35.05
N LYS B 628 -16.53 32.30 34.37
CA LYS B 628 -16.76 33.70 34.77
C LYS B 628 -18.26 34.02 34.87
N ALA B 629 -19.03 33.56 33.88
CA ALA B 629 -20.45 33.87 33.84
C ALA B 629 -21.22 33.16 34.94
N ARG B 630 -20.91 31.89 35.15
CA ARG B 630 -21.62 31.11 36.15
C ARG B 630 -21.37 31.67 37.55
N GLN B 631 -20.10 31.97 37.83
CA GLN B 631 -19.73 32.54 39.12
C GLN B 631 -20.39 33.89 39.37
N LEU B 632 -20.43 34.74 38.35
CA LEU B 632 -21.13 36.01 38.49
C LEU B 632 -22.58 35.78 38.86
N ALA B 633 -23.14 34.68 38.38
CA ALA B 633 -24.53 34.35 38.67
C ALA B 633 -24.70 34.02 40.14
N LEU B 634 -23.71 33.34 40.69
CA LEU B 634 -23.66 33.06 42.13
C LEU B 634 -23.49 34.36 42.94
N ARG B 635 -22.40 35.08 42.69
CA ARG B 635 -22.16 36.37 43.34
C ARG B 635 -23.41 37.26 43.40
N ARG B 636 -24.24 37.22 42.37
CA ARG B 636 -25.42 38.08 42.35
C ARG B 636 -26.59 37.47 43.09
N GLY B 637 -26.59 36.16 43.22
CA GLY B 637 -27.68 35.45 43.87
C GLY B 637 -27.52 35.35 45.38
N TYR B 638 -26.28 35.23 45.83
CA TYR B 638 -25.97 35.04 47.24
C TYR B 638 -24.83 35.98 47.64
N PRO B 639 -25.09 37.30 47.54
CA PRO B 639 -24.04 38.31 47.67
C PRO B 639 -23.24 38.08 48.93
N ASP B 640 -23.94 37.70 49.98
CA ASP B 640 -23.35 37.56 51.30
C ASP B 640 -22.43 36.35 51.37
N GLN B 641 -22.95 35.18 51.02
CA GLN B 641 -22.15 33.96 51.09
C GLN B 641 -20.94 34.01 50.16
N PHE B 642 -21.03 34.80 49.10
CA PHE B 642 -19.92 34.92 48.16
C PHE B 642 -18.75 35.62 48.82
N ARG B 643 -19.02 36.69 49.57
CA ARG B 643 -17.96 37.41 50.27
C ARG B 643 -17.19 36.48 51.21
N GLU B 644 -17.89 35.51 51.78
CA GLU B 644 -17.30 34.54 52.71
C GLU B 644 -16.34 33.62 51.97
N LEU B 645 -16.72 33.21 50.77
CA LEU B 645 -15.92 32.29 49.98
C LEU B 645 -14.68 32.98 49.38
N VAL B 646 -14.80 34.28 49.12
CA VAL B 646 -13.76 35.01 48.39
C VAL B 646 -12.88 35.89 49.28
N GLY B 647 -13.49 36.65 50.19
CA GLY B 647 -12.75 37.46 51.13
C GLY B 647 -12.88 38.96 50.92
N GLU B 648 -14.05 39.37 50.43
CA GLU B 648 -14.37 40.79 50.21
C GLU B 648 -15.62 40.86 49.34
N GLU B 649 -16.02 42.06 48.95
CA GLU B 649 -17.02 42.19 47.90
C GLU B 649 -16.36 42.50 46.56
N LEU B 650 -16.18 41.45 45.75
CA LEU B 650 -15.72 41.62 44.38
C LEU B 650 -16.83 42.28 43.59
N ASN B 651 -16.47 42.99 42.52
CA ASN B 651 -17.46 43.73 41.73
C ASN B 651 -18.37 42.84 40.88
N ASP B 652 -19.63 43.24 40.74
CA ASP B 652 -20.63 42.40 40.10
C ASP B 652 -21.32 43.06 38.91
N SER B 653 -20.71 44.10 38.32
CA SER B 653 -21.34 44.75 37.18
C SER B 653 -21.18 43.94 35.88
N ASN B 654 -20.01 43.34 35.67
CA ASN B 654 -19.81 42.37 34.59
C ASN B 654 -18.92 41.20 34.97
N MET B 655 -18.73 40.27 34.03
CA MET B 655 -17.97 39.06 34.31
C MET B 655 -16.47 39.38 34.39
N ASP B 656 -16.03 40.31 33.56
CA ASP B 656 -14.64 40.71 33.58
C ASP B 656 -14.36 41.49 34.85
N ALA B 657 -15.35 42.27 35.30
CA ALA B 657 -15.25 43.01 36.55
C ALA B 657 -14.91 42.09 37.73
N LEU B 658 -15.64 40.98 37.84
CA LEU B 658 -15.38 40.00 38.90
C LEU B 658 -13.92 39.55 38.89
N ALA B 659 -13.55 38.75 37.90
CA ALA B 659 -12.17 38.28 37.76
C ALA B 659 -11.44 39.08 36.68
N SER C 22 -6.73 -13.23 -64.81
CA SER C 22 -6.61 -14.35 -63.87
C SER C 22 -5.83 -14.01 -62.58
N ARG C 23 -6.57 -13.94 -61.47
CA ARG C 23 -6.09 -13.30 -60.24
C ARG C 23 -5.71 -14.31 -59.16
N ASP C 24 -4.88 -13.85 -58.22
CA ASP C 24 -4.30 -14.69 -57.17
C ASP C 24 -5.27 -14.95 -56.00
N LEU C 25 -5.91 -16.12 -55.98
CA LEU C 25 -6.81 -16.45 -54.88
C LEU C 25 -6.08 -16.58 -53.54
N GLN C 26 -4.78 -16.90 -53.58
CA GLN C 26 -4.02 -17.10 -52.36
C GLN C 26 -3.78 -15.76 -51.69
N ASN C 27 -2.96 -14.94 -52.33
CA ASN C 27 -2.64 -13.59 -51.85
C ASN C 27 -3.72 -12.58 -52.22
N HIS C 28 -4.83 -12.57 -51.48
CA HIS C 28 -5.98 -11.75 -51.87
C HIS C 28 -6.20 -10.54 -50.96
N LEU C 29 -7.11 -9.68 -51.39
CA LEU C 29 -7.43 -8.43 -50.68
C LEU C 29 -8.76 -8.52 -49.93
N LEU C 30 -8.81 -7.93 -48.74
CA LEU C 30 -10.05 -7.93 -47.95
C LEU C 30 -10.59 -6.52 -47.67
N PHE C 31 -11.85 -6.30 -48.03
CA PHE C 31 -12.57 -5.08 -47.66
C PHE C 31 -13.78 -5.44 -46.79
N GLU C 32 -13.81 -4.95 -45.56
CA GLU C 32 -14.94 -5.24 -44.68
C GLU C 32 -15.72 -3.95 -44.47
N THR C 33 -17.03 -4.01 -44.67
CA THR C 33 -17.83 -2.80 -44.78
C THR C 33 -19.02 -2.84 -43.83
N ALA C 34 -19.24 -1.76 -43.09
CA ALA C 34 -20.39 -1.65 -42.16
C ALA C 34 -20.58 -0.22 -41.65
N THR C 35 -21.83 0.16 -41.39
CA THR C 35 -22.16 1.47 -40.84
C THR C 35 -21.35 1.82 -39.62
N GLU C 36 -20.78 0.81 -38.97
CA GLU C 36 -20.21 1.03 -37.64
C GLU C 36 -18.70 1.10 -37.54
N VAL C 37 -17.99 1.13 -38.65
CA VAL C 37 -16.53 1.02 -38.60
C VAL C 37 -15.88 1.94 -37.60
N ALA C 38 -16.04 3.24 -37.67
CA ALA C 38 -15.47 3.94 -36.52
C ALA C 38 -16.46 4.85 -35.84
N ASN C 39 -17.65 4.30 -35.57
CA ASN C 39 -18.59 4.97 -34.70
C ASN C 39 -19.51 3.97 -34.01
N ARG C 40 -19.44 3.96 -32.68
CA ARG C 40 -20.29 3.08 -31.90
C ARG C 40 -21.74 3.53 -32.02
N VAL C 41 -22.55 2.67 -32.63
CA VAL C 41 -23.91 3.01 -33.01
C VAL C 41 -24.65 1.68 -32.96
N GLY C 42 -23.91 0.63 -32.58
CA GLY C 42 -24.46 -0.71 -32.52
C GLY C 42 -23.53 -1.65 -31.78
N GLY C 43 -23.78 -2.95 -31.91
CA GLY C 43 -22.92 -3.94 -31.31
C GLY C 43 -21.89 -4.42 -32.32
N ILE C 44 -22.22 -4.23 -33.59
CA ILE C 44 -21.30 -4.60 -34.65
C ILE C 44 -19.99 -3.85 -34.52
N TYR C 45 -20.06 -2.63 -34.01
CA TYR C 45 -18.85 -1.89 -33.70
C TYR C 45 -17.94 -2.78 -32.87
N SER C 46 -18.52 -3.36 -31.82
CA SER C 46 -17.75 -4.24 -30.93
C SER C 46 -17.16 -5.44 -31.66
N VAL C 47 -17.99 -6.12 -32.44
CA VAL C 47 -17.49 -7.25 -33.21
C VAL C 47 -16.27 -6.85 -33.99
N LEU C 48 -16.42 -5.88 -34.91
CA LEU C 48 -15.34 -5.48 -35.80
C LEU C 48 -14.08 -5.05 -35.04
N LYS C 49 -14.30 -4.35 -33.93
CA LYS C 49 -13.20 -3.86 -33.10
C LYS C 49 -12.38 -5.00 -32.50
N SER C 50 -13.06 -6.00 -31.98
CA SER C 50 -12.37 -7.09 -31.29
C SER C 50 -11.86 -8.14 -32.26
N LYS C 51 -12.41 -8.16 -33.47
CA LYS C 51 -11.94 -9.06 -34.52
C LYS C 51 -10.73 -8.47 -35.27
N ALA C 52 -10.41 -7.22 -34.95
CA ALA C 52 -9.40 -6.50 -35.71
C ALA C 52 -8.00 -7.08 -35.52
N PRO C 53 -7.53 -7.17 -34.27
CA PRO C 53 -6.20 -7.73 -34.00
C PRO C 53 -5.94 -9.04 -34.75
N ILE C 54 -6.95 -9.90 -34.80
CA ILE C 54 -6.76 -11.17 -35.47
C ILE C 54 -6.69 -11.01 -36.98
N THR C 55 -7.65 -10.31 -37.59
CA THR C 55 -7.61 -10.16 -39.04
C THR C 55 -6.42 -9.29 -39.52
N VAL C 56 -6.09 -8.22 -38.78
CA VAL C 56 -4.92 -7.42 -39.12
C VAL C 56 -3.68 -8.28 -39.11
N ALA C 57 -3.64 -9.24 -38.18
CA ALA C 57 -2.50 -10.13 -38.09
C ALA C 57 -2.38 -10.98 -39.35
N GLN C 58 -3.49 -11.53 -39.80
CA GLN C 58 -3.48 -12.38 -40.98
C GLN C 58 -3.20 -11.63 -42.30
N TYR C 59 -3.79 -10.43 -42.43
CA TYR C 59 -3.81 -9.72 -43.70
C TYR C 59 -2.87 -8.52 -43.75
N LYS C 60 -2.33 -8.13 -42.60
CA LYS C 60 -1.54 -6.90 -42.55
C LYS C 60 -2.20 -5.77 -43.36
N ASP C 61 -1.46 -5.18 -44.30
CA ASP C 61 -1.99 -4.01 -45.02
C ASP C 61 -2.84 -4.33 -46.25
N HIS C 62 -3.15 -5.61 -46.44
CA HIS C 62 -4.07 -6.03 -47.49
C HIS C 62 -5.53 -5.95 -47.02
N TYR C 63 -5.72 -5.41 -45.82
CA TYR C 63 -7.03 -5.36 -45.20
C TYR C 63 -7.51 -3.93 -45.00
N HIS C 64 -8.75 -3.66 -45.38
CA HIS C 64 -9.32 -2.33 -45.16
C HIS C 64 -10.74 -2.42 -44.63
N LEU C 65 -11.03 -1.68 -43.58
CA LEU C 65 -12.42 -1.47 -43.20
C LEU C 65 -13.00 -0.27 -43.98
N ILE C 66 -14.27 -0.36 -44.34
CA ILE C 66 -14.92 0.72 -45.05
C ILE C 66 -16.21 1.10 -44.33
N GLY C 67 -16.46 2.40 -44.20
CA GLY C 67 -17.76 2.83 -43.70
C GLY C 67 -18.06 4.27 -44.01
N PRO C 68 -19.23 4.76 -43.57
CA PRO C 68 -19.61 6.16 -43.72
C PRO C 68 -18.90 6.99 -42.68
N LEU C 69 -18.46 8.20 -43.06
CA LEU C 69 -17.77 9.07 -42.12
C LEU C 69 -18.79 9.75 -41.26
N ASN C 70 -18.66 9.56 -39.94
CA ASN C 70 -19.47 10.29 -38.97
C ASN C 70 -18.71 11.50 -38.46
N LYS C 71 -19.02 12.67 -39.01
CA LYS C 71 -18.24 13.89 -38.77
C LYS C 71 -18.23 14.31 -37.33
N ALA C 72 -19.19 13.82 -36.56
CA ALA C 72 -19.25 14.13 -35.14
C ALA C 72 -18.14 13.44 -34.35
N THR C 73 -17.98 12.14 -34.58
CA THR C 73 -17.14 11.30 -33.73
C THR C 73 -15.82 10.81 -34.33
N TYR C 74 -15.61 10.93 -35.63
CA TYR C 74 -14.42 10.32 -36.24
C TYR C 74 -13.09 10.81 -35.66
N GLN C 75 -13.02 12.05 -35.19
CA GLN C 75 -11.75 12.60 -34.71
C GLN C 75 -11.27 11.96 -33.40
N ASN C 76 -12.18 11.26 -32.72
CA ASN C 76 -11.82 10.55 -31.50
C ASN C 76 -11.38 9.12 -31.78
N GLU C 77 -11.79 8.58 -32.93
CA GLU C 77 -11.60 7.18 -33.23
C GLU C 77 -10.46 6.93 -34.20
N VAL C 78 -10.06 7.96 -34.93
CA VAL C 78 -9.20 7.76 -36.09
C VAL C 78 -7.92 8.58 -36.12
N ASP C 79 -6.83 7.90 -36.45
CA ASP C 79 -5.54 8.51 -36.71
C ASP C 79 -5.50 8.92 -38.18
N ILE C 80 -5.79 10.17 -38.49
CA ILE C 80 -5.92 10.58 -39.91
C ILE C 80 -4.60 10.58 -40.70
N LEU C 81 -4.57 9.86 -41.81
CA LEU C 81 -3.32 9.63 -42.52
C LEU C 81 -3.27 10.35 -43.84
N ASP C 82 -2.05 10.68 -44.28
CA ASP C 82 -1.88 11.26 -45.60
C ASP C 82 -1.78 10.11 -46.56
N TRP C 83 -2.86 9.87 -47.30
CA TRP C 83 -2.93 8.76 -48.22
C TRP C 83 -2.27 9.10 -49.54
N LYS C 84 -1.91 10.37 -49.72
CA LYS C 84 -1.33 10.77 -51.00
C LYS C 84 0.15 10.49 -51.09
N LYS C 85 0.83 10.48 -49.95
CA LYS C 85 2.26 10.24 -49.95
C LYS C 85 2.54 8.87 -50.56
N PRO C 86 3.60 8.78 -51.37
CA PRO C 86 3.99 7.49 -51.97
C PRO C 86 4.23 6.40 -50.92
N GLU C 87 4.60 6.80 -49.72
CA GLU C 87 4.90 5.85 -48.65
C GLU C 87 3.63 5.30 -47.98
N ALA C 88 2.47 5.79 -48.38
CA ALA C 88 1.22 5.36 -47.75
C ALA C 88 0.82 3.93 -48.12
N PHE C 89 1.36 3.44 -49.24
CA PHE C 89 1.05 2.09 -49.71
C PHE C 89 2.27 1.36 -50.24
N SER C 90 2.31 0.05 -50.05
CA SER C 90 3.31 -0.77 -50.71
C SER C 90 3.05 -0.66 -52.20
N ASP C 91 4.03 -0.99 -53.03
CA ASP C 91 3.83 -0.92 -54.46
C ASP C 91 2.79 -1.93 -54.93
N GLU C 92 2.61 -3.03 -54.21
CA GLU C 92 1.61 -4.01 -54.62
C GLU C 92 0.20 -3.61 -54.22
N MET C 93 0.10 -2.72 -53.24
CA MET C 93 -1.19 -2.18 -52.82
C MET C 93 -1.50 -0.85 -53.50
N ARG C 94 -0.61 -0.43 -54.39
CA ARG C 94 -0.74 0.83 -55.09
C ARG C 94 -2.10 0.99 -55.80
N PRO C 95 -2.67 -0.10 -56.31
CA PRO C 95 -3.99 0.10 -56.93
C PRO C 95 -4.96 0.78 -55.98
N VAL C 96 -5.09 0.30 -54.76
CA VAL C 96 -6.01 0.95 -53.81
C VAL C 96 -5.74 2.46 -53.76
N GLN C 97 -4.48 2.85 -53.69
CA GLN C 97 -4.19 4.29 -53.65
C GLN C 97 -4.72 5.02 -54.90
N HIS C 98 -4.46 4.47 -56.09
CA HIS C 98 -4.98 5.06 -57.32
C HIS C 98 -6.51 5.10 -57.34
N ALA C 99 -7.15 4.09 -56.75
CA ALA C 99 -8.61 4.06 -56.65
C ALA C 99 -9.12 5.24 -55.82
N LEU C 100 -8.44 5.54 -54.72
CA LEU C 100 -8.78 6.72 -53.94
C LEU C 100 -8.52 8.03 -54.70
N GLN C 101 -7.46 8.08 -55.49
CA GLN C 101 -7.19 9.27 -56.28
C GLN C 101 -8.30 9.52 -57.29
N THR C 102 -8.82 8.46 -57.90
CA THR C 102 -9.91 8.58 -58.87
C THR C 102 -11.15 9.04 -58.17
N MET C 103 -11.44 8.46 -57.01
CA MET C 103 -12.59 8.87 -56.22
C MET C 103 -12.52 10.36 -55.90
N GLU C 104 -11.34 10.83 -55.51
CA GLU C 104 -11.21 12.25 -55.22
C GLU C 104 -11.38 13.12 -56.47
N SER C 105 -11.01 12.57 -57.62
CA SER C 105 -11.23 13.24 -58.89
C SER C 105 -12.67 13.60 -59.13
N ARG C 106 -13.58 12.69 -58.80
CA ARG C 106 -14.97 12.85 -59.20
C ARG C 106 -15.74 13.53 -58.06
N GLY C 107 -14.99 14.06 -57.11
CA GLY C 107 -15.53 14.92 -56.06
C GLY C 107 -16.02 14.19 -54.81
N VAL C 108 -15.52 12.99 -54.59
CA VAL C 108 -15.95 12.17 -53.47
C VAL C 108 -14.91 12.33 -52.38
N HIS C 109 -15.32 12.77 -51.21
CA HIS C 109 -14.37 12.98 -50.12
C HIS C 109 -14.41 11.84 -49.13
N PHE C 110 -13.33 11.71 -48.37
CA PHE C 110 -13.21 10.61 -47.44
C PHE C 110 -12.05 10.90 -46.52
N VAL C 111 -12.01 10.15 -45.43
CA VAL C 111 -10.88 10.16 -44.52
C VAL C 111 -10.22 8.80 -44.67
N TYR C 112 -8.90 8.81 -44.83
CA TYR C 112 -8.15 7.56 -44.85
C TYR C 112 -7.37 7.61 -43.56
N GLY C 113 -7.42 6.54 -42.77
CA GLY C 113 -6.68 6.54 -41.52
C GLY C 113 -6.48 5.20 -40.86
N ARG C 114 -5.91 5.24 -39.66
CA ARG C 114 -5.77 4.07 -38.78
C ARG C 114 -6.84 4.17 -37.71
N TRP C 115 -7.55 3.08 -37.43
CA TRP C 115 -8.60 3.08 -36.42
C TRP C 115 -7.97 2.85 -35.05
N LEU C 116 -8.00 3.86 -34.18
CA LEU C 116 -7.30 3.77 -32.89
C LEU C 116 -7.86 2.70 -31.93
N ILE C 117 -7.62 1.43 -32.25
CA ILE C 117 -7.96 0.31 -31.40
C ILE C 117 -6.82 -0.72 -31.49
N GLU C 118 -6.81 -1.73 -30.60
CA GLU C 118 -5.79 -2.77 -30.70
C GLU C 118 -5.98 -3.41 -32.06
N GLY C 119 -4.89 -3.52 -32.81
CA GLY C 119 -4.92 -3.94 -34.20
C GLY C 119 -4.53 -2.81 -35.15
N ALA C 120 -5.06 -1.61 -34.89
CA ALA C 120 -4.85 -0.43 -35.72
C ALA C 120 -5.02 -0.72 -37.21
N PRO C 121 -6.19 -1.29 -37.59
CA PRO C 121 -6.50 -1.59 -38.98
C PRO C 121 -6.70 -0.31 -39.76
N LYS C 122 -6.43 -0.36 -41.05
CA LYS C 122 -6.59 0.82 -41.85
C LYS C 122 -8.06 0.99 -42.24
N VAL C 123 -8.45 2.24 -42.39
CA VAL C 123 -9.86 2.58 -42.48
C VAL C 123 -10.12 3.57 -43.61
N ILE C 124 -11.20 3.32 -44.36
CA ILE C 124 -11.63 4.27 -45.39
C ILE C 124 -13.02 4.78 -45.06
N LEU C 125 -13.12 6.05 -44.66
CA LEU C 125 -14.40 6.61 -44.23
C LEU C 125 -15.01 7.56 -45.26
N PHE C 126 -16.02 7.13 -46.00
CA PHE C 126 -16.58 7.96 -47.09
C PHE C 126 -17.47 9.07 -46.57
N ASP C 127 -17.17 10.30 -46.98
CA ASP C 127 -17.97 11.45 -46.58
C ASP C 127 -19.22 11.52 -47.43
N LEU C 128 -20.32 11.00 -46.93
CA LEU C 128 -21.54 10.86 -47.73
C LEU C 128 -22.15 12.18 -48.18
N ASP C 129 -21.76 13.28 -47.52
CA ASP C 129 -22.17 14.60 -47.96
C ASP C 129 -21.69 14.91 -49.38
N SER C 130 -20.49 14.47 -49.70
CA SER C 130 -19.86 14.82 -50.96
C SER C 130 -20.46 14.05 -52.11
N VAL C 131 -21.49 13.27 -51.82
CA VAL C 131 -22.06 12.36 -52.81
C VAL C 131 -23.59 12.46 -52.78
N ARG C 132 -24.07 13.21 -51.79
CA ARG C 132 -25.50 13.36 -51.56
C ARG C 132 -26.26 13.86 -52.79
N GLY C 133 -25.60 14.64 -53.64
CA GLY C 133 -26.23 15.19 -54.83
C GLY C 133 -26.71 14.12 -55.81
N TYR C 134 -25.88 13.11 -56.04
CA TYR C 134 -26.26 11.96 -56.86
C TYR C 134 -27.47 11.20 -56.26
N SER C 135 -28.07 11.76 -55.21
CA SER C 135 -29.11 11.05 -54.47
C SER C 135 -30.34 10.62 -55.27
N ASN C 136 -30.97 11.56 -55.98
CA ASN C 136 -32.17 11.19 -56.74
C ASN C 136 -31.82 10.20 -57.85
N GLU C 137 -30.74 10.47 -58.56
CA GLU C 137 -30.30 9.58 -59.63
C GLU C 137 -30.18 8.13 -59.15
N TRP C 138 -29.48 7.94 -58.04
CA TRP C 138 -29.24 6.60 -57.51
C TRP C 138 -30.51 5.96 -56.96
N LYS C 139 -31.34 6.74 -56.26
CA LYS C 139 -32.60 6.22 -55.75
C LYS C 139 -33.42 5.64 -56.89
N GLY C 140 -33.41 6.34 -58.03
CA GLY C 140 -34.11 5.86 -59.22
C GLY C 140 -33.51 4.59 -59.80
N ASP C 141 -32.21 4.63 -60.07
CA ASP C 141 -31.52 3.45 -60.58
C ASP C 141 -31.82 2.24 -59.71
N LEU C 142 -31.77 2.43 -58.39
CA LEU C 142 -31.90 1.31 -57.47
C LEU C 142 -33.26 0.62 -57.66
N TRP C 143 -34.28 1.45 -57.82
CA TRP C 143 -35.65 0.99 -58.02
C TRP C 143 -35.78 0.18 -59.30
N SER C 144 -35.27 0.71 -60.40
CA SER C 144 -35.35 -0.01 -61.67
C SER C 144 -34.11 -0.87 -61.94
N LEU C 145 -33.58 -1.51 -60.90
CA LEU C 145 -32.55 -2.54 -61.05
C LEU C 145 -32.95 -3.70 -60.18
N VAL C 146 -33.45 -3.36 -59.00
CA VAL C 146 -33.71 -4.35 -57.97
C VAL C 146 -35.08 -4.09 -57.36
N GLY C 147 -35.76 -3.06 -57.85
CA GLY C 147 -37.08 -2.74 -57.34
C GLY C 147 -37.11 -2.47 -55.85
N ILE C 148 -36.21 -1.60 -55.39
CA ILE C 148 -36.19 -1.20 -53.99
C ILE C 148 -36.72 0.22 -53.86
N PRO C 149 -37.91 0.36 -53.25
CA PRO C 149 -38.51 1.68 -53.01
C PRO C 149 -37.61 2.48 -52.05
N SER C 150 -37.92 3.75 -51.88
CA SER C 150 -37.16 4.58 -50.95
C SER C 150 -37.90 5.87 -50.60
N PRO C 151 -38.86 5.77 -49.67
CA PRO C 151 -39.56 6.96 -49.18
C PRO C 151 -38.52 8.00 -48.78
N GLU C 152 -38.77 9.26 -49.08
CA GLU C 152 -37.77 10.29 -48.86
C GLU C 152 -37.65 10.73 -47.41
N ASN C 153 -38.54 10.22 -46.57
CA ASN C 153 -38.50 10.57 -45.15
C ASN C 153 -37.78 9.52 -44.30
N ASP C 154 -37.07 8.60 -44.97
CA ASP C 154 -36.27 7.59 -44.30
C ASP C 154 -34.81 7.94 -44.43
N PHE C 155 -34.32 8.74 -43.50
CA PHE C 155 -32.95 9.24 -43.57
C PHE C 155 -31.91 8.11 -43.50
N GLU C 156 -32.26 7.00 -42.87
CA GLU C 156 -31.33 5.88 -42.73
C GLU C 156 -31.14 5.08 -44.02
N THR C 157 -32.20 4.85 -44.79
CA THR C 157 -32.02 4.15 -46.06
C THR C 157 -31.49 5.09 -47.12
N ASN C 158 -31.78 6.38 -47.00
CA ASN C 158 -31.09 7.34 -47.84
C ASN C 158 -29.58 7.15 -47.71
N ASP C 159 -29.10 7.18 -46.47
CA ASP C 159 -27.67 7.01 -46.22
C ASP C 159 -27.24 5.63 -46.69
N ALA C 160 -28.08 4.62 -46.47
CA ALA C 160 -27.74 3.28 -46.90
C ALA C 160 -27.45 3.21 -48.40
N ILE C 161 -28.24 3.94 -49.18
CA ILE C 161 -28.07 3.96 -50.63
C ILE C 161 -26.85 4.76 -51.06
N LEU C 162 -26.70 5.98 -50.53
CA LEU C 162 -25.49 6.74 -50.78
C LEU C 162 -24.28 5.86 -50.50
N LEU C 163 -24.22 5.28 -49.30
CA LEU C 163 -23.10 4.39 -48.95
C LEU C 163 -22.96 3.22 -49.91
N GLY C 164 -24.07 2.58 -50.25
CA GLY C 164 -24.04 1.49 -51.20
C GLY C 164 -23.40 1.86 -52.53
N TYR C 165 -23.92 2.89 -53.17
CA TYR C 165 -23.40 3.27 -54.47
C TYR C 165 -21.93 3.69 -54.37
N THR C 166 -21.56 4.36 -53.29
CA THR C 166 -20.20 4.86 -53.20
C THR C 166 -19.21 3.70 -53.08
N VAL C 167 -19.57 2.73 -52.24
CA VAL C 167 -18.71 1.59 -51.99
C VAL C 167 -18.61 0.69 -53.22
N ALA C 168 -19.73 0.50 -53.92
CA ALA C 168 -19.73 -0.33 -55.13
C ALA C 168 -18.79 0.30 -56.16
N TRP C 169 -18.96 1.62 -56.31
CA TRP C 169 -18.10 2.50 -57.11
C TRP C 169 -16.59 2.40 -56.79
N PHE C 170 -16.26 2.28 -55.51
CA PHE C 170 -14.87 2.14 -55.10
C PHE C 170 -14.34 0.75 -55.40
N LEU C 171 -15.20 -0.27 -55.27
CA LEU C 171 -14.76 -1.65 -55.52
C LEU C 171 -14.61 -1.89 -57.03
N GLY C 172 -15.40 -1.17 -57.83
CA GLY C 172 -15.27 -1.18 -59.27
C GLY C 172 -13.91 -0.62 -59.67
N GLU C 173 -13.53 0.52 -59.09
CA GLU C 173 -12.24 1.14 -59.38
C GLU C 173 -11.09 0.25 -59.01
N VAL C 174 -11.21 -0.46 -57.88
CA VAL C 174 -10.15 -1.33 -57.43
C VAL C 174 -10.06 -2.57 -58.33
N ALA C 175 -11.21 -3.17 -58.63
CA ALA C 175 -11.28 -4.29 -59.55
C ALA C 175 -10.60 -3.93 -60.87
N HIS C 176 -10.80 -2.68 -61.28
CA HIS C 176 -10.30 -2.17 -62.53
C HIS C 176 -8.79 -1.94 -62.53
N LEU C 177 -8.29 -1.30 -61.48
CA LEU C 177 -6.89 -0.89 -61.43
C LEU C 177 -5.97 -1.99 -60.97
N ASP C 178 -6.49 -2.88 -60.13
CA ASP C 178 -5.69 -3.96 -59.54
C ASP C 178 -5.95 -5.25 -60.28
N SER C 179 -4.89 -5.91 -60.72
CA SER C 179 -5.06 -7.10 -61.56
C SER C 179 -4.28 -8.31 -61.04
N GLN C 180 -3.62 -8.12 -59.90
CA GLN C 180 -2.84 -9.18 -59.27
C GLN C 180 -3.67 -10.00 -58.29
N HIS C 181 -4.34 -9.31 -57.39
CA HIS C 181 -5.06 -9.93 -56.28
C HIS C 181 -6.51 -10.23 -56.61
N ALA C 182 -7.03 -11.29 -56.00
CA ALA C 182 -8.48 -11.48 -55.97
C ALA C 182 -9.00 -10.51 -54.91
N ILE C 183 -10.26 -10.14 -55.00
CA ILE C 183 -10.82 -9.17 -54.07
C ILE C 183 -12.04 -9.74 -53.41
N VAL C 184 -11.97 -9.92 -52.09
CA VAL C 184 -13.13 -10.34 -51.33
C VAL C 184 -13.72 -9.15 -50.56
N ALA C 185 -15.04 -9.00 -50.62
CA ALA C 185 -15.73 -7.86 -50.03
C ALA C 185 -16.84 -8.34 -49.10
N HIS C 186 -16.64 -8.10 -47.81
CA HIS C 186 -17.55 -8.54 -46.75
C HIS C 186 -18.40 -7.38 -46.23
N PHE C 187 -19.72 -7.54 -46.24
CA PHE C 187 -20.62 -6.49 -45.74
C PHE C 187 -21.44 -6.97 -44.52
N HIS C 188 -21.45 -6.17 -43.46
CA HIS C 188 -22.25 -6.50 -42.29
C HIS C 188 -23.56 -5.71 -42.24
N GLU C 189 -24.68 -6.41 -42.14
CA GLU C 189 -26.00 -5.82 -41.89
C GLU C 189 -26.61 -5.03 -43.09
N TRP C 190 -27.93 -4.87 -43.10
CA TRP C 190 -28.61 -4.29 -44.27
C TRP C 190 -28.21 -2.88 -44.66
N LEU C 191 -27.93 -2.02 -43.68
CA LEU C 191 -27.58 -0.64 -43.96
C LEU C 191 -26.32 -0.54 -44.84
N ALA C 192 -25.41 -1.50 -44.68
CA ALA C 192 -24.25 -1.58 -45.55
C ALA C 192 -24.44 -2.60 -46.70
N GLY C 193 -25.67 -3.05 -46.92
CA GLY C 193 -25.92 -4.07 -47.92
C GLY C 193 -26.33 -3.63 -49.33
N VAL C 194 -26.59 -2.34 -49.54
CA VAL C 194 -27.03 -1.90 -50.87
C VAL C 194 -25.99 -2.17 -51.95
N ALA C 195 -24.71 -2.21 -51.58
CA ALA C 195 -23.66 -2.43 -52.57
C ALA C 195 -23.68 -3.85 -53.14
N LEU C 196 -24.31 -4.78 -52.44
CA LEU C 196 -24.37 -6.15 -52.93
C LEU C 196 -25.13 -6.30 -54.27
N PRO C 197 -26.41 -5.87 -54.32
CA PRO C 197 -27.09 -5.92 -55.62
C PRO C 197 -26.23 -5.27 -56.72
N LEU C 198 -25.83 -4.03 -56.52
CA LEU C 198 -25.00 -3.34 -57.50
C LEU C 198 -23.85 -4.20 -57.97
N CYS C 199 -23.15 -4.85 -57.05
CA CYS C 199 -21.98 -5.63 -57.45
C CYS C 199 -22.32 -6.80 -58.39
N ARG C 200 -23.37 -7.55 -58.08
CA ARG C 200 -23.80 -8.68 -58.91
C ARG C 200 -24.36 -8.20 -60.25
N LYS C 201 -25.30 -7.26 -60.18
CA LYS C 201 -25.93 -6.76 -61.39
C LYS C 201 -24.91 -6.14 -62.35
N ARG C 202 -23.94 -5.39 -61.82
CA ARG C 202 -22.90 -4.82 -62.68
C ARG C 202 -21.74 -5.78 -62.96
N ARG C 203 -21.77 -6.95 -62.34
CA ARG C 203 -20.80 -8.01 -62.62
C ARG C 203 -19.35 -7.59 -62.34
N ILE C 204 -19.16 -6.80 -61.28
CA ILE C 204 -17.83 -6.39 -60.82
C ILE C 204 -16.99 -7.61 -60.45
N ASP C 205 -15.70 -7.58 -60.73
CA ASP C 205 -14.86 -8.73 -60.40
C ASP C 205 -14.35 -8.78 -58.95
N VAL C 206 -15.29 -8.86 -58.01
CA VAL C 206 -14.97 -9.14 -56.62
C VAL C 206 -15.86 -10.29 -56.17
N VAL C 207 -15.51 -10.94 -55.07
CA VAL C 207 -16.42 -11.92 -54.47
C VAL C 207 -16.97 -11.40 -53.14
N THR C 208 -18.28 -11.58 -52.93
CA THR C 208 -18.96 -10.89 -51.84
C THR C 208 -19.51 -11.83 -50.77
N ILE C 209 -19.47 -11.36 -49.53
CA ILE C 209 -20.07 -12.05 -48.39
C ILE C 209 -21.05 -11.09 -47.70
N PHE C 210 -22.23 -11.56 -47.34
CA PHE C 210 -23.15 -10.75 -46.54
C PHE C 210 -23.42 -11.46 -45.23
N THR C 211 -23.29 -10.75 -44.12
CA THR C 211 -23.55 -11.32 -42.80
C THR C 211 -24.60 -10.51 -42.07
N THR C 212 -25.71 -11.14 -41.74
CA THR C 212 -26.78 -10.45 -41.02
C THR C 212 -26.73 -10.82 -39.53
N HIS C 213 -26.80 -9.81 -38.66
CA HIS C 213 -26.65 -10.04 -37.21
C HIS C 213 -27.97 -10.10 -36.48
N ALA C 214 -29.05 -10.30 -37.23
CA ALA C 214 -30.40 -10.21 -36.75
C ALA C 214 -31.19 -10.11 -38.03
N THR C 215 -32.50 -9.93 -37.93
CA THR C 215 -33.28 -9.69 -39.14
C THR C 215 -34.30 -8.60 -38.85
N LEU C 216 -34.64 -7.80 -39.85
CA LEU C 216 -35.60 -6.74 -39.61
C LEU C 216 -36.87 -7.32 -39.04
N LEU C 217 -37.46 -8.28 -39.75
CA LEU C 217 -38.71 -8.88 -39.31
C LEU C 217 -38.58 -9.52 -37.93
N GLY C 218 -37.55 -10.32 -37.73
CA GLY C 218 -37.24 -10.81 -36.39
C GLY C 218 -37.50 -9.77 -35.32
N ARG C 219 -36.74 -8.67 -35.33
CA ARG C 219 -36.83 -7.65 -34.30
C ARG C 219 -38.24 -7.10 -34.15
N TYR C 220 -38.85 -6.71 -35.26
CA TYR C 220 -40.20 -6.13 -35.23
C TYR C 220 -41.30 -7.07 -34.72
N LEU C 221 -41.24 -8.32 -35.16
CA LEU C 221 -42.20 -9.33 -34.71
C LEU C 221 -42.15 -9.56 -33.20
N CYS C 222 -40.94 -9.63 -32.66
CA CYS C 222 -40.75 -9.86 -31.23
C CYS C 222 -40.97 -8.64 -30.36
N ALA C 223 -41.32 -7.50 -30.95
CA ALA C 223 -41.39 -6.25 -30.21
C ALA C 223 -42.70 -6.10 -29.43
N SER C 224 -43.58 -7.09 -29.52
CA SER C 224 -44.85 -7.04 -28.77
C SER C 224 -44.96 -8.07 -27.64
N GLY C 225 -45.08 -9.36 -28.00
CA GLY C 225 -45.23 -10.43 -27.04
C GLY C 225 -46.20 -11.53 -27.46
N ASP C 228 -45.97 -13.83 -30.49
CA ASP C 228 -45.20 -15.08 -30.59
C ASP C 228 -44.28 -15.05 -31.79
N PHE C 229 -43.22 -15.85 -31.71
CA PHE C 229 -42.19 -15.89 -32.73
C PHE C 229 -41.81 -17.31 -33.15
N TYR C 230 -40.92 -17.92 -32.36
CA TYR C 230 -40.20 -19.12 -32.80
C TYR C 230 -41.05 -20.26 -33.38
N ASN C 231 -42.36 -20.24 -33.11
CA ASN C 231 -43.26 -21.26 -33.62
C ASN C 231 -43.85 -20.89 -34.97
N CYS C 232 -44.75 -19.91 -34.96
CA CYS C 232 -45.46 -19.53 -36.17
C CYS C 232 -44.72 -18.49 -37.04
N LEU C 233 -43.39 -18.48 -36.97
CA LEU C 233 -42.60 -17.57 -37.80
C LEU C 233 -42.46 -18.13 -39.20
N GLU C 234 -42.34 -19.45 -39.30
CA GLU C 234 -42.13 -20.09 -40.59
C GLU C 234 -43.41 -20.13 -41.40
N SER C 235 -44.42 -19.41 -40.94
CA SER C 235 -45.70 -19.38 -41.63
C SER C 235 -46.25 -17.97 -41.73
N VAL C 236 -45.36 -16.99 -41.86
CA VAL C 236 -45.79 -15.58 -41.97
C VAL C 236 -45.51 -15.02 -43.35
N ASP C 237 -46.40 -14.13 -43.79
CA ASP C 237 -46.28 -13.51 -45.09
C ASP C 237 -45.35 -12.30 -45.00
N VAL C 238 -44.07 -12.52 -45.30
CA VAL C 238 -43.06 -11.47 -45.19
C VAL C 238 -43.48 -10.19 -45.89
N ASP C 239 -43.75 -10.27 -47.18
CA ASP C 239 -44.20 -9.11 -47.93
C ASP C 239 -45.31 -8.37 -47.18
N HIS C 240 -46.25 -9.11 -46.58
CA HIS C 240 -47.34 -8.45 -45.88
C HIS C 240 -46.94 -7.91 -44.50
N GLU C 241 -46.27 -8.74 -43.71
CA GLU C 241 -45.83 -8.32 -42.38
C GLU C 241 -44.97 -7.05 -42.46
N ALA C 242 -43.99 -7.08 -43.35
CA ALA C 242 -43.14 -5.92 -43.60
C ALA C 242 -43.99 -4.65 -43.82
N GLY C 243 -44.97 -4.74 -44.72
CA GLY C 243 -45.86 -3.63 -44.97
C GLY C 243 -46.57 -3.14 -43.71
N ARG C 244 -47.00 -4.07 -42.86
CA ARG C 244 -47.74 -3.72 -41.65
C ARG C 244 -46.89 -2.89 -40.68
N PHE C 245 -45.59 -3.14 -40.67
CA PHE C 245 -44.68 -2.38 -39.81
C PHE C 245 -44.09 -1.12 -40.48
N GLY C 246 -44.28 -1.00 -41.79
CA GLY C 246 -43.80 0.15 -42.53
C GLY C 246 -42.32 0.01 -42.84
N ILE C 247 -41.93 -1.24 -43.06
CA ILE C 247 -40.55 -1.63 -43.10
C ILE C 247 -40.19 -2.15 -44.50
N TYR C 248 -41.16 -2.11 -45.41
CA TYR C 248 -41.01 -2.81 -46.69
C TYR C 248 -39.67 -2.55 -47.38
N HIS C 249 -39.42 -1.29 -47.71
CA HIS C 249 -38.19 -0.90 -48.40
C HIS C 249 -36.92 -1.38 -47.68
N ARG C 250 -36.92 -1.28 -46.35
CA ARG C 250 -35.79 -1.76 -45.58
C ARG C 250 -35.66 -3.27 -45.74
N TYR C 251 -36.80 -3.95 -45.76
CA TYR C 251 -36.81 -5.40 -45.92
C TYR C 251 -36.24 -5.84 -47.29
N CYS C 252 -36.70 -5.19 -48.35
CA CYS C 252 -36.16 -5.43 -49.70
C CYS C 252 -34.65 -5.27 -49.77
N ILE C 253 -34.09 -4.34 -48.98
CA ILE C 253 -32.66 -4.14 -48.96
C ILE C 253 -31.96 -5.30 -48.25
N GLU C 254 -32.52 -5.74 -47.13
CA GLU C 254 -31.92 -6.85 -46.39
C GLU C 254 -31.99 -8.12 -47.24
N ARG C 255 -33.05 -8.23 -48.02
CA ARG C 255 -33.26 -9.40 -48.85
C ARG C 255 -32.29 -9.38 -50.04
N ALA C 256 -32.35 -8.29 -50.79
CA ALA C 256 -31.43 -8.09 -51.90
C ALA C 256 -30.01 -8.43 -51.50
N ALA C 257 -29.57 -7.95 -50.34
CA ALA C 257 -28.23 -8.24 -49.87
C ALA C 257 -28.05 -9.75 -49.68
N ALA C 258 -29.00 -10.39 -49.02
CA ALA C 258 -28.85 -11.79 -48.69
C ALA C 258 -28.83 -12.65 -49.95
N HIS C 259 -29.59 -12.22 -50.96
CA HIS C 259 -29.61 -12.97 -52.22
C HIS C 259 -28.43 -12.68 -53.13
N SER C 260 -28.08 -11.40 -53.30
CA SER C 260 -27.03 -11.01 -54.23
C SER C 260 -25.63 -11.42 -53.78
N ALA C 261 -25.50 -11.87 -52.54
CA ALA C 261 -24.17 -12.17 -52.02
C ALA C 261 -23.70 -13.56 -52.45
N ASP C 262 -22.41 -13.68 -52.78
CA ASP C 262 -21.85 -14.99 -53.10
C ASP C 262 -21.97 -15.97 -51.94
N VAL C 263 -21.76 -15.46 -50.72
CA VAL C 263 -21.92 -16.26 -49.50
C VAL C 263 -22.77 -15.50 -48.48
N PHE C 264 -23.84 -16.12 -48.03
CA PHE C 264 -24.74 -15.49 -47.07
C PHE C 264 -24.55 -16.19 -45.73
N THR C 265 -24.35 -15.42 -44.65
CA THR C 265 -24.17 -16.00 -43.31
C THR C 265 -24.92 -15.24 -42.21
N THR C 266 -24.96 -15.79 -41.01
CA THR C 266 -25.47 -15.09 -39.84
C THR C 266 -24.52 -15.34 -38.67
N VAL C 267 -24.79 -14.69 -37.53
CA VAL C 267 -23.92 -14.84 -36.37
C VAL C 267 -24.14 -16.13 -35.59
N SER C 268 -25.37 -16.63 -35.63
CA SER C 268 -25.77 -17.72 -34.75
C SER C 268 -26.71 -18.70 -35.44
N GLN C 269 -26.68 -19.95 -34.98
CA GLN C 269 -27.57 -20.98 -35.51
C GLN C 269 -29.05 -20.59 -35.45
N ILE C 270 -29.47 -20.07 -34.29
CA ILE C 270 -30.86 -19.68 -34.13
C ILE C 270 -31.26 -18.58 -35.11
N THR C 271 -30.32 -17.68 -35.41
CA THR C 271 -30.65 -16.61 -36.36
C THR C 271 -30.65 -17.12 -37.81
N ALA C 272 -29.86 -18.17 -38.07
CA ALA C 272 -29.91 -18.87 -39.36
C ALA C 272 -31.29 -19.46 -39.59
N PHE C 273 -31.89 -20.01 -38.54
CA PHE C 273 -33.25 -20.50 -38.63
C PHE C 273 -34.19 -19.34 -38.98
N GLU C 274 -34.17 -18.33 -38.12
CA GLU C 274 -34.95 -17.12 -38.31
C GLU C 274 -34.75 -16.54 -39.71
N ALA C 275 -33.51 -16.66 -40.22
CA ALA C 275 -33.13 -16.00 -41.46
C ALA C 275 -33.70 -16.71 -42.68
N GLU C 276 -33.64 -18.05 -42.63
CA GLU C 276 -34.00 -18.87 -43.78
C GLU C 276 -35.44 -18.68 -44.18
N HIS C 277 -36.30 -18.45 -43.20
CA HIS C 277 -37.74 -18.40 -43.45
C HIS C 277 -38.21 -16.99 -43.71
N LEU C 278 -37.50 -16.02 -43.13
CA LEU C 278 -37.88 -14.62 -43.25
C LEU C 278 -37.12 -13.88 -44.38
N LEU C 279 -35.95 -14.38 -44.76
CA LEU C 279 -35.20 -13.78 -45.86
C LEU C 279 -35.21 -14.67 -47.09
N LYS C 280 -35.76 -15.88 -46.91
CA LYS C 280 -35.94 -16.84 -48.01
C LYS C 280 -34.61 -17.24 -48.67
N ARG C 281 -33.55 -17.33 -47.87
CA ARG C 281 -32.34 -17.98 -48.32
C ARG C 281 -31.63 -18.62 -47.14
N LYS C 282 -31.20 -19.85 -47.30
CA LYS C 282 -30.57 -20.55 -46.19
C LYS C 282 -29.12 -20.12 -46.08
N PRO C 283 -28.72 -19.64 -44.89
CA PRO C 283 -27.33 -19.26 -44.64
C PRO C 283 -26.40 -20.37 -45.05
N ASP C 284 -25.35 -20.04 -45.80
CA ASP C 284 -24.34 -21.02 -46.17
C ASP C 284 -23.45 -21.36 -44.97
N GLY C 285 -23.73 -20.78 -43.80
CA GLY C 285 -22.85 -20.97 -42.67
C GLY C 285 -23.07 -19.99 -41.53
N ILE C 286 -22.27 -20.13 -40.48
CA ILE C 286 -22.46 -19.38 -39.24
C ILE C 286 -21.16 -18.69 -38.84
N LEU C 287 -21.26 -17.42 -38.48
CA LEU C 287 -20.10 -16.65 -38.05
C LEU C 287 -20.34 -16.10 -36.67
N PRO C 288 -20.00 -16.87 -35.63
CA PRO C 288 -20.32 -16.55 -34.24
C PRO C 288 -19.28 -15.61 -33.64
N ASN C 289 -19.72 -14.75 -32.73
CA ASN C 289 -18.86 -13.68 -32.21
C ASN C 289 -17.87 -14.08 -31.12
N GLY C 290 -16.58 -14.02 -31.45
CA GLY C 290 -15.55 -14.25 -30.46
C GLY C 290 -15.24 -13.01 -29.64
N LEU C 291 -14.25 -13.10 -28.75
CA LEU C 291 -13.77 -11.94 -28.00
C LEU C 291 -12.25 -11.88 -27.97
N ASN C 292 -11.73 -10.76 -27.50
CA ASN C 292 -10.30 -10.62 -27.30
C ASN C 292 -9.93 -11.06 -25.89
N VAL C 293 -10.14 -12.35 -25.60
CA VAL C 293 -10.03 -12.90 -24.25
C VAL C 293 -8.93 -12.31 -23.38
N ILE C 294 -7.77 -12.04 -23.97
CA ILE C 294 -6.66 -11.43 -23.24
C ILE C 294 -7.02 -10.11 -22.56
N LYS C 295 -7.91 -9.35 -23.18
CA LYS C 295 -8.31 -8.03 -22.67
C LYS C 295 -9.09 -8.13 -21.35
N PHE C 296 -9.47 -9.35 -20.99
CA PHE C 296 -10.11 -9.60 -19.69
C PHE C 296 -9.08 -10.14 -18.69
N GLN C 297 -8.74 -11.42 -18.79
CA GLN C 297 -7.68 -11.99 -17.96
C GLN C 297 -6.30 -11.49 -18.38
N ASN C 304 -6.45 -13.47 -6.23
CA ASN C 304 -7.50 -14.41 -5.84
C ASN C 304 -8.87 -13.99 -6.40
N LEU C 305 -8.84 -12.91 -7.20
CA LEU C 305 -9.99 -12.19 -7.83
C LEU C 305 -11.45 -12.33 -7.34
N HIS C 306 -12.14 -13.41 -7.73
CA HIS C 306 -13.54 -13.55 -7.37
C HIS C 306 -13.84 -13.23 -5.91
N ALA C 307 -12.96 -13.67 -5.02
CA ALA C 307 -13.16 -13.45 -3.60
C ALA C 307 -12.87 -11.99 -3.24
N LEU C 308 -11.83 -11.45 -3.87
CA LEU C 308 -11.42 -10.07 -3.62
C LEU C 308 -12.52 -9.08 -3.98
N LYS C 309 -13.30 -9.42 -5.01
CA LYS C 309 -14.38 -8.58 -5.51
C LYS C 309 -15.70 -8.83 -4.79
N LYS C 310 -15.95 -10.09 -4.45
CA LYS C 310 -17.15 -10.45 -3.69
C LYS C 310 -17.20 -9.61 -2.43
N GLU C 311 -16.04 -9.30 -1.86
CA GLU C 311 -15.99 -8.49 -0.66
C GLU C 311 -16.56 -7.10 -0.86
N LYS C 312 -16.43 -6.57 -2.07
CA LYS C 312 -16.99 -5.26 -2.37
C LYS C 312 -18.52 -5.34 -2.43
N ILE C 313 -19.03 -6.45 -2.94
CA ILE C 313 -20.47 -6.70 -2.95
C ILE C 313 -20.98 -6.95 -1.54
N ASN C 314 -20.22 -7.70 -0.75
CA ASN C 314 -20.53 -7.85 0.66
C ASN C 314 -20.75 -6.48 1.31
N ASP C 315 -19.85 -5.54 1.05
CA ASP C 315 -19.93 -4.22 1.66
C ASP C 315 -21.23 -3.47 1.31
N PHE C 316 -21.71 -3.66 0.08
CA PHE C 316 -22.94 -3.02 -0.35
C PHE C 316 -24.14 -3.69 0.31
N VAL C 317 -24.21 -5.01 0.22
CA VAL C 317 -25.30 -5.75 0.84
C VAL C 317 -25.46 -5.40 2.31
N ARG C 318 -24.35 -5.20 3.01
CA ARG C 318 -24.42 -4.85 4.43
C ARG C 318 -25.04 -3.48 4.66
N GLY C 319 -24.61 -2.48 3.91
CA GLY C 319 -25.18 -1.17 4.03
C GLY C 319 -26.60 -1.04 3.48
N HIS C 320 -27.06 -2.08 2.80
CA HIS C 320 -28.39 -2.04 2.20
C HIS C 320 -29.39 -2.75 3.10
N PHE C 321 -28.94 -3.79 3.79
CA PHE C 321 -29.79 -4.52 4.73
C PHE C 321 -29.51 -4.06 6.16
N HIS C 322 -28.83 -2.92 6.29
CA HIS C 322 -28.57 -2.35 7.59
C HIS C 322 -29.86 -2.26 8.39
N GLY C 323 -29.81 -2.68 9.65
CA GLY C 323 -30.97 -2.62 10.51
C GLY C 323 -31.70 -3.94 10.59
N CYS C 324 -31.61 -4.73 9.52
CA CYS C 324 -32.19 -6.07 9.55
C CYS C 324 -31.38 -7.02 8.70
N PHE C 325 -30.16 -7.27 9.17
CA PHE C 325 -29.23 -8.17 8.53
C PHE C 325 -29.32 -9.52 9.24
N ASP C 326 -30.26 -10.35 8.78
CA ASP C 326 -30.67 -11.57 9.47
C ASP C 326 -30.11 -12.86 8.87
N PHE C 327 -29.18 -12.74 7.92
CA PHE C 327 -28.67 -13.92 7.21
C PHE C 327 -27.15 -13.98 7.15
N ASP C 328 -26.61 -15.11 6.71
CA ASP C 328 -25.17 -15.36 6.77
C ASP C 328 -24.45 -15.29 5.42
N LEU C 329 -23.50 -14.36 5.29
CA LEU C 329 -22.87 -14.12 4.00
C LEU C 329 -22.05 -15.29 3.47
N ASP C 330 -21.49 -16.09 4.38
CA ASP C 330 -20.75 -17.28 4.00
C ASP C 330 -21.72 -18.32 3.44
N ASN C 331 -23.00 -17.97 3.46
CA ASN C 331 -24.04 -18.89 3.03
C ASN C 331 -25.05 -18.21 2.10
N THR C 332 -24.65 -17.08 1.53
CA THR C 332 -25.48 -16.44 0.51
C THR C 332 -24.82 -16.55 -0.86
N LEU C 333 -25.64 -16.60 -1.89
CA LEU C 333 -25.16 -16.59 -3.25
C LEU C 333 -25.64 -15.34 -3.96
N TYR C 334 -24.89 -14.89 -4.94
CA TYR C 334 -25.22 -13.68 -5.70
C TYR C 334 -25.62 -14.01 -7.13
N PHE C 335 -26.90 -13.83 -7.43
CA PHE C 335 -27.38 -13.93 -8.81
C PHE C 335 -27.52 -12.53 -9.43
N PHE C 336 -27.26 -12.43 -10.72
CA PHE C 336 -27.44 -11.17 -11.42
C PHE C 336 -27.90 -11.36 -12.86
N ILE C 337 -28.87 -10.56 -13.27
CA ILE C 337 -29.12 -10.37 -14.69
C ILE C 337 -28.56 -9.00 -15.08
N ALA C 338 -28.17 -8.83 -16.33
CA ALA C 338 -27.70 -7.52 -16.79
C ALA C 338 -27.88 -7.37 -18.29
N GLY C 339 -27.86 -6.13 -18.77
CA GLY C 339 -27.94 -5.85 -20.20
C GLY C 339 -28.96 -4.78 -20.52
N ARG C 340 -29.16 -4.50 -21.80
CA ARG C 340 -30.15 -3.51 -22.22
C ARG C 340 -31.45 -3.74 -21.46
N TYR C 341 -32.16 -2.66 -21.18
CA TYR C 341 -33.45 -2.78 -20.51
C TYR C 341 -34.56 -3.24 -21.47
N GLU C 342 -34.37 -4.40 -22.09
CA GLU C 342 -35.42 -5.01 -22.89
C GLU C 342 -36.16 -6.04 -22.03
N TYR C 343 -37.24 -5.61 -21.38
CA TYR C 343 -37.95 -6.43 -20.40
C TYR C 343 -38.34 -7.83 -20.88
N LYS C 344 -39.16 -7.88 -21.91
CA LYS C 344 -39.62 -9.17 -22.44
C LYS C 344 -38.48 -9.99 -23.07
N ASN C 345 -37.69 -9.34 -23.94
CA ASN C 345 -36.66 -10.02 -24.76
C ASN C 345 -35.41 -10.51 -24.02
N LYS C 346 -34.89 -9.71 -23.10
CA LYS C 346 -33.75 -10.14 -22.31
C LYS C 346 -34.26 -11.03 -21.18
N GLY C 347 -35.58 -11.20 -21.14
CA GLY C 347 -36.23 -12.10 -20.19
C GLY C 347 -36.10 -11.72 -18.72
N ALA C 348 -36.39 -10.47 -18.39
CA ALA C 348 -36.35 -10.05 -17.00
C ALA C 348 -37.57 -10.62 -16.31
N ASP C 349 -38.71 -10.59 -17.01
CA ASP C 349 -39.95 -11.20 -16.53
C ASP C 349 -39.73 -12.63 -16.03
N MET C 350 -39.26 -13.50 -16.92
CA MET C 350 -38.95 -14.87 -16.53
C MET C 350 -38.03 -14.96 -15.32
N PHE C 351 -36.97 -14.16 -15.30
CA PHE C 351 -36.02 -14.16 -14.20
C PHE C 351 -36.66 -13.76 -12.87
N ILE C 352 -37.39 -12.64 -12.86
CA ILE C 352 -38.07 -12.21 -11.64
C ILE C 352 -39.06 -13.27 -11.19
N GLU C 353 -39.98 -13.64 -12.08
CA GLU C 353 -40.93 -14.69 -11.78
C GLU C 353 -40.27 -15.97 -11.30
N ALA C 354 -39.27 -16.44 -12.04
CA ALA C 354 -38.55 -17.66 -11.64
C ALA C 354 -37.92 -17.58 -10.25
N LEU C 355 -37.47 -16.39 -9.84
CA LEU C 355 -36.91 -16.21 -8.50
C LEU C 355 -38.01 -16.31 -7.44
N ALA C 356 -39.19 -15.79 -7.74
CA ALA C 356 -40.32 -15.89 -6.82
C ALA C 356 -40.63 -17.36 -6.53
N ARG C 357 -40.64 -18.17 -7.59
CA ARG C 357 -40.84 -19.60 -7.45
C ARG C 357 -39.67 -20.33 -6.79
N LEU C 358 -38.48 -19.72 -6.80
CA LEU C 358 -37.32 -20.32 -6.15
C LEU C 358 -37.32 -19.97 -4.66
N ASN C 359 -37.98 -18.85 -4.36
CA ASN C 359 -38.20 -18.44 -2.99
C ASN C 359 -39.14 -19.42 -2.33
N TYR C 360 -40.29 -19.63 -2.97
CA TYR C 360 -41.27 -20.61 -2.51
C TYR C 360 -40.53 -21.91 -2.18
N ARG C 361 -39.96 -22.54 -3.20
CA ARG C 361 -39.27 -23.82 -3.00
C ARG C 361 -38.23 -23.80 -1.88
N LEU C 362 -37.67 -22.62 -1.61
CA LEU C 362 -36.62 -22.51 -0.60
C LEU C 362 -37.14 -22.32 0.84
N LYS C 363 -38.29 -21.65 0.96
CA LYS C 363 -38.97 -21.53 2.25
C LYS C 363 -39.51 -22.92 2.64
N VAL C 364 -40.34 -23.48 1.77
CA VAL C 364 -40.86 -24.84 1.91
C VAL C 364 -39.77 -25.88 2.23
N SER C 365 -38.79 -26.07 1.35
CA SER C 365 -37.73 -27.04 1.61
C SER C 365 -36.90 -26.63 2.84
N GLY C 366 -37.37 -25.59 3.52
CA GLY C 366 -36.76 -25.09 4.74
C GLY C 366 -35.26 -24.91 4.63
N SER C 367 -34.82 -24.28 3.55
CA SER C 367 -33.39 -24.13 3.29
C SER C 367 -32.72 -23.04 4.13
N LYS C 368 -31.42 -23.25 4.35
CA LYS C 368 -30.62 -22.40 5.23
C LYS C 368 -29.95 -21.26 4.46
N LYS C 369 -29.89 -21.39 3.13
CA LYS C 369 -29.14 -20.46 2.28
C LYS C 369 -29.92 -19.20 1.92
N THR C 370 -29.18 -18.16 1.52
CA THR C 370 -29.78 -16.90 1.03
C THR C 370 -29.24 -16.56 -0.34
N VAL C 371 -30.13 -16.16 -1.24
CA VAL C 371 -29.74 -15.70 -2.57
C VAL C 371 -30.07 -14.21 -2.75
N VAL C 372 -29.05 -13.39 -3.00
CA VAL C 372 -29.30 -11.98 -3.29
C VAL C 372 -29.23 -11.75 -4.80
N ALA C 373 -30.34 -11.34 -5.39
CA ALA C 373 -30.42 -11.22 -6.84
C ALA C 373 -30.41 -9.79 -7.32
N PHE C 374 -29.44 -9.48 -8.17
CA PHE C 374 -29.28 -8.14 -8.74
C PHE C 374 -29.82 -8.08 -10.15
N ILE C 375 -30.64 -7.06 -10.42
CA ILE C 375 -31.05 -6.74 -11.78
C ILE C 375 -30.36 -5.43 -12.18
N VAL C 376 -29.33 -5.56 -13.02
CA VAL C 376 -28.56 -4.40 -13.47
C VAL C 376 -28.97 -4.02 -14.90
N MET C 377 -30.07 -3.27 -15.00
CA MET C 377 -30.57 -2.81 -16.30
C MET C 377 -30.87 -1.32 -16.25
N PRO C 378 -30.13 -0.52 -17.04
CA PRO C 378 -30.25 0.94 -16.95
C PRO C 378 -31.64 1.38 -17.32
N ALA C 379 -32.22 2.27 -16.51
CA ALA C 379 -33.53 2.88 -16.76
C ALA C 379 -33.50 4.39 -16.44
N LYS C 380 -34.61 5.09 -16.70
CA LYS C 380 -34.66 6.52 -16.41
C LYS C 380 -34.81 6.72 -14.91
N ASN C 381 -33.84 7.40 -14.30
CA ASN C 381 -33.83 7.57 -12.86
C ASN C 381 -33.35 8.96 -12.41
N ASN C 382 -33.36 9.17 -11.10
CA ASN C 382 -32.87 10.43 -10.53
C ASN C 382 -31.73 10.24 -9.55
N SER C 383 -30.70 9.50 -9.94
CA SER C 383 -29.61 9.16 -9.04
C SER C 383 -30.14 8.39 -7.83
N PHE C 384 -29.27 8.17 -6.84
CA PHE C 384 -29.60 7.27 -5.74
C PHE C 384 -30.67 7.83 -4.81
N THR C 385 -31.42 6.92 -4.17
CA THR C 385 -32.44 7.29 -3.19
C THR C 385 -31.76 7.73 -1.90
N VAL C 386 -32.37 8.69 -1.21
CA VAL C 386 -31.78 9.19 0.05
C VAL C 386 -31.59 8.05 1.06
N GLU C 387 -32.53 7.11 1.04
CA GLU C 387 -32.49 5.93 1.88
C GLU C 387 -31.24 5.10 1.58
N ALA C 388 -31.10 4.66 0.34
CA ALA C 388 -29.98 3.82 -0.09
C ALA C 388 -28.64 4.45 0.27
N LEU C 389 -28.52 5.75 0.01
CA LEU C 389 -27.31 6.50 0.31
C LEU C 389 -26.96 6.52 1.80
N LYS C 390 -27.99 6.64 2.64
CA LYS C 390 -27.78 6.68 4.08
C LYS C 390 -27.15 5.38 4.53
N GLY C 391 -27.83 4.28 4.22
CA GLY C 391 -27.36 2.95 4.57
C GLY C 391 -25.85 2.78 4.42
N GLN C 392 -25.35 3.04 3.22
CA GLN C 392 -23.93 2.87 2.95
C GLN C 392 -23.11 3.78 3.85
N ALA C 393 -23.56 5.01 4.01
CA ALA C 393 -22.82 5.98 4.81
C ALA C 393 -22.64 5.53 6.26
N GLU C 394 -23.75 5.12 6.87
CA GLU C 394 -23.71 4.74 8.28
C GLU C 394 -22.84 3.51 8.45
N VAL C 395 -23.03 2.50 7.59
CA VAL C 395 -22.23 1.28 7.64
C VAL C 395 -20.77 1.55 7.32
N ARG C 396 -20.50 2.56 6.52
CA ARG C 396 -19.13 2.94 6.24
C ARG C 396 -18.50 3.55 7.47
N ALA C 397 -19.29 4.28 8.24
CA ALA C 397 -18.83 4.89 9.49
C ALA C 397 -18.68 3.88 10.63
N LEU C 398 -19.41 2.77 10.55
CA LEU C 398 -19.27 1.71 11.53
C LEU C 398 -17.85 1.19 11.38
N GLU C 399 -17.50 0.88 10.13
CA GLU C 399 -16.20 0.32 9.78
C GLU C 399 -15.06 1.20 10.28
N ASN C 400 -15.19 2.51 10.09
CA ASN C 400 -14.18 3.44 10.58
C ASN C 400 -14.05 3.40 12.09
N THR C 401 -15.17 3.35 12.77
CA THR C 401 -15.14 3.38 14.22
C THR C 401 -14.57 2.06 14.76
N VAL C 402 -15.01 0.94 14.20
CA VAL C 402 -14.46 -0.35 14.62
C VAL C 402 -12.96 -0.33 14.43
N HIS C 403 -12.53 0.17 13.27
CA HIS C 403 -11.11 0.26 12.95
C HIS C 403 -10.35 1.08 13.99
N GLU C 404 -10.78 2.32 14.21
CA GLU C 404 -10.13 3.18 15.20
C GLU C 404 -10.07 2.46 16.53
N VAL C 405 -11.22 1.98 16.96
CA VAL C 405 -11.33 1.32 18.23
C VAL C 405 -10.40 0.12 18.31
N THR C 406 -10.37 -0.72 17.29
CA THR C 406 -9.50 -1.89 17.37
C THR C 406 -8.02 -1.51 17.37
N THR C 407 -7.60 -0.54 16.57
CA THR C 407 -6.19 -0.22 16.59
C THR C 407 -5.81 0.39 17.93
N SER C 408 -6.77 1.02 18.59
CA SER C 408 -6.54 1.51 19.95
C SER C 408 -6.21 0.34 20.85
N ILE C 409 -6.99 -0.74 20.69
CA ILE C 409 -6.81 -1.97 21.47
C ILE C 409 -5.43 -2.55 21.21
N GLY C 410 -5.08 -2.67 19.93
CA GLY C 410 -3.76 -3.09 19.52
C GLY C 410 -2.65 -2.37 20.26
N LYS C 411 -2.61 -1.05 20.16
CA LYS C 411 -1.63 -0.28 20.91
C LYS C 411 -1.59 -0.66 22.37
N ARG C 412 -2.76 -0.75 23.01
CA ARG C 412 -2.80 -1.10 24.42
C ARG C 412 -2.24 -2.50 24.74
N ILE C 413 -2.54 -3.50 23.91
CA ILE C 413 -2.10 -4.87 24.14
C ILE C 413 -0.60 -4.95 23.96
N PHE C 414 -0.09 -4.24 22.98
CA PHE C 414 1.32 -4.25 22.63
C PHE C 414 2.16 -3.54 23.68
N ASP C 415 1.72 -2.36 24.07
CA ASP C 415 2.40 -1.60 25.09
C ASP C 415 2.53 -2.42 26.38
N HIS C 416 1.42 -3.03 26.80
CA HIS C 416 1.44 -3.89 27.96
C HIS C 416 2.55 -4.91 27.73
N ALA C 417 2.41 -5.71 26.68
CA ALA C 417 3.32 -6.83 26.44
C ALA C 417 4.79 -6.40 26.46
N ILE C 418 5.11 -5.38 25.70
CA ILE C 418 6.49 -4.93 25.58
C ILE C 418 7.07 -4.42 26.90
N ARG C 419 6.20 -4.13 27.85
CA ARG C 419 6.60 -3.61 29.15
C ARG C 419 6.83 -4.70 30.20
N TYR C 420 6.16 -5.84 30.03
CA TYR C 420 6.22 -6.93 31.01
C TYR C 420 7.67 -7.19 31.39
N PRO C 421 8.00 -7.03 32.68
CA PRO C 421 7.20 -6.60 33.83
C PRO C 421 6.78 -5.12 33.80
N GLY C 434 -12.20 -8.05 31.51
CA GLY C 434 -11.09 -7.17 31.84
C GLY C 434 -11.19 -5.84 31.12
N GLU C 435 -12.31 -5.68 30.39
CA GLU C 435 -12.62 -4.49 29.59
C GLU C 435 -11.43 -3.72 29.01
N LEU C 436 -11.13 -4.00 27.74
CA LEU C 436 -10.03 -3.37 27.02
C LEU C 436 -10.52 -2.18 26.21
N LEU C 437 -11.86 -2.07 26.17
CA LEU C 437 -12.58 -0.95 25.58
C LEU C 437 -12.83 0.05 26.67
N LYS C 438 -12.22 1.22 26.60
CA LYS C 438 -12.56 2.24 27.59
C LYS C 438 -13.99 2.75 27.33
N SER C 439 -14.52 3.54 28.26
CA SER C 439 -15.87 4.09 28.11
C SER C 439 -15.94 4.93 26.83
N SER C 440 -14.93 5.76 26.63
CA SER C 440 -14.85 6.60 25.44
C SER C 440 -15.19 5.83 24.16
N ASP C 441 -14.71 4.59 24.08
CA ASP C 441 -14.84 3.80 22.86
C ASP C 441 -16.20 3.13 22.78
N LYS C 442 -16.79 2.86 23.94
CA LYS C 442 -18.11 2.21 24.04
C LYS C 442 -19.20 3.16 23.59
N VAL C 443 -19.03 4.43 23.93
CA VAL C 443 -19.94 5.46 23.49
C VAL C 443 -20.00 5.51 21.95
N MET C 444 -18.86 5.76 21.31
CA MET C 444 -18.91 5.87 19.85
C MET C 444 -19.30 4.56 19.16
N LEU C 445 -18.93 3.42 19.72
CA LEU C 445 -19.44 2.17 19.16
C LEU C 445 -20.96 2.14 19.24
N LYS C 446 -21.49 2.48 20.42
CA LYS C 446 -22.92 2.36 20.66
C LYS C 446 -23.68 3.30 19.73
N ARG C 447 -23.11 4.48 19.51
CA ARG C 447 -23.77 5.42 18.60
C ARG C 447 -23.85 4.89 17.16
N ARG C 448 -22.75 4.34 16.65
CA ARG C 448 -22.70 3.86 15.28
C ARG C 448 -23.60 2.63 15.10
N ILE C 449 -23.83 1.87 16.18
CA ILE C 449 -24.72 0.73 16.08
C ILE C 449 -26.19 1.18 15.99
N LEU C 450 -26.53 2.24 16.71
CA LEU C 450 -27.90 2.69 16.79
C LEU C 450 -28.32 3.39 15.51
N ALA C 451 -27.38 4.09 14.89
CA ALA C 451 -27.66 4.75 13.61
C ALA C 451 -27.96 3.76 12.49
N LEU C 452 -27.93 2.48 12.78
CA LEU C 452 -28.24 1.44 11.80
C LEU C 452 -29.67 0.97 11.96
N ARG C 453 -30.29 1.37 13.07
CA ARG C 453 -31.67 1.03 13.36
C ARG C 453 -32.51 1.54 12.21
N ARG C 454 -33.42 0.70 11.71
CA ARG C 454 -34.36 1.24 10.74
C ARG C 454 -35.80 1.37 11.27
N PRO C 455 -36.45 2.51 10.94
CA PRO C 455 -37.85 2.84 11.17
C PRO C 455 -38.73 1.59 11.09
N GLU C 456 -39.42 1.26 12.19
CA GLU C 456 -40.11 -0.03 12.31
C GLU C 456 -40.94 -0.42 11.10
N GLY C 457 -40.80 -1.68 10.69
CA GLY C 457 -41.56 -2.21 9.58
C GLY C 457 -41.04 -1.77 8.23
N GLN C 458 -40.01 -0.92 8.22
CA GLN C 458 -39.35 -0.56 6.98
C GLN C 458 -38.53 -1.75 6.54
N LEU C 459 -38.65 -2.12 5.27
CA LEU C 459 -37.89 -3.22 4.73
C LEU C 459 -36.81 -2.67 3.81
N PRO C 460 -35.72 -3.44 3.63
CA PRO C 460 -34.65 -3.02 2.72
C PRO C 460 -35.21 -2.91 1.30
N PRO C 461 -35.14 -1.73 0.68
CA PRO C 461 -35.76 -1.45 -0.62
C PRO C 461 -35.42 -2.50 -1.66
N ILE C 462 -36.29 -2.63 -2.67
CA ILE C 462 -36.02 -3.50 -3.80
C ILE C 462 -35.30 -2.74 -4.90
N VAL C 463 -35.15 -1.43 -4.72
CA VAL C 463 -34.49 -0.63 -5.74
C VAL C 463 -33.59 0.41 -5.11
N THR C 464 -32.51 0.75 -5.80
CA THR C 464 -31.51 1.65 -5.26
C THR C 464 -31.68 3.10 -5.71
N HIS C 465 -32.39 3.31 -6.81
CA HIS C 465 -32.51 4.67 -7.36
C HIS C 465 -33.91 5.26 -7.26
N ASN C 466 -33.97 6.59 -7.42
CA ASN C 466 -35.22 7.30 -7.67
C ASN C 466 -35.73 7.06 -9.10
N MET C 467 -36.84 6.32 -9.21
CA MET C 467 -37.42 6.03 -10.53
C MET C 467 -38.24 7.20 -11.13
N VAL C 468 -37.85 7.62 -12.34
CA VAL C 468 -38.52 8.71 -13.03
C VAL C 468 -39.77 8.17 -13.71
N ASP C 469 -40.65 7.54 -12.94
CA ASP C 469 -41.84 6.87 -13.46
C ASP C 469 -42.08 5.62 -12.64
N ASP C 470 -42.10 5.80 -11.33
CA ASP C 470 -42.15 4.67 -10.41
C ASP C 470 -43.33 3.72 -10.69
N ALA C 471 -44.48 4.29 -11.02
CA ALA C 471 -45.71 3.52 -11.09
C ALA C 471 -45.81 2.63 -12.33
N ASN C 472 -45.28 3.10 -13.45
CA ASN C 472 -45.44 2.39 -14.72
C ASN C 472 -44.37 1.35 -15.03
N ASP C 473 -43.21 1.47 -14.37
CA ASP C 473 -42.04 0.65 -14.70
C ASP C 473 -42.28 -0.87 -14.70
N LEU C 474 -41.91 -1.53 -15.79
CA LEU C 474 -42.19 -2.95 -15.94
C LEU C 474 -41.51 -3.80 -14.87
N ILE C 475 -40.21 -3.56 -14.65
CA ILE C 475 -39.45 -4.36 -13.70
C ILE C 475 -40.03 -4.27 -12.28
N LEU C 476 -40.11 -3.04 -11.75
CA LEU C 476 -40.65 -2.85 -10.40
C LEU C 476 -42.01 -3.49 -10.26
N ASN C 477 -42.90 -3.21 -11.22
CA ASN C 477 -44.27 -3.72 -11.20
C ASN C 477 -44.34 -5.25 -11.19
N LYS C 478 -43.38 -5.88 -11.87
CA LYS C 478 -43.36 -7.33 -11.89
C LYS C 478 -42.92 -7.86 -10.54
N ILE C 479 -41.91 -7.24 -9.93
CA ILE C 479 -41.44 -7.75 -8.65
C ILE C 479 -42.45 -7.39 -7.56
N ARG C 480 -43.20 -6.31 -7.78
CA ARG C 480 -44.35 -5.99 -6.92
C ARG C 480 -45.42 -7.09 -7.02
N GLN C 481 -45.72 -7.50 -8.25
CA GLN C 481 -46.72 -8.54 -8.50
C GLN C 481 -46.33 -9.89 -7.89
N VAL C 482 -45.04 -10.16 -7.73
CA VAL C 482 -44.63 -11.40 -7.09
C VAL C 482 -44.31 -11.17 -5.62
N GLN C 483 -44.44 -9.92 -5.20
CA GLN C 483 -44.26 -9.54 -3.81
C GLN C 483 -42.99 -10.13 -3.20
N LEU C 484 -41.87 -9.91 -3.88
CA LEU C 484 -40.57 -10.14 -3.29
C LEU C 484 -40.15 -8.80 -2.69
N PHE C 485 -40.41 -8.62 -1.41
CA PHE C 485 -40.24 -7.32 -0.80
C PHE C 485 -39.09 -7.24 0.21
N ASN C 486 -38.29 -8.30 0.26
CA ASN C 486 -37.09 -8.34 1.09
C ASN C 486 -37.26 -8.57 2.59
N SER C 487 -38.48 -8.90 3.01
CA SER C 487 -38.75 -9.29 4.40
C SER C 487 -38.00 -10.58 4.78
N PRO C 488 -37.57 -10.65 6.05
CA PRO C 488 -36.63 -11.67 6.56
C PRO C 488 -37.03 -13.10 6.23
N SER C 489 -38.33 -13.34 6.18
CA SER C 489 -38.89 -14.63 5.79
C SER C 489 -38.41 -15.04 4.39
N ASP C 490 -38.45 -14.08 3.46
CA ASP C 490 -38.00 -14.27 2.08
C ASP C 490 -36.54 -14.75 1.98
N ARG C 491 -36.35 -15.85 1.26
CA ARG C 491 -35.04 -16.51 1.22
C ARG C 491 -34.21 -16.12 -0.02
N VAL C 492 -34.85 -15.48 -0.99
CA VAL C 492 -34.12 -14.77 -2.03
C VAL C 492 -34.43 -13.27 -1.94
N LYS C 493 -33.39 -12.45 -1.88
CA LYS C 493 -33.57 -11.00 -1.84
C LYS C 493 -33.52 -10.37 -3.26
N MET C 494 -34.08 -9.18 -3.40
CA MET C 494 -34.21 -8.54 -4.71
C MET C 494 -33.59 -7.14 -4.73
N ILE C 495 -32.61 -6.93 -5.59
CA ILE C 495 -31.99 -5.61 -5.70
C ILE C 495 -31.98 -5.13 -7.14
N PHE C 496 -32.73 -4.07 -7.41
CA PHE C 496 -32.79 -3.50 -8.75
C PHE C 496 -31.88 -2.26 -8.85
N HIS C 497 -30.92 -2.29 -9.77
CA HIS C 497 -29.97 -1.19 -9.91
C HIS C 497 -30.02 -0.61 -11.33
N PRO C 498 -30.93 0.37 -11.55
CA PRO C 498 -31.30 0.88 -12.89
C PRO C 498 -30.29 1.85 -13.49
N GLU C 499 -29.02 1.47 -13.51
CA GLU C 499 -27.96 2.36 -13.94
C GLU C 499 -26.70 1.53 -14.15
N PHE C 500 -25.91 1.91 -15.14
CA PHE C 500 -24.62 1.25 -15.34
C PHE C 500 -23.80 1.29 -14.05
N LEU C 501 -23.02 0.23 -13.82
CA LEU C 501 -22.14 0.20 -12.66
C LEU C 501 -20.83 0.96 -12.93
N ASN C 502 -20.42 1.79 -11.97
CA ASN C 502 -19.14 2.51 -12.04
C ASN C 502 -18.36 2.47 -10.75
N ALA C 503 -17.08 2.15 -10.85
CA ALA C 503 -16.25 1.96 -9.66
C ALA C 503 -16.34 3.14 -8.70
N ASN C 504 -16.69 4.30 -9.24
CA ASN C 504 -16.65 5.54 -8.46
C ASN C 504 -18.00 5.95 -7.86
N ASN C 505 -18.91 4.98 -7.76
CA ASN C 505 -20.21 5.22 -7.14
C ASN C 505 -20.26 5.01 -5.64
N PRO C 506 -21.06 5.84 -4.97
CA PRO C 506 -21.31 5.80 -3.53
C PRO C 506 -21.91 4.46 -3.11
N ILE C 507 -22.65 3.81 -4.01
CA ILE C 507 -23.38 2.60 -3.66
C ILE C 507 -22.63 1.31 -3.97
N LEU C 508 -22.46 1.00 -5.25
CA LEU C 508 -21.85 -0.25 -5.62
C LEU C 508 -20.57 0.06 -6.36
N GLY C 509 -19.48 0.21 -5.60
CA GLY C 509 -18.23 0.73 -6.13
C GLY C 509 -17.48 -0.25 -7.01
N LEU C 510 -18.13 -0.71 -8.06
CA LEU C 510 -17.55 -1.70 -8.93
C LEU C 510 -17.73 -1.37 -10.39
N ASP C 511 -16.71 -1.62 -11.20
CA ASP C 511 -16.91 -1.58 -12.64
C ASP C 511 -17.69 -2.83 -12.97
N TYR C 512 -18.43 -2.81 -14.07
CA TYR C 512 -19.19 -4.00 -14.44
C TYR C 512 -18.33 -5.24 -14.30
N ASP C 513 -17.17 -5.25 -14.97
CA ASP C 513 -16.28 -6.42 -14.97
C ASP C 513 -15.90 -6.89 -13.56
N GLU C 514 -15.67 -5.96 -12.62
CA GLU C 514 -15.45 -6.32 -11.22
C GLU C 514 -16.67 -7.02 -10.64
N PHE C 515 -17.80 -6.33 -10.66
CA PHE C 515 -19.05 -6.87 -10.12
C PHE C 515 -19.37 -8.28 -10.64
N VAL C 516 -19.22 -8.50 -11.94
CA VAL C 516 -19.53 -9.82 -12.52
C VAL C 516 -18.66 -10.89 -11.90
N ARG C 517 -17.37 -10.60 -11.72
CA ARG C 517 -16.46 -11.61 -11.19
C ARG C 517 -16.83 -11.98 -9.76
N GLY C 518 -17.29 -10.99 -9.00
CA GLY C 518 -17.68 -11.18 -7.61
C GLY C 518 -18.96 -11.98 -7.41
N CYS C 519 -19.77 -12.11 -8.46
CA CYS C 519 -21.03 -12.83 -8.37
C CYS C 519 -20.79 -14.31 -8.54
N HIS C 520 -21.86 -15.11 -8.40
CA HIS C 520 -21.72 -16.56 -8.42
C HIS C 520 -22.34 -17.16 -9.67
N LEU C 521 -23.44 -16.56 -10.12
CA LEU C 521 -24.19 -17.08 -11.26
C LEU C 521 -24.93 -15.98 -12.06
N GLY C 522 -24.65 -15.91 -13.36
CA GLY C 522 -25.36 -14.98 -14.22
C GLY C 522 -26.57 -15.63 -14.87
N VAL C 523 -27.67 -14.90 -14.92
CA VAL C 523 -28.93 -15.44 -15.43
C VAL C 523 -29.49 -14.58 -16.57
N PHE C 524 -29.45 -15.14 -17.78
CA PHE C 524 -29.78 -14.39 -18.99
C PHE C 524 -30.79 -15.19 -19.80
N PRO C 525 -32.05 -15.18 -19.35
CA PRO C 525 -33.17 -15.97 -19.89
C PRO C 525 -33.75 -15.30 -21.11
N SER C 526 -32.91 -15.10 -22.12
CA SER C 526 -33.31 -14.31 -23.29
C SER C 526 -34.34 -15.00 -24.18
N TYR C 527 -35.28 -14.20 -24.69
CA TYR C 527 -36.26 -14.68 -25.67
C TYR C 527 -35.81 -14.33 -27.09
N TYR C 528 -35.44 -13.08 -27.33
CA TYR C 528 -34.84 -12.69 -28.59
C TYR C 528 -33.44 -12.14 -28.37
N GLU C 529 -32.48 -12.68 -29.11
CA GLU C 529 -31.09 -12.36 -28.85
C GLU C 529 -30.23 -13.07 -29.88
N PRO C 530 -29.91 -12.38 -30.97
CA PRO C 530 -29.18 -13.05 -32.05
C PRO C 530 -27.77 -13.45 -31.61
N TRP C 531 -27.18 -12.78 -30.63
CA TRP C 531 -25.95 -13.31 -30.07
C TRP C 531 -25.96 -13.33 -28.57
N GLY C 532 -26.07 -12.16 -27.96
CA GLY C 532 -25.97 -12.08 -26.52
C GLY C 532 -24.53 -12.00 -26.12
N TYR C 533 -23.98 -10.81 -26.25
CA TYR C 533 -22.62 -10.59 -25.82
C TYR C 533 -22.53 -10.71 -24.29
N THR C 534 -23.58 -10.28 -23.61
CA THR C 534 -23.58 -10.24 -22.14
C THR C 534 -23.29 -11.58 -21.45
N PRO C 535 -24.00 -12.65 -21.86
CA PRO C 535 -23.68 -14.00 -21.37
C PRO C 535 -22.27 -14.42 -21.77
N ALA C 536 -21.96 -14.23 -23.05
CA ALA C 536 -20.68 -14.64 -23.61
C ALA C 536 -19.50 -14.07 -22.83
N GLU C 537 -19.59 -12.80 -22.47
CA GLU C 537 -18.49 -12.17 -21.77
C GLU C 537 -18.54 -12.50 -20.29
N CYS C 538 -19.73 -12.88 -19.84
CA CYS C 538 -19.88 -13.39 -18.48
C CYS C 538 -19.02 -14.64 -18.35
N THR C 539 -19.23 -15.57 -19.28
CA THR C 539 -18.47 -16.82 -19.34
C THR C 539 -16.95 -16.64 -19.53
N VAL C 540 -16.54 -15.62 -20.26
CA VAL C 540 -15.11 -15.41 -20.49
C VAL C 540 -14.39 -14.95 -19.22
N MET C 541 -15.15 -14.48 -18.23
CA MET C 541 -14.56 -14.09 -16.96
C MET C 541 -14.70 -15.20 -15.92
N GLY C 542 -15.05 -16.40 -16.39
CA GLY C 542 -15.11 -17.58 -15.56
C GLY C 542 -16.28 -17.61 -14.60
N VAL C 543 -17.47 -17.32 -15.11
CA VAL C 543 -18.65 -17.28 -14.26
C VAL C 543 -19.79 -18.12 -14.81
N PRO C 544 -20.21 -19.12 -14.03
CA PRO C 544 -21.38 -19.92 -14.37
C PRO C 544 -22.51 -19.04 -14.85
N SER C 545 -23.28 -19.50 -15.83
CA SER C 545 -24.29 -18.66 -16.45
C SER C 545 -25.42 -19.48 -17.03
N ILE C 546 -26.62 -18.92 -17.00
CA ILE C 546 -27.78 -19.57 -17.58
C ILE C 546 -28.23 -18.77 -18.79
N THR C 547 -28.13 -19.35 -19.98
CA THR C 547 -28.66 -18.68 -21.16
C THR C 547 -29.87 -19.46 -21.67
N THR C 548 -30.21 -19.34 -22.95
CA THR C 548 -31.31 -20.12 -23.48
C THR C 548 -30.96 -20.62 -24.88
N ASN C 549 -31.85 -21.42 -25.47
CA ASN C 549 -31.57 -21.99 -26.78
C ASN C 549 -32.18 -21.16 -27.89
N VAL C 550 -32.76 -20.01 -27.53
CA VAL C 550 -33.16 -19.02 -28.52
C VAL C 550 -32.17 -17.85 -28.50
N SER C 551 -31.20 -17.93 -27.60
CA SER C 551 -30.06 -17.03 -27.62
C SER C 551 -29.08 -17.60 -28.60
N GLY C 552 -28.39 -16.73 -29.33
CA GLY C 552 -27.39 -17.19 -30.26
C GLY C 552 -26.24 -17.83 -29.50
N PHE C 553 -25.79 -17.17 -28.44
CA PHE C 553 -24.67 -17.66 -27.66
C PHE C 553 -25.05 -18.97 -26.99
N GLY C 554 -26.33 -19.07 -26.62
CA GLY C 554 -26.86 -20.31 -26.10
C GLY C 554 -26.76 -21.39 -27.16
N SER C 555 -27.47 -21.18 -28.26
CA SER C 555 -27.43 -22.12 -29.35
C SER C 555 -26.02 -22.59 -29.67
N TYR C 556 -25.12 -21.63 -29.72
CA TYR C 556 -23.74 -21.96 -30.01
C TYR C 556 -23.14 -22.87 -28.94
N MET C 557 -23.40 -22.55 -27.68
CA MET C 557 -22.88 -23.32 -26.56
C MET C 557 -23.45 -24.74 -26.55
N GLU C 558 -24.73 -24.85 -26.88
CA GLU C 558 -25.43 -26.13 -26.97
C GLU C 558 -24.76 -27.11 -27.92
N ASP C 559 -23.94 -26.62 -28.84
CA ASP C 559 -23.16 -27.50 -29.70
C ASP C 559 -21.72 -27.68 -29.20
N LEU C 560 -21.57 -27.89 -27.90
CA LEU C 560 -20.32 -28.42 -27.32
C LEU C 560 -20.53 -28.91 -25.88
N ALA C 566 -22.88 -32.28 -19.59
CA ALA C 566 -23.28 -31.09 -20.31
C ALA C 566 -23.25 -29.80 -19.45
N LYS C 567 -24.21 -29.67 -18.52
CA LYS C 567 -24.32 -28.52 -17.61
C LYS C 567 -23.21 -28.47 -16.57
N ASP C 568 -22.29 -29.43 -16.62
CA ASP C 568 -21.21 -29.52 -15.64
C ASP C 568 -20.17 -28.42 -15.86
N TYR C 569 -20.21 -27.79 -17.03
CA TYR C 569 -19.20 -26.79 -17.39
C TYR C 569 -19.56 -25.36 -17.01
N GLY C 570 -20.70 -25.19 -16.33
CA GLY C 570 -21.12 -23.88 -15.88
C GLY C 570 -22.07 -23.25 -16.86
N ILE C 571 -22.64 -24.06 -17.74
CA ILE C 571 -23.57 -23.52 -18.71
C ILE C 571 -24.90 -24.25 -18.73
N TYR C 572 -25.92 -23.55 -18.24
CA TYR C 572 -27.28 -24.07 -18.21
C TYR C 572 -28.06 -23.49 -19.38
N ILE C 573 -28.77 -24.34 -20.10
CA ILE C 573 -29.47 -23.86 -21.29
C ILE C 573 -30.96 -24.16 -21.28
N VAL C 574 -31.71 -23.29 -20.61
CA VAL C 574 -33.18 -23.35 -20.64
C VAL C 574 -33.72 -23.44 -22.08
N ASP C 575 -34.53 -24.46 -22.35
CA ASP C 575 -35.29 -24.49 -23.59
C ASP C 575 -36.31 -23.36 -23.54
N ARG C 576 -36.56 -22.73 -24.67
CA ARG C 576 -37.51 -21.61 -24.73
C ARG C 576 -38.25 -21.68 -26.07
N ARG C 577 -37.71 -22.50 -26.96
CA ARG C 577 -38.19 -22.71 -28.32
C ARG C 577 -39.27 -23.78 -28.34
N PHE C 578 -39.08 -24.81 -27.52
CA PHE C 578 -39.94 -25.98 -27.53
C PHE C 578 -40.92 -26.03 -26.35
N LYS C 579 -40.42 -26.13 -25.12
CA LYS C 579 -41.27 -26.14 -23.93
C LYS C 579 -42.14 -24.88 -23.81
N ALA C 580 -43.27 -25.01 -23.10
CA ALA C 580 -44.22 -23.90 -22.99
C ALA C 580 -43.70 -22.80 -22.07
N PRO C 581 -44.33 -21.60 -22.12
CA PRO C 581 -43.80 -20.45 -21.35
C PRO C 581 -43.64 -20.82 -19.88
N ASP C 582 -44.61 -21.57 -19.38
CA ASP C 582 -44.63 -21.95 -17.97
C ASP C 582 -43.66 -23.09 -17.64
N GLU C 583 -43.46 -24.01 -18.58
CA GLU C 583 -42.54 -25.13 -18.34
C GLU C 583 -41.11 -24.63 -18.40
N SER C 584 -40.85 -23.65 -19.25
CA SER C 584 -39.54 -23.02 -19.33
C SER C 584 -39.21 -22.41 -17.96
N VAL C 585 -40.11 -21.56 -17.48
CA VAL C 585 -39.91 -20.91 -16.19
C VAL C 585 -39.51 -21.95 -15.15
N GLU C 586 -40.25 -23.06 -15.10
CA GLU C 586 -39.98 -24.11 -14.13
C GLU C 586 -38.58 -24.68 -14.31
N GLN C 587 -38.20 -24.93 -15.57
CA GLN C 587 -36.87 -25.45 -15.86
C GLN C 587 -35.81 -24.53 -15.28
N LEU C 588 -36.09 -23.23 -15.28
CA LEU C 588 -35.16 -22.24 -14.78
C LEU C 588 -35.04 -22.42 -13.28
N VAL C 589 -36.19 -22.52 -12.60
CA VAL C 589 -36.20 -22.67 -11.15
C VAL C 589 -35.43 -23.92 -10.72
N ASP C 590 -35.61 -25.00 -11.48
CA ASP C 590 -34.88 -26.24 -11.23
C ASP C 590 -33.37 -25.96 -11.26
N TYR C 591 -32.95 -25.18 -12.26
CA TYR C 591 -31.52 -24.88 -12.48
C TYR C 591 -30.91 -24.07 -11.35
N MET C 592 -31.66 -23.10 -10.84
CA MET C 592 -31.19 -22.28 -9.73
C MET C 592 -31.06 -23.14 -8.47
N GLU C 593 -32.15 -23.83 -8.13
CA GLU C 593 -32.17 -24.72 -6.98
C GLU C 593 -30.94 -25.60 -6.99
N GLU C 594 -30.78 -26.34 -8.08
CA GLU C 594 -29.60 -27.19 -8.29
C GLU C 594 -28.30 -26.45 -7.93
N PHE C 595 -28.19 -25.21 -8.40
CA PHE C 595 -26.99 -24.41 -8.14
C PHE C 595 -26.86 -24.00 -6.67
N VAL C 596 -28.00 -23.73 -6.03
CA VAL C 596 -28.06 -23.36 -4.62
C VAL C 596 -27.56 -24.51 -3.72
N LYS C 597 -28.04 -25.72 -4.01
CA LYS C 597 -27.70 -26.91 -3.23
C LYS C 597 -26.28 -27.41 -3.50
N LYS C 598 -25.66 -26.86 -4.55
CA LYS C 598 -24.26 -27.18 -4.83
C LYS C 598 -23.46 -26.96 -3.55
N THR C 599 -22.49 -27.84 -3.28
CA THR C 599 -21.64 -27.73 -2.09
C THR C 599 -20.42 -26.85 -2.34
N ALA C 600 -19.64 -26.57 -1.30
CA ALA C 600 -18.43 -25.77 -1.45
C ALA C 600 -17.54 -26.34 -2.55
N ALA C 601 -17.45 -27.66 -2.58
CA ALA C 601 -16.61 -28.35 -3.57
C ALA C 601 -17.28 -28.41 -4.94
N GLN C 602 -18.56 -28.77 -4.95
CA GLN C 602 -19.33 -28.87 -6.19
C GLN C 602 -19.37 -27.54 -6.96
N ALA C 603 -19.30 -26.43 -6.21
CA ALA C 603 -19.28 -25.10 -6.79
C ALA C 603 -17.91 -24.78 -7.39
N ILE C 604 -16.85 -24.89 -6.58
CA ILE C 604 -15.50 -24.62 -7.05
C ILE C 604 -15.12 -25.53 -8.22
N ASN C 605 -15.61 -26.76 -8.20
CA ASN C 605 -15.44 -27.65 -9.35
C ASN C 605 -15.92 -26.96 -10.62
N GLN C 606 -17.19 -26.57 -10.63
CA GLN C 606 -17.83 -25.95 -11.78
C GLN C 606 -17.08 -24.71 -12.25
N ARG C 607 -16.87 -23.77 -11.33
CA ARG C 607 -16.17 -22.54 -11.63
C ARG C 607 -14.91 -22.80 -12.46
N ASN C 608 -14.05 -23.68 -11.94
CA ASN C 608 -12.81 -24.05 -12.64
C ASN C 608 -13.08 -24.59 -14.04
N ARG C 609 -14.19 -25.29 -14.19
CA ARG C 609 -14.57 -25.85 -15.49
C ARG C 609 -15.01 -24.76 -16.45
N THR C 610 -15.83 -23.84 -15.98
CA THR C 610 -16.27 -22.74 -16.84
C THR C 610 -15.08 -21.86 -17.19
N GLU C 611 -14.12 -21.78 -16.28
CA GLU C 611 -12.95 -20.93 -16.48
C GLU C 611 -12.11 -21.43 -17.63
N ARG C 612 -12.20 -22.73 -17.92
CA ARG C 612 -11.43 -23.30 -19.00
C ARG C 612 -12.18 -23.20 -20.34
N LEU C 613 -13.48 -22.92 -20.27
CA LEU C 613 -14.29 -22.68 -21.45
C LEU C 613 -13.88 -21.36 -22.12
N SER C 614 -13.43 -20.42 -21.31
CA SER C 614 -12.94 -19.13 -21.78
C SER C 614 -12.30 -19.17 -23.18
N ASP C 615 -11.17 -19.85 -23.30
CA ASP C 615 -10.39 -19.80 -24.54
C ASP C 615 -11.12 -20.26 -25.78
N LEU C 616 -12.09 -21.15 -25.63
CA LEU C 616 -12.91 -21.56 -26.77
C LEU C 616 -13.48 -20.36 -27.49
N LEU C 617 -13.68 -19.28 -26.74
CA LEU C 617 -14.43 -18.11 -27.22
C LEU C 617 -13.56 -16.96 -27.74
N ASP C 618 -12.24 -17.15 -27.77
CA ASP C 618 -11.34 -16.14 -28.35
C ASP C 618 -11.44 -16.14 -29.86
N TRP C 619 -11.05 -15.04 -30.49
CA TRP C 619 -11.11 -14.93 -31.95
C TRP C 619 -10.15 -15.91 -32.64
N LYS C 620 -9.05 -16.25 -31.97
CA LYS C 620 -8.11 -17.25 -32.47
C LYS C 620 -8.83 -18.55 -32.84
N ARG C 621 -9.92 -18.86 -32.15
CA ARG C 621 -10.66 -20.06 -32.53
C ARG C 621 -11.84 -19.73 -33.42
N MET C 622 -12.57 -18.67 -33.08
CA MET C 622 -13.79 -18.32 -33.81
C MET C 622 -13.47 -17.62 -35.13
N GLY C 623 -12.25 -17.07 -35.23
CA GLY C 623 -11.81 -16.42 -36.44
C GLY C 623 -11.77 -17.35 -37.64
N LEU C 624 -11.71 -18.65 -37.37
CA LEU C 624 -11.58 -19.64 -38.43
C LEU C 624 -12.89 -19.80 -39.18
N GLU C 625 -14.00 -19.46 -38.55
CA GLU C 625 -15.28 -19.54 -39.24
C GLU C 625 -15.34 -18.48 -40.34
N TYR C 626 -14.61 -17.38 -40.12
CA TYR C 626 -14.55 -16.31 -41.09
C TYR C 626 -13.73 -16.78 -42.28
N VAL C 627 -12.57 -17.37 -42.00
CA VAL C 627 -11.74 -17.94 -43.07
C VAL C 627 -12.54 -18.90 -43.94
N LYS C 628 -13.27 -19.80 -43.30
CA LYS C 628 -14.15 -20.69 -44.05
C LYS C 628 -15.04 -19.86 -44.98
N ALA C 629 -15.69 -18.86 -44.41
CA ALA C 629 -16.59 -18.00 -45.19
C ALA C 629 -15.92 -17.36 -46.41
N ARG C 630 -14.75 -16.76 -46.20
CA ARG C 630 -14.06 -16.07 -47.28
C ARG C 630 -13.65 -17.05 -48.38
N GLN C 631 -13.22 -18.23 -47.98
CA GLN C 631 -12.78 -19.22 -48.96
C GLN C 631 -13.95 -19.81 -49.71
N LEU C 632 -15.10 -19.99 -49.05
CA LEU C 632 -16.26 -20.44 -49.78
C LEU C 632 -16.63 -19.39 -50.82
N ALA C 633 -16.33 -18.14 -50.51
CA ALA C 633 -16.59 -17.03 -51.43
C ALA C 633 -15.72 -17.12 -52.68
N LEU C 634 -14.44 -17.46 -52.49
CA LEU C 634 -13.52 -17.62 -53.61
C LEU C 634 -13.86 -18.86 -54.44
N ARG C 635 -14.11 -19.98 -53.76
CA ARG C 635 -14.49 -21.21 -54.42
C ARG C 635 -15.73 -21.00 -55.32
N ARG C 636 -16.64 -20.13 -54.91
CA ARG C 636 -17.83 -19.89 -55.72
C ARG C 636 -17.60 -18.91 -56.89
N GLY C 637 -16.65 -18.00 -56.72
CA GLY C 637 -16.42 -16.98 -57.73
C GLY C 637 -15.45 -17.44 -58.80
N TYR C 638 -14.54 -18.32 -58.40
CA TYR C 638 -13.51 -18.82 -59.29
C TYR C 638 -13.40 -20.35 -59.24
N PRO C 639 -14.50 -21.04 -59.59
CA PRO C 639 -14.58 -22.49 -59.40
C PRO C 639 -13.40 -23.21 -60.06
N ASP C 640 -13.00 -22.72 -61.23
CA ASP C 640 -11.86 -23.30 -61.93
C ASP C 640 -10.54 -23.04 -61.21
N GLN C 641 -10.14 -21.78 -61.11
CA GLN C 641 -8.86 -21.44 -60.50
C GLN C 641 -8.71 -22.08 -59.12
N PHE C 642 -9.83 -22.25 -58.42
CA PHE C 642 -9.81 -22.82 -57.07
C PHE C 642 -9.29 -24.25 -57.10
N ARG C 643 -9.88 -25.05 -58.00
CA ARG C 643 -9.45 -26.42 -58.26
C ARG C 643 -7.93 -26.59 -58.35
N GLU C 644 -7.28 -25.72 -59.12
CA GLU C 644 -5.82 -25.75 -59.26
C GLU C 644 -5.12 -25.53 -57.92
N LEU C 645 -5.66 -24.65 -57.10
CA LEU C 645 -5.01 -24.30 -55.84
C LEU C 645 -5.18 -25.39 -54.79
N VAL C 646 -6.17 -26.23 -54.98
CA VAL C 646 -6.52 -27.25 -54.00
C VAL C 646 -6.16 -28.66 -54.48
N GLY C 647 -6.37 -28.91 -55.77
CA GLY C 647 -6.03 -30.18 -56.37
C GLY C 647 -7.23 -31.11 -56.56
N GLU C 648 -8.43 -30.53 -56.63
CA GLU C 648 -9.66 -31.29 -56.83
C GLU C 648 -10.85 -30.34 -56.74
N GLU C 649 -12.06 -30.85 -56.96
CA GLU C 649 -13.24 -30.01 -56.74
C GLU C 649 -13.99 -30.31 -55.43
N LEU C 650 -13.63 -29.53 -54.41
CA LEU C 650 -14.28 -29.55 -53.10
C LEU C 650 -15.71 -29.03 -53.19
N ASN C 651 -16.52 -29.37 -52.19
CA ASN C 651 -17.93 -28.99 -52.20
C ASN C 651 -18.17 -27.52 -51.85
N ASP C 652 -19.12 -26.91 -52.56
CA ASP C 652 -19.36 -25.47 -52.44
C ASP C 652 -20.79 -25.14 -51.98
N SER C 653 -21.42 -26.01 -51.20
CA SER C 653 -22.79 -25.75 -50.77
C SER C 653 -22.92 -25.12 -49.38
N ASN C 654 -22.04 -25.49 -48.45
CA ASN C 654 -21.88 -24.75 -47.19
C ASN C 654 -20.41 -24.56 -46.84
N MET C 655 -20.17 -23.71 -45.84
CA MET C 655 -18.81 -23.43 -45.41
C MET C 655 -18.17 -24.66 -44.79
N ASP C 656 -18.98 -25.45 -44.09
CA ASP C 656 -18.50 -26.68 -43.50
C ASP C 656 -18.33 -27.75 -44.56
N ALA C 657 -19.28 -27.82 -45.50
CA ALA C 657 -19.15 -28.71 -46.64
C ALA C 657 -17.80 -28.52 -47.35
N LEU C 658 -17.29 -27.30 -47.35
CA LEU C 658 -16.00 -27.02 -47.98
C LEU C 658 -14.83 -27.59 -47.19
N ALA C 659 -14.76 -27.29 -45.90
CA ALA C 659 -13.67 -27.82 -45.07
C ALA C 659 -14.21 -28.77 -43.99
N SER D 22 -13.62 -53.14 37.50
CA SER D 22 -14.08 -53.09 36.11
C SER D 22 -14.31 -51.67 35.55
N ARG D 23 -13.44 -51.25 34.63
CA ARG D 23 -13.29 -49.85 34.24
C ARG D 23 -13.90 -49.53 32.88
N ASP D 24 -14.19 -48.25 32.68
CA ASP D 24 -14.89 -47.77 31.48
C ASP D 24 -13.95 -47.63 30.28
N LEU D 25 -14.01 -48.57 29.35
CA LEU D 25 -13.16 -48.49 28.15
C LEU D 25 -13.56 -47.33 27.24
N GLN D 26 -14.81 -46.91 27.32
CA GLN D 26 -15.34 -45.86 26.45
C GLN D 26 -14.76 -44.52 26.90
N ASN D 27 -15.17 -44.08 28.08
CA ASN D 27 -14.70 -42.84 28.68
C ASN D 27 -13.36 -43.06 29.40
N HIS D 28 -12.26 -43.09 28.65
CA HIS D 28 -10.96 -43.42 29.23
C HIS D 28 -10.02 -42.24 29.30
N LEU D 29 -8.89 -42.45 29.99
CA LEU D 29 -7.89 -41.41 30.23
C LEU D 29 -6.64 -41.58 29.35
N LEU D 30 -6.08 -40.49 28.86
CA LEU D 30 -4.88 -40.59 28.04
C LEU D 30 -3.68 -39.84 28.62
N PHE D 31 -2.56 -40.55 28.76
CA PHE D 31 -1.28 -39.95 29.16
C PHE D 31 -0.24 -40.18 28.08
N GLU D 32 0.27 -39.11 27.48
CA GLU D 32 1.26 -39.26 26.41
C GLU D 32 2.58 -38.74 26.95
N THR D 33 3.63 -39.53 26.79
CA THR D 33 4.87 -39.27 27.50
C THR D 33 6.05 -39.26 26.55
N ALA D 34 6.92 -38.25 26.65
CA ALA D 34 8.12 -38.15 25.82
C ALA D 34 9.09 -37.10 26.35
N THR D 35 10.38 -37.30 26.15
CA THR D 35 11.40 -36.33 26.55
C THR D 35 11.12 -34.94 26.04
N GLU D 36 10.28 -34.81 25.02
CA GLU D 36 10.18 -33.54 24.31
C GLU D 36 8.95 -32.70 24.60
N VAL D 37 8.14 -33.07 25.59
CA VAL D 37 6.85 -32.40 25.76
C VAL D 37 6.93 -30.88 25.76
N ALA D 38 7.67 -30.26 26.66
CA ALA D 38 7.77 -28.84 26.39
C ALA D 38 9.20 -28.36 26.30
N ASN D 39 9.98 -29.04 25.47
CA ASN D 39 11.29 -28.55 25.07
C ASN D 39 11.74 -29.11 23.74
N ARG D 40 11.92 -28.23 22.77
CA ARG D 40 12.37 -28.63 21.46
C ARG D 40 13.80 -29.15 21.55
N VAL D 41 13.96 -30.43 21.28
CA VAL D 41 15.21 -31.13 21.49
C VAL D 41 15.19 -32.23 20.44
N GLY D 42 14.14 -32.22 19.62
CA GLY D 42 13.95 -33.23 18.60
C GLY D 42 12.85 -32.84 17.63
N GLY D 43 12.40 -33.80 16.82
CA GLY D 43 11.30 -33.55 15.91
C GLY D 43 10.01 -34.02 16.53
N ILE D 44 10.14 -34.85 17.55
CA ILE D 44 8.96 -35.37 18.24
C ILE D 44 8.23 -34.22 18.91
N TYR D 45 8.98 -33.21 19.32
CA TYR D 45 8.38 -31.99 19.83
C TYR D 45 7.35 -31.52 18.82
N SER D 46 7.75 -31.42 17.56
CA SER D 46 6.86 -30.98 16.52
C SER D 46 5.64 -31.87 16.36
N VAL D 47 5.85 -33.19 16.34
CA VAL D 47 4.73 -34.10 16.25
C VAL D 47 3.69 -33.83 17.33
N LEU D 48 4.10 -33.93 18.58
CA LEU D 48 3.20 -33.74 19.72
C LEU D 48 2.52 -32.37 19.72
N LYS D 49 3.28 -31.34 19.35
CA LYS D 49 2.74 -30.00 19.28
C LYS D 49 1.60 -29.87 18.27
N SER D 50 1.79 -30.44 17.07
CA SER D 50 0.82 -30.28 16.00
C SER D 50 -0.34 -31.26 16.13
N LYS D 51 -0.11 -32.34 16.88
CA LYS D 51 -1.15 -33.34 17.14
C LYS D 51 -2.02 -32.91 18.33
N ALA D 52 -1.63 -31.82 18.99
CA ALA D 52 -2.30 -31.39 20.20
C ALA D 52 -3.74 -30.93 19.96
N PRO D 53 -3.93 -29.93 19.09
CA PRO D 53 -5.28 -29.44 18.79
C PRO D 53 -6.29 -30.56 18.53
N ILE D 54 -5.86 -31.59 17.82
CA ILE D 54 -6.79 -32.67 17.51
C ILE D 54 -7.08 -33.52 18.73
N THR D 55 -6.05 -33.98 19.43
CA THR D 55 -6.29 -34.84 20.60
C THR D 55 -6.95 -34.08 21.76
N VAL D 56 -6.56 -32.83 22.00
CA VAL D 56 -7.24 -32.02 23.00
C VAL D 56 -8.72 -31.89 22.68
N ALA D 57 -9.04 -31.83 21.39
CA ALA D 57 -10.43 -31.73 20.95
C ALA D 57 -11.20 -32.98 21.33
N GLN D 58 -10.60 -34.15 21.09
CA GLN D 58 -11.25 -35.40 21.39
C GLN D 58 -11.37 -35.71 22.90
N TYR D 59 -10.32 -35.40 23.66
CA TYR D 59 -10.22 -35.82 25.05
C TYR D 59 -10.44 -34.71 26.08
N LYS D 60 -10.49 -33.46 25.63
CA LYS D 60 -10.55 -32.33 26.54
C LYS D 60 -9.60 -32.53 27.73
N ASP D 61 -10.12 -32.46 28.95
CA ASP D 61 -9.26 -32.50 30.13
C ASP D 61 -8.93 -33.91 30.65
N HIS D 62 -9.32 -34.92 29.89
CA HIS D 62 -8.94 -36.31 30.19
C HIS D 62 -7.56 -36.64 29.59
N TYR D 63 -6.90 -35.63 29.06
CA TYR D 63 -5.64 -35.82 28.35
C TYR D 63 -4.51 -35.09 29.05
N HIS D 64 -3.39 -35.78 29.23
CA HIS D 64 -2.22 -35.15 29.82
C HIS D 64 -0.94 -35.55 29.10
N LEU D 65 -0.11 -34.56 28.78
CA LEU D 65 1.24 -34.88 28.33
C LEU D 65 2.13 -34.96 29.55
N ILE D 66 3.12 -35.83 29.51
CA ILE D 66 4.05 -36.01 30.62
C ILE D 66 5.47 -35.95 30.07
N GLY D 67 6.36 -35.26 30.77
CA GLY D 67 7.76 -35.27 30.40
C GLY D 67 8.66 -34.82 31.53
N PRO D 68 9.98 -34.83 31.29
CA PRO D 68 10.96 -34.29 32.23
C PRO D 68 10.97 -32.77 32.17
N LEU D 69 11.09 -32.12 33.32
CA LEU D 69 11.12 -30.68 33.36
C LEU D 69 12.49 -30.19 32.94
N ASN D 70 12.53 -29.35 31.90
CA ASN D 70 13.77 -28.70 31.51
C ASN D 70 13.83 -27.30 32.11
N LYS D 71 14.55 -27.15 33.20
CA LYS D 71 14.52 -25.91 33.96
C LYS D 71 15.00 -24.69 33.17
N ALA D 72 15.76 -24.93 32.11
CA ALA D 72 16.23 -23.84 31.29
C ALA D 72 15.09 -23.20 30.48
N THR D 73 14.27 -24.03 29.84
CA THR D 73 13.33 -23.56 28.84
C THR D 73 11.85 -23.57 29.22
N TYR D 74 11.47 -24.28 30.29
CA TYR D 74 10.04 -24.44 30.58
C TYR D 74 9.24 -23.15 30.76
N GLN D 75 9.87 -22.08 31.26
CA GLN D 75 9.16 -20.83 31.50
C GLN D 75 8.71 -20.12 30.22
N ASN D 76 9.29 -20.51 29.09
CA ASN D 76 8.89 -19.95 27.80
C ASN D 76 7.76 -20.74 27.17
N GLU D 77 7.60 -21.98 27.58
CA GLU D 77 6.70 -22.92 26.91
C GLU D 77 5.41 -23.16 27.68
N VAL D 78 5.45 -22.86 28.98
CA VAL D 78 4.40 -23.31 29.87
C VAL D 78 3.70 -22.24 30.71
N ASP D 79 2.37 -22.30 30.70
CA ASP D 79 1.50 -21.51 31.55
C ASP D 79 1.36 -22.23 32.90
N ILE D 80 2.17 -21.88 33.89
CA ILE D 80 2.21 -22.61 35.15
C ILE D 80 0.93 -22.49 36.00
N LEU D 81 0.34 -23.62 36.36
CA LEU D 81 -0.98 -23.62 36.96
C LEU D 81 -0.94 -24.03 38.41
N ASP D 82 -1.89 -23.54 39.19
CA ASP D 82 -2.01 -24.00 40.56
C ASP D 82 -2.86 -25.25 40.56
N TRP D 83 -2.19 -26.39 40.71
CA TRP D 83 -2.86 -27.67 40.62
C TRP D 83 -3.50 -28.03 41.94
N LYS D 84 -3.25 -27.24 42.97
CA LYS D 84 -3.80 -27.58 44.27
C LYS D 84 -5.24 -27.09 44.43
N LYS D 85 -5.58 -26.00 43.76
CA LYS D 85 -6.91 -25.44 43.91
C LYS D 85 -7.93 -26.48 43.52
N PRO D 86 -9.05 -26.55 44.25
CA PRO D 86 -10.12 -27.51 43.93
C PRO D 86 -10.64 -27.35 42.51
N GLU D 87 -10.54 -26.14 41.97
CA GLU D 87 -11.04 -25.86 40.63
C GLU D 87 -10.10 -26.35 39.52
N ALA D 88 -8.95 -26.90 39.90
CA ALA D 88 -7.97 -27.32 38.91
C ALA D 88 -8.38 -28.60 38.18
N PHE D 89 -9.30 -29.35 38.79
CA PHE D 89 -9.78 -30.59 38.18
C PHE D 89 -11.30 -30.77 38.34
N SER D 90 -11.93 -31.37 37.34
CA SER D 90 -13.31 -31.80 37.47
C SER D 90 -13.33 -32.85 38.57
N ASP D 91 -14.48 -33.10 39.17
CA ASP D 91 -14.56 -34.11 40.20
C ASP D 91 -14.27 -35.51 39.66
N GLU D 92 -14.52 -35.75 38.38
CA GLU D 92 -14.22 -37.08 37.84
C GLU D 92 -12.74 -37.25 37.54
N MET D 93 -12.03 -36.15 37.36
CA MET D 93 -10.58 -36.19 37.14
C MET D 93 -9.82 -36.05 38.46
N ARG D 94 -10.54 -35.93 39.56
CA ARG D 94 -9.94 -35.72 40.87
C ARG D 94 -8.85 -36.74 41.22
N PRO D 95 -9.01 -38.00 40.78
CA PRO D 95 -7.91 -38.92 41.07
C PRO D 95 -6.56 -38.36 40.61
N VAL D 96 -6.45 -37.91 39.37
CA VAL D 96 -5.16 -37.37 38.94
C VAL D 96 -4.67 -36.37 39.98
N GLN D 97 -5.54 -35.49 40.45
CA GLN D 97 -5.07 -34.46 41.38
C GLN D 97 -4.49 -35.09 42.66
N HIS D 98 -5.21 -36.05 43.23
CA HIS D 98 -4.72 -36.79 44.39
C HIS D 98 -3.39 -37.52 44.12
N ALA D 99 -3.23 -37.99 42.89
CA ALA D 99 -1.99 -38.66 42.50
C ALA D 99 -0.82 -37.71 42.57
N LEU D 100 -1.02 -36.49 42.09
CA LEU D 100 -0.02 -35.43 42.24
C LEU D 100 0.24 -35.06 43.71
N GLN D 101 -0.79 -35.03 44.54
CA GLN D 101 -0.60 -34.74 45.94
C GLN D 101 0.29 -35.78 46.63
N THR D 102 0.06 -37.05 46.29
CA THR D 102 0.88 -38.15 46.82
C THR D 102 2.31 -38.02 46.34
N MET D 103 2.49 -37.76 45.06
CA MET D 103 3.82 -37.55 44.54
C MET D 103 4.53 -36.45 45.32
N GLU D 104 3.85 -35.35 45.59
CA GLU D 104 4.47 -34.25 46.31
C GLU D 104 4.80 -34.67 47.73
N SER D 105 4.00 -35.56 48.28
CA SER D 105 4.25 -36.13 49.61
C SER D 105 5.61 -36.79 49.75
N ARG D 106 6.03 -37.51 48.71
CA ARG D 106 7.21 -38.35 48.84
C ARG D 106 8.42 -37.60 48.30
N GLY D 107 8.24 -36.30 48.08
CA GLY D 107 9.32 -35.40 47.76
C GLY D 107 9.63 -35.24 46.28
N VAL D 108 8.64 -35.55 45.44
CA VAL D 108 8.80 -35.45 44.00
C VAL D 108 8.22 -34.14 43.51
N HIS D 109 9.03 -33.31 42.88
CA HIS D 109 8.54 -32.03 42.41
C HIS D 109 8.18 -32.08 40.93
N PHE D 110 7.38 -31.12 40.52
CA PHE D 110 6.92 -31.06 39.16
C PHE D 110 6.25 -29.73 38.93
N VAL D 111 6.07 -29.41 37.66
CA VAL D 111 5.30 -28.27 37.23
C VAL D 111 4.05 -28.85 36.61
N TYR D 112 2.88 -28.32 36.98
CA TYR D 112 1.63 -28.68 36.30
C TYR D 112 1.26 -27.43 35.56
N GLY D 113 0.95 -27.54 34.27
CA GLY D 113 0.58 -26.36 33.52
C GLY D 113 -0.13 -26.59 32.19
N ARG D 114 -0.34 -25.51 31.45
CA ARG D 114 -0.87 -25.57 30.11
C ARG D 114 0.31 -25.32 29.19
N TRP D 115 0.44 -26.10 28.12
CA TRP D 115 1.53 -25.93 27.16
C TRP D 115 1.12 -24.84 26.18
N LEU D 116 1.84 -23.72 26.17
CA LEU D 116 1.44 -22.59 25.32
C LEU D 116 1.59 -22.85 23.82
N ILE D 117 0.70 -23.68 23.27
CA ILE D 117 0.61 -23.95 21.83
C ILE D 117 -0.86 -24.07 21.46
N GLU D 118 -1.18 -24.01 20.16
CA GLU D 118 -2.57 -24.21 19.73
C GLU D 118 -3.00 -25.57 20.27
N GLY D 119 -4.12 -25.57 20.98
CA GLY D 119 -4.57 -26.73 21.71
C GLY D 119 -4.54 -26.52 23.22
N ALA D 120 -3.44 -25.92 23.70
CA ALA D 120 -3.22 -25.69 25.12
C ALA D 120 -3.51 -26.93 25.98
N PRO D 121 -2.86 -28.06 25.65
CA PRO D 121 -3.06 -29.31 26.38
C PRO D 121 -2.41 -29.19 27.73
N LYS D 122 -2.95 -29.92 28.71
CA LYS D 122 -2.38 -29.86 30.04
C LYS D 122 -1.12 -30.74 30.15
N VAL D 123 -0.20 -30.29 31.00
CA VAL D 123 1.14 -30.82 30.98
C VAL D 123 1.63 -31.11 32.41
N ILE D 124 2.29 -32.26 32.58
CA ILE D 124 2.90 -32.60 33.86
C ILE D 124 4.40 -32.78 33.68
N LEU D 125 5.17 -31.83 34.20
CA LEU D 125 6.61 -31.84 33.97
C LEU D 125 7.37 -32.29 35.23
N PHE D 126 7.89 -33.51 35.26
CA PHE D 126 8.56 -33.99 36.48
C PHE D 126 9.97 -33.46 36.66
N ASP D 127 10.22 -32.87 37.84
CA ASP D 127 11.54 -32.33 38.15
C ASP D 127 12.49 -33.44 38.56
N LEU D 128 13.26 -33.96 37.59
CA LEU D 128 14.06 -35.15 37.84
C LEU D 128 15.11 -34.97 38.92
N ASP D 129 15.45 -33.72 39.24
CA ASP D 129 16.38 -33.43 40.32
C ASP D 129 15.87 -33.94 41.64
N SER D 130 14.56 -33.85 41.83
CA SER D 130 13.94 -34.17 43.11
C SER D 130 13.84 -35.66 43.32
N VAL D 131 14.41 -36.42 42.41
CA VAL D 131 14.24 -37.86 42.41
C VAL D 131 15.60 -38.51 42.13
N ARG D 132 16.57 -37.67 41.81
CA ARG D 132 17.90 -38.12 41.45
C ARG D 132 18.55 -39.01 42.51
N GLY D 133 18.19 -38.80 43.77
CA GLY D 133 18.76 -39.57 44.85
C GLY D 133 18.47 -41.06 44.78
N TYR D 134 17.23 -41.40 44.45
CA TYR D 134 16.83 -42.79 44.21
C TYR D 134 17.59 -43.42 43.04
N SER D 135 18.55 -42.68 42.48
CA SER D 135 19.27 -43.12 41.28
C SER D 135 19.95 -44.47 41.34
N ASN D 136 20.81 -44.71 42.34
CA ASN D 136 21.50 -46.00 42.42
C ASN D 136 20.51 -47.12 42.64
N GLU D 137 19.56 -46.90 43.53
CA GLU D 137 18.56 -47.93 43.85
C GLU D 137 17.86 -48.41 42.58
N TRP D 138 17.40 -47.45 41.77
CA TRP D 138 16.64 -47.75 40.56
C TRP D 138 17.50 -48.36 39.48
N LYS D 139 18.72 -47.85 39.31
CA LYS D 139 19.65 -48.42 38.33
C LYS D 139 19.83 -49.91 38.60
N GLY D 140 19.92 -50.26 39.89
CA GLY D 140 20.06 -51.64 40.32
C GLY D 140 18.82 -52.48 40.06
N ASP D 141 17.69 -52.03 40.57
CA ASP D 141 16.43 -52.70 40.28
C ASP D 141 16.27 -52.96 38.78
N LEU D 142 16.55 -51.96 37.94
CA LEU D 142 16.31 -52.08 36.51
C LEU D 142 17.10 -53.23 35.93
N TRP D 143 18.34 -53.36 36.38
CA TRP D 143 19.25 -54.43 35.95
C TRP D 143 18.71 -55.79 36.31
N SER D 144 18.32 -55.96 37.57
CA SER D 144 17.78 -57.25 38.00
C SER D 144 16.26 -57.33 37.90
N LEU D 145 15.70 -56.74 36.84
CA LEU D 145 14.30 -56.96 36.48
C LEU D 145 14.25 -57.24 35.00
N VAL D 146 15.06 -56.50 34.26
CA VAL D 146 15.01 -56.53 32.82
C VAL D 146 16.42 -56.65 32.25
N GLY D 147 17.41 -56.65 33.14
CA GLY D 147 18.79 -56.82 32.71
C GLY D 147 19.25 -55.70 31.79
N ILE D 148 19.02 -54.46 32.22
CA ILE D 148 19.46 -53.30 31.47
C ILE D 148 20.62 -52.64 32.19
N PRO D 149 21.81 -52.72 31.59
CA PRO D 149 23.02 -52.11 32.16
C PRO D 149 22.84 -50.60 32.18
N SER D 150 23.75 -49.88 32.83
CA SER D 150 23.69 -48.43 32.85
C SER D 150 25.01 -47.82 33.29
N PRO D 151 25.96 -47.73 32.35
CA PRO D 151 27.23 -47.04 32.62
C PRO D 151 26.94 -45.68 33.22
N GLU D 152 27.71 -45.27 34.22
CA GLU D 152 27.41 -44.05 34.95
C GLU D 152 27.81 -42.78 34.19
N ASN D 153 28.45 -42.96 33.05
CA ASN D 153 28.88 -41.81 32.26
C ASN D 153 27.94 -41.52 31.10
N ASP D 154 26.76 -42.15 31.14
CA ASP D 154 25.73 -41.88 30.15
C ASP D 154 24.61 -41.06 30.78
N PHE D 155 24.77 -39.74 30.74
CA PHE D 155 23.83 -38.85 31.37
C PHE D 155 22.41 -38.94 30.80
N GLU D 156 22.29 -39.39 29.56
CA GLU D 156 20.98 -39.47 28.92
C GLU D 156 20.18 -40.68 29.40
N THR D 157 20.82 -41.83 29.54
CA THR D 157 20.07 -42.98 30.05
C THR D 157 19.86 -42.88 31.56
N ASN D 158 20.74 -42.17 32.25
CA ASN D 158 20.48 -41.86 33.64
C ASN D 158 19.13 -41.15 33.73
N ASP D 159 18.98 -40.09 32.94
CA ASP D 159 17.73 -39.34 32.95
C ASP D 159 16.60 -40.24 32.50
N ALA D 160 16.88 -41.09 31.51
CA ALA D 160 15.85 -41.99 30.99
C ALA D 160 15.27 -42.86 32.08
N ILE D 161 16.14 -43.34 32.97
CA ILE D 161 15.71 -44.20 34.07
C ILE D 161 14.99 -43.41 35.17
N LEU D 162 15.55 -42.28 35.60
CA LEU D 162 14.83 -41.43 36.53
C LEU D 162 13.44 -41.18 36.01
N LEU D 163 13.34 -40.68 34.77
CA LEU D 163 12.03 -40.44 34.14
C LEU D 163 11.15 -41.68 34.10
N GLY D 164 11.73 -42.80 33.71
CA GLY D 164 10.98 -44.05 33.69
C GLY D 164 10.35 -44.37 35.03
N TYR D 165 11.16 -44.43 36.08
CA TYR D 165 10.64 -44.83 37.37
C TYR D 165 9.62 -43.83 37.88
N THR D 166 9.83 -42.54 37.60
CA THR D 166 8.94 -41.53 38.15
C THR D 166 7.56 -41.67 37.52
N VAL D 167 7.55 -41.87 36.20
CA VAL D 167 6.33 -41.94 35.43
C VAL D 167 5.57 -43.22 35.75
N ALA D 168 6.30 -44.33 35.89
CA ALA D 168 5.64 -45.59 36.24
C ALA D 168 4.95 -45.44 37.59
N TRP D 169 5.68 -44.86 38.54
CA TRP D 169 5.23 -44.46 39.87
C TRP D 169 3.96 -43.60 39.86
N PHE D 170 3.89 -42.65 38.94
CA PHE D 170 2.72 -41.80 38.83
C PHE D 170 1.53 -42.56 38.26
N LEU D 171 1.78 -43.46 37.30
CA LEU D 171 0.69 -44.22 36.68
C LEU D 171 0.15 -45.28 37.64
N GLY D 172 1.01 -45.75 38.54
CA GLY D 172 0.58 -46.64 39.60
C GLY D 172 -0.35 -45.94 40.58
N GLU D 173 0.00 -44.72 40.95
CA GLU D 173 -0.85 -43.91 41.83
C GLU D 173 -2.20 -43.65 41.20
N VAL D 174 -2.20 -43.37 39.89
CA VAL D 174 -3.44 -43.06 39.20
C VAL D 174 -4.30 -44.32 39.08
N ALA D 175 -3.68 -45.42 38.67
CA ALA D 175 -4.36 -46.71 38.60
C ALA D 175 -5.01 -47.04 39.95
N HIS D 176 -4.32 -46.66 41.01
CA HIS D 176 -4.77 -46.98 42.36
C HIS D 176 -5.95 -46.10 42.81
N LEU D 177 -5.83 -44.80 42.60
CA LEU D 177 -6.82 -43.86 43.12
C LEU D 177 -8.05 -43.76 42.23
N ASP D 178 -7.87 -43.98 40.93
CA ASP D 178 -8.94 -43.82 39.95
C ASP D 178 -9.50 -45.17 39.59
N SER D 179 -10.81 -45.33 39.68
CA SER D 179 -11.41 -46.64 39.48
C SER D 179 -12.56 -46.60 38.47
N GLN D 180 -12.79 -45.43 37.89
CA GLN D 180 -13.86 -45.27 36.92
C GLN D 180 -13.37 -45.49 35.50
N HIS D 181 -12.26 -44.85 35.17
CA HIS D 181 -11.73 -44.82 33.80
C HIS D 181 -10.72 -45.91 33.54
N ALA D 182 -10.67 -46.38 32.31
CA ALA D 182 -9.52 -47.16 31.84
C ALA D 182 -8.41 -46.16 31.61
N ILE D 183 -7.17 -46.61 31.67
CA ILE D 183 -6.03 -45.71 31.51
C ILE D 183 -5.13 -46.19 30.39
N VAL D 184 -5.02 -45.38 29.34
CA VAL D 184 -4.09 -45.69 28.28
C VAL D 184 -2.87 -44.79 28.38
N ALA D 185 -1.68 -45.38 28.25
CA ALA D 185 -0.43 -44.68 28.41
C ALA D 185 0.48 -44.86 27.19
N HIS D 186 0.68 -43.78 26.45
CA HIS D 186 1.44 -43.77 25.22
C HIS D 186 2.84 -43.17 25.45
N PHE D 187 3.90 -43.89 25.05
CA PHE D 187 5.27 -43.40 25.21
C PHE D 187 5.94 -43.27 23.85
N HIS D 188 6.60 -42.14 23.59
CA HIS D 188 7.34 -41.93 22.36
C HIS D 188 8.86 -42.04 22.55
N GLU D 189 9.47 -42.95 21.80
CA GLU D 189 10.93 -43.09 21.74
C GLU D 189 11.60 -43.71 23.00
N TRP D 190 12.79 -44.27 22.85
CA TRP D 190 13.42 -45.03 23.94
C TRP D 190 13.67 -44.26 25.23
N LEU D 191 14.06 -43.00 25.13
CA LEU D 191 14.36 -42.21 26.31
C LEU D 191 13.18 -42.14 27.27
N ALA D 192 11.97 -42.16 26.72
CA ALA D 192 10.77 -42.20 27.55
C ALA D 192 10.20 -43.64 27.68
N GLY D 193 10.99 -44.63 27.30
CA GLY D 193 10.52 -46.00 27.29
C GLY D 193 10.80 -46.89 28.50
N VAL D 194 11.60 -46.42 29.44
CA VAL D 194 11.93 -47.24 30.60
C VAL D 194 10.68 -47.61 31.42
N ALA D 195 9.65 -46.77 31.38
CA ALA D 195 8.47 -47.03 32.19
C ALA D 195 7.69 -48.25 31.69
N LEU D 196 7.92 -48.63 30.44
CA LEU D 196 7.20 -49.76 29.88
C LEU D 196 7.51 -51.09 30.56
N PRO D 197 8.79 -51.49 30.64
CA PRO D 197 9.08 -52.70 31.43
C PRO D 197 8.44 -52.63 32.83
N LEU D 198 8.74 -51.60 33.59
CA LEU D 198 8.20 -51.45 34.92
C LEU D 198 6.70 -51.70 34.93
N CYS D 199 5.98 -51.14 33.97
CA CYS D 199 4.53 -51.28 33.97
C CYS D 199 4.05 -52.73 33.83
N ARG D 200 4.63 -53.47 32.89
CA ARG D 200 4.29 -54.87 32.68
C ARG D 200 4.73 -55.74 33.86
N LYS D 201 6.00 -55.63 34.22
CA LYS D 201 6.54 -56.42 35.30
C LYS D 201 5.77 -56.20 36.61
N ARG D 202 5.41 -54.95 36.92
CA ARG D 202 4.65 -54.69 38.15
C ARG D 202 3.15 -54.88 37.97
N ARG D 203 2.73 -55.15 36.73
CA ARG D 203 1.34 -55.47 36.44
C ARG D 203 0.35 -54.34 36.77
N ILE D 204 0.79 -53.10 36.58
CA ILE D 204 -0.05 -51.92 36.80
C ILE D 204 -1.28 -51.99 35.91
N ASP D 205 -2.42 -51.51 36.40
CA ASP D 205 -3.64 -51.54 35.58
C ASP D 205 -3.82 -50.38 34.58
N VAL D 206 -2.86 -50.26 33.66
CA VAL D 206 -2.99 -49.36 32.53
C VAL D 206 -2.70 -50.17 31.25
N VAL D 207 -3.09 -49.65 30.10
CA VAL D 207 -2.68 -50.27 28.83
C VAL D 207 -1.70 -49.36 28.11
N THR D 208 -0.64 -49.94 27.56
CA THR D 208 0.49 -49.16 27.08
C THR D 208 0.71 -49.26 25.57
N ILE D 209 1.15 -48.15 24.98
CA ILE D 209 1.56 -48.09 23.58
C ILE D 209 2.98 -47.55 23.50
N PHE D 210 3.84 -48.17 22.69
CA PHE D 210 5.17 -47.62 22.44
C PHE D 210 5.30 -47.30 20.96
N THR D 211 5.76 -46.09 20.66
CA THR D 211 5.98 -45.68 19.28
C THR D 211 7.41 -45.26 19.07
N THR D 212 8.11 -45.91 18.16
CA THR D 212 9.51 -45.57 17.89
C THR D 212 9.58 -44.78 16.59
N HIS D 213 10.31 -43.67 16.60
CA HIS D 213 10.35 -42.78 15.43
C HIS D 213 11.62 -42.95 14.61
N ALA D 214 12.28 -44.09 14.83
CA ALA D 214 13.57 -44.38 14.25
C ALA D 214 14.03 -45.54 15.08
N THR D 215 15.23 -46.03 14.84
CA THR D 215 15.77 -47.05 15.71
C THR D 215 17.22 -46.70 16.02
N LEU D 216 17.71 -47.07 17.19
CA LEU D 216 19.10 -46.78 17.49
C LEU D 216 20.03 -47.36 16.45
N LEU D 217 19.89 -48.66 16.21
CA LEU D 217 20.75 -49.32 15.23
C LEU D 217 20.62 -48.70 13.85
N GLY D 218 19.38 -48.53 13.40
CA GLY D 218 19.14 -47.78 12.18
C GLY D 218 20.08 -46.61 12.01
N ARG D 219 19.99 -45.63 12.92
CA ARG D 219 20.77 -44.40 12.80
C ARG D 219 22.26 -44.67 12.75
N TYR D 220 22.76 -45.47 13.70
CA TYR D 220 24.20 -45.76 13.79
C TYR D 220 24.76 -46.50 12.57
N LEU D 221 24.02 -47.48 12.07
CA LEU D 221 24.43 -48.24 10.88
C LEU D 221 24.57 -47.37 9.65
N CYS D 222 23.63 -46.44 9.48
CA CYS D 222 23.63 -45.55 8.32
C CYS D 222 24.58 -44.36 8.44
N ALA D 223 25.30 -44.27 9.55
CA ALA D 223 26.13 -43.10 9.79
C ALA D 223 27.47 -43.13 9.06
N SER D 224 27.72 -44.20 8.30
CA SER D 224 28.97 -44.29 7.53
C SER D 224 28.78 -44.16 6.01
N GLY D 225 28.08 -45.11 5.39
CA GLY D 225 27.80 -45.03 3.96
C GLY D 225 27.98 -46.35 3.21
N ASP D 228 26.30 -49.88 4.08
CA ASP D 228 25.01 -50.31 3.52
C ASP D 228 24.00 -50.65 4.61
N PHE D 229 22.72 -50.53 4.24
CA PHE D 229 21.62 -50.72 5.18
C PHE D 229 20.53 -51.62 4.62
N TYR D 230 19.62 -51.03 3.85
CA TYR D 230 18.35 -51.67 3.51
C TYR D 230 18.41 -53.12 3.00
N ASN D 231 19.59 -53.55 2.54
CA ASN D 231 19.75 -54.92 2.07
C ASN D 231 20.18 -55.86 3.19
N CYS D 232 21.42 -55.75 3.61
CA CYS D 232 21.96 -56.66 4.62
C CYS D 232 21.67 -56.27 6.07
N LEU D 233 20.54 -55.59 6.29
CA LEU D 233 20.15 -55.23 7.66
C LEU D 233 19.47 -56.40 8.35
N GLU D 234 18.70 -57.16 7.58
CA GLU D 234 17.96 -58.28 8.14
C GLU D 234 18.88 -59.45 8.44
N SER D 235 20.19 -59.22 8.35
CA SER D 235 21.16 -60.28 8.62
C SER D 235 22.29 -59.79 9.51
N VAL D 236 21.99 -58.87 10.43
CA VAL D 236 23.01 -58.36 11.35
C VAL D 236 22.77 -58.79 12.79
N ASP D 237 23.87 -59.03 13.49
CA ASP D 237 23.82 -59.46 14.87
C ASP D 237 23.62 -58.23 15.78
N VAL D 238 22.37 -57.92 16.10
CA VAL D 238 22.05 -56.76 16.93
C VAL D 238 22.89 -56.69 18.19
N ASP D 239 22.83 -57.74 19.02
CA ASP D 239 23.62 -57.76 20.24
C ASP D 239 25.08 -57.38 19.95
N HIS D 240 25.64 -57.89 18.86
CA HIS D 240 27.03 -57.56 18.53
C HIS D 240 27.23 -56.16 17.96
N GLU D 241 26.40 -55.77 16.99
CA GLU D 241 26.48 -54.44 16.39
C GLU D 241 26.35 -53.36 17.45
N ALA D 242 25.32 -53.47 18.28
CA ALA D 242 25.13 -52.56 19.39
C ALA D 242 26.41 -52.39 20.21
N GLY D 243 27.02 -53.50 20.62
CA GLY D 243 28.29 -53.44 21.33
C GLY D 243 29.38 -52.68 20.59
N ARG D 244 29.46 -52.87 19.28
CA ARG D 244 30.50 -52.23 18.49
C ARG D 244 30.38 -50.69 18.50
N PHE D 245 29.15 -50.19 18.59
CA PHE D 245 28.91 -48.76 18.64
C PHE D 245 28.89 -48.19 20.07
N GLY D 246 28.86 -49.07 21.07
CA GLY D 246 28.86 -48.65 22.46
C GLY D 246 27.47 -48.23 22.89
N ILE D 247 26.49 -48.92 22.33
CA ILE D 247 25.10 -48.52 22.38
C ILE D 247 24.26 -49.55 23.12
N TYR D 248 24.92 -50.59 23.61
CA TYR D 248 24.21 -51.77 24.12
C TYR D 248 23.06 -51.43 25.07
N HIS D 249 23.39 -50.77 26.18
CA HIS D 249 22.39 -50.42 27.19
C HIS D 249 21.23 -49.61 26.61
N ARG D 250 21.53 -48.71 25.67
CA ARG D 250 20.49 -47.92 25.05
C ARG D 250 19.62 -48.82 24.20
N TYR D 251 20.26 -49.77 23.52
CA TYR D 251 19.53 -50.72 22.70
C TYR D 251 18.56 -51.59 23.54
N CYS D 252 19.05 -52.14 24.66
CA CYS D 252 18.20 -52.90 25.59
C CYS D 252 16.99 -52.13 26.08
N ILE D 253 17.12 -50.80 26.20
CA ILE D 253 16.00 -49.97 26.61
C ILE D 253 14.99 -49.83 25.49
N GLU D 254 15.48 -49.63 24.26
CA GLU D 254 14.57 -49.50 23.12
C GLU D 254 13.83 -50.83 22.89
N ARG D 255 14.52 -51.93 23.19
CA ARG D 255 13.97 -53.26 22.96
C ARG D 255 12.93 -53.59 24.03
N ALA D 256 13.35 -53.45 25.28
CA ALA D 256 12.46 -53.62 26.41
C ALA D 256 11.15 -52.87 26.20
N ALA D 257 11.24 -51.61 25.78
CA ALA D 257 10.04 -50.81 25.49
C ALA D 257 9.20 -51.44 24.40
N ALA D 258 9.83 -51.82 23.28
CA ALA D 258 9.09 -52.38 22.17
C ALA D 258 8.42 -53.70 22.56
N HIS D 259 9.06 -54.48 23.41
CA HIS D 259 8.48 -55.76 23.82
C HIS D 259 7.43 -55.63 24.93
N SER D 260 7.71 -54.80 25.93
CA SER D 260 6.83 -54.70 27.09
C SER D 260 5.53 -53.97 26.79
N ALA D 261 5.44 -53.34 25.62
CA ALA D 261 4.27 -52.54 25.32
C ALA D 261 3.11 -53.38 24.81
N ASP D 262 1.90 -53.05 25.23
CA ASP D 262 0.72 -53.76 24.73
C ASP D 262 0.58 -53.61 23.21
N VAL D 263 0.87 -52.43 22.70
CA VAL D 263 0.87 -52.15 21.26
C VAL D 263 2.16 -51.46 20.86
N PHE D 264 2.88 -52.04 19.90
CA PHE D 264 4.12 -51.48 19.40
C PHE D 264 3.88 -50.91 18.01
N THR D 265 4.31 -49.67 17.78
CA THR D 265 4.16 -49.03 16.45
C THR D 265 5.39 -48.23 16.02
N THR D 266 5.37 -47.77 14.77
CA THR D 266 6.39 -46.84 14.28
C THR D 266 5.71 -45.77 13.45
N VAL D 267 6.47 -44.80 12.97
CA VAL D 267 5.88 -43.69 12.23
C VAL D 267 5.59 -44.00 10.77
N SER D 268 6.36 -44.93 10.21
CA SER D 268 6.36 -45.16 8.77
C SER D 268 6.53 -46.63 8.45
N GLN D 269 6.00 -47.04 7.30
CA GLN D 269 6.16 -48.41 6.84
C GLN D 269 7.61 -48.84 6.74
N ILE D 270 8.45 -47.98 6.18
CA ILE D 270 9.85 -48.34 6.02
C ILE D 270 10.54 -48.54 7.36
N THR D 271 10.12 -47.79 8.37
CA THR D 271 10.72 -47.94 9.70
C THR D 271 10.17 -49.18 10.42
N ALA D 272 8.96 -49.59 10.06
CA ALA D 272 8.41 -50.86 10.52
C ALA D 272 9.26 -52.02 10.02
N PHE D 273 9.69 -51.95 8.77
CA PHE D 273 10.61 -52.95 8.26
C PHE D 273 11.90 -52.96 9.07
N GLU D 274 12.57 -51.81 9.11
CA GLU D 274 13.77 -51.62 9.91
C GLU D 274 13.58 -52.10 11.34
N ALA D 275 12.39 -51.88 11.89
CA ALA D 275 12.13 -52.14 13.30
C ALA D 275 12.01 -53.63 13.58
N GLU D 276 11.34 -54.34 12.68
CA GLU D 276 11.03 -55.73 12.90
C GLU D 276 12.27 -56.59 13.01
N HIS D 277 13.30 -56.23 12.27
CA HIS D 277 14.50 -57.04 12.20
C HIS D 277 15.55 -56.63 13.22
N LEU D 278 15.53 -55.36 13.59
CA LEU D 278 16.49 -54.81 14.54
C LEU D 278 15.98 -54.74 15.99
N LEU D 279 14.66 -54.74 16.17
CA LEU D 279 14.10 -54.76 17.52
C LEU D 279 13.43 -56.08 17.81
N LYS D 280 13.35 -56.92 16.79
CA LYS D 280 12.81 -58.28 16.92
C LYS D 280 11.36 -58.30 17.42
N ARG D 281 10.57 -57.32 16.98
CA ARG D 281 9.13 -57.41 17.13
C ARG D 281 8.48 -56.66 16.00
N LYS D 282 7.48 -57.26 15.39
CA LYS D 282 6.80 -56.64 14.26
C LYS D 282 5.80 -55.62 14.77
N PRO D 283 5.92 -54.38 14.29
CA PRO D 283 4.98 -53.31 14.65
C PRO D 283 3.56 -53.77 14.41
N ASP D 284 2.68 -53.55 15.37
CA ASP D 284 1.27 -53.88 15.22
C ASP D 284 0.58 -52.87 14.31
N GLY D 285 1.33 -51.91 13.77
CA GLY D 285 0.72 -50.85 12.99
C GLY D 285 1.61 -49.63 12.80
N ILE D 286 1.07 -48.63 12.10
CA ILE D 286 1.83 -47.47 11.65
C ILE D 286 1.15 -46.18 12.05
N LEU D 287 1.92 -45.25 12.60
CA LEU D 287 1.39 -43.98 13.05
C LEU D 287 2.14 -42.85 12.35
N PRO D 288 1.67 -42.46 11.17
CA PRO D 288 2.38 -41.52 10.31
C PRO D 288 2.06 -40.09 10.72
N ASN D 289 3.03 -39.19 10.53
CA ASN D 289 2.95 -37.82 11.02
C ASN D 289 2.13 -36.86 10.16
N GLY D 290 1.00 -36.39 10.68
CA GLY D 290 0.20 -35.39 10.00
C GLY D 290 0.70 -34.00 10.30
N LEU D 291 0.00 -32.98 9.80
CA LEU D 291 0.31 -31.59 10.13
C LEU D 291 -0.97 -30.81 10.43
N ASN D 292 -0.77 -29.60 10.95
CA ASN D 292 -1.89 -28.69 11.19
C ASN D 292 -2.13 -27.84 9.95
N VAL D 293 -2.54 -28.50 8.87
CA VAL D 293 -2.61 -27.88 7.54
C VAL D 293 -3.11 -26.43 7.50
N ILE D 294 -4.08 -26.09 8.36
CA ILE D 294 -4.57 -24.73 8.46
C ILE D 294 -3.46 -23.70 8.73
N LYS D 295 -2.47 -24.10 9.51
CA LYS D 295 -1.40 -23.18 9.93
C LYS D 295 -0.52 -22.76 8.75
N PHE D 296 -0.72 -23.39 7.60
CA PHE D 296 -0.03 -23.02 6.37
C PHE D 296 -0.97 -22.20 5.48
N GLN D 297 -1.84 -22.89 4.75
CA GLN D 297 -2.85 -22.27 3.89
C GLN D 297 -3.95 -21.61 4.72
N ASN D 304 -2.37 -14.64 -5.22
CA ASN D 304 -1.84 -15.44 -6.32
C ASN D 304 -0.57 -16.21 -5.92
N LEU D 305 -0.24 -16.11 -4.63
CA LEU D 305 0.96 -16.66 -3.94
C LEU D 305 2.23 -17.13 -4.68
N HIS D 306 2.20 -18.32 -5.27
CA HIS D 306 3.40 -18.85 -5.91
C HIS D 306 4.11 -17.84 -6.81
N ALA D 307 3.33 -17.08 -7.58
CA ALA D 307 3.89 -16.11 -8.51
C ALA D 307 4.40 -14.88 -7.77
N LEU D 308 3.67 -14.49 -6.73
CA LEU D 308 4.04 -13.35 -5.92
C LEU D 308 5.40 -13.54 -5.24
N LYS D 309 5.69 -14.79 -4.87
CA LYS D 309 6.91 -15.16 -4.16
C LYS D 309 8.05 -15.45 -5.12
N LYS D 310 7.73 -16.09 -6.25
CA LYS D 310 8.73 -16.39 -7.27
C LYS D 310 9.43 -15.11 -7.67
N GLU D 311 8.72 -13.99 -7.63
CA GLU D 311 9.30 -12.71 -7.99
C GLU D 311 10.41 -12.31 -7.02
N LYS D 312 10.31 -12.72 -5.77
CA LYS D 312 11.38 -12.44 -4.80
C LYS D 312 12.63 -13.27 -5.13
N ILE D 313 12.43 -14.50 -5.60
CA ILE D 313 13.53 -15.34 -6.05
C ILE D 313 14.11 -14.80 -7.34
N ASN D 314 13.27 -14.34 -8.24
CA ASN D 314 13.75 -13.69 -9.44
C ASN D 314 14.72 -12.56 -9.10
N ASP D 315 14.37 -11.75 -8.09
CA ASP D 315 15.18 -10.62 -7.67
C ASP D 315 16.57 -11.06 -7.20
N PHE D 316 16.64 -12.19 -6.49
CA PHE D 316 17.93 -12.70 -6.03
C PHE D 316 18.77 -13.23 -7.19
N VAL D 317 18.17 -14.10 -8.01
CA VAL D 317 18.84 -14.65 -9.16
C VAL D 317 19.44 -13.56 -10.04
N ARG D 318 18.73 -12.44 -10.18
CA ARG D 318 19.23 -11.34 -11.01
C ARG D 318 20.48 -10.72 -10.43
N GLY D 319 20.45 -10.44 -9.14
CA GLY D 319 21.61 -9.85 -8.49
C GLY D 319 22.76 -10.81 -8.30
N HIS D 320 22.52 -12.10 -8.54
CA HIS D 320 23.55 -13.10 -8.37
C HIS D 320 24.25 -13.39 -9.69
N PHE D 321 23.48 -13.31 -10.77
CA PHE D 321 24.03 -13.54 -12.10
C PHE D 321 24.32 -12.20 -12.80
N HIS D 322 24.32 -11.14 -12.01
CA HIS D 322 24.62 -9.81 -12.52
C HIS D 322 25.92 -9.86 -13.31
N GLY D 323 25.90 -9.29 -14.51
CA GLY D 323 27.09 -9.22 -15.33
C GLY D 323 27.09 -10.30 -16.39
N CYS D 324 26.41 -11.40 -16.11
CA CYS D 324 26.27 -12.43 -17.11
C CYS D 324 24.96 -13.18 -16.95
N PHE D 325 23.89 -12.43 -17.20
CA PHE D 325 22.53 -12.92 -17.13
C PHE D 325 22.10 -13.25 -18.56
N ASP D 326 22.37 -14.50 -18.96
CA ASP D 326 22.29 -14.95 -20.35
C ASP D 326 21.06 -15.81 -20.63
N PHE D 327 20.14 -15.91 -19.68
CA PHE D 327 19.00 -16.81 -19.83
C PHE D 327 17.66 -16.17 -19.48
N ASP D 328 16.57 -16.85 -19.82
CA ASP D 328 15.23 -16.26 -19.73
C ASP D 328 14.40 -16.77 -18.56
N LEU D 329 14.04 -15.86 -17.65
CA LEU D 329 13.34 -16.25 -16.43
C LEU D 329 11.96 -16.85 -16.65
N ASP D 330 11.29 -16.45 -17.74
CA ASP D 330 10.00 -17.04 -18.09
C ASP D 330 10.21 -18.47 -18.56
N ASN D 331 11.47 -18.86 -18.63
CA ASN D 331 11.82 -20.18 -19.11
C ASN D 331 12.82 -20.89 -18.20
N THR D 332 12.94 -20.42 -16.96
CA THR D 332 13.74 -21.11 -15.96
C THR D 332 12.86 -21.75 -14.90
N LEU D 333 13.31 -22.87 -14.37
CA LEU D 333 12.64 -23.52 -13.27
C LEU D 333 13.52 -23.50 -12.02
N TYR D 334 12.89 -23.51 -10.85
CA TYR D 334 13.62 -23.49 -9.58
C TYR D 334 13.51 -24.81 -8.84
N PHE D 335 14.63 -25.51 -8.73
CA PHE D 335 14.72 -26.73 -7.92
C PHE D 335 15.37 -26.40 -6.58
N PHE D 336 14.93 -27.06 -5.52
CA PHE D 336 15.58 -26.87 -4.24
C PHE D 336 15.58 -28.14 -3.40
N ILE D 337 16.71 -28.43 -2.77
CA ILE D 337 16.76 -29.37 -1.66
C ILE D 337 16.88 -28.54 -0.39
N ALA D 338 16.37 -29.06 0.72
CA ALA D 338 16.51 -28.39 2.01
C ALA D 338 16.44 -29.39 3.16
N GLY D 339 16.95 -29.00 4.32
CA GLY D 339 16.85 -29.81 5.53
C GLY D 339 18.17 -29.88 6.25
N ARG D 340 18.24 -30.66 7.34
CA ARG D 340 19.48 -30.85 8.08
C ARG D 340 20.63 -31.11 7.13
N TYR D 341 21.82 -30.64 7.46
CA TYR D 341 22.98 -30.90 6.63
C TYR D 341 23.51 -32.32 6.83
N GLU D 342 22.67 -33.30 6.56
CA GLU D 342 23.11 -34.69 6.51
C GLU D 342 23.40 -35.09 5.06
N TYR D 343 24.67 -34.97 4.66
CA TYR D 343 25.07 -35.10 3.26
C TYR D 343 24.63 -36.41 2.61
N LYS D 344 25.09 -37.53 3.16
CA LYS D 344 24.73 -38.84 2.61
C LYS D 344 23.25 -39.19 2.78
N ASN D 345 22.71 -38.97 3.99
CA ASN D 345 21.35 -39.41 4.35
C ASN D 345 20.19 -38.61 3.76
N LYS D 346 20.34 -37.30 3.72
CA LYS D 346 19.32 -36.47 3.07
C LYS D 346 19.54 -36.50 1.57
N GLY D 347 20.58 -37.19 1.14
CA GLY D 347 20.87 -37.40 -0.26
C GLY D 347 21.22 -36.15 -1.05
N ALA D 348 22.13 -35.34 -0.52
CA ALA D 348 22.62 -34.18 -1.25
C ALA D 348 23.51 -34.65 -2.39
N ASP D 349 24.36 -35.64 -2.08
CA ASP D 349 25.22 -36.28 -3.10
C ASP D 349 24.41 -36.67 -4.34
N MET D 350 23.40 -37.52 -4.17
CA MET D 350 22.57 -37.93 -5.29
C MET D 350 21.98 -36.74 -6.06
N PHE D 351 21.50 -35.74 -5.33
CA PHE D 351 20.89 -34.56 -5.93
C PHE D 351 21.90 -33.77 -6.75
N ILE D 352 23.05 -33.46 -6.18
CA ILE D 352 24.09 -32.75 -6.93
C ILE D 352 24.49 -33.55 -8.15
N GLU D 353 24.93 -34.78 -7.93
CA GLU D 353 25.29 -35.68 -9.04
C GLU D 353 24.20 -35.76 -10.09
N ALA D 354 22.97 -36.03 -9.66
CA ALA D 354 21.85 -36.12 -10.59
C ALA D 354 21.62 -34.85 -11.40
N LEU D 355 21.91 -33.69 -10.83
CA LEU D 355 21.79 -32.45 -11.58
C LEU D 355 22.88 -32.34 -12.65
N ALA D 356 24.07 -32.83 -12.34
CA ALA D 356 25.17 -32.82 -13.30
C ALA D 356 24.79 -33.63 -14.53
N ARG D 357 24.16 -34.78 -14.31
CA ARG D 357 23.68 -35.62 -15.39
C ARG D 357 22.46 -35.03 -16.11
N LEU D 358 21.74 -34.12 -15.46
CA LEU D 358 20.59 -33.49 -16.10
C LEU D 358 21.08 -32.32 -16.94
N ASN D 359 22.24 -31.79 -16.57
CA ASN D 359 22.89 -30.73 -17.32
C ASN D 359 23.35 -31.33 -18.64
N TYR D 360 24.10 -32.43 -18.56
CA TYR D 360 24.54 -33.16 -19.73
C TYR D 360 23.36 -33.34 -20.67
N ARG D 361 22.34 -34.08 -20.23
CA ARG D 361 21.17 -34.37 -21.05
C ARG D 361 20.54 -33.12 -21.65
N LEU D 362 20.68 -31.99 -20.97
CA LEU D 362 20.03 -30.76 -21.41
C LEU D 362 20.86 -29.97 -22.44
N LYS D 363 22.19 -30.05 -22.32
CA LYS D 363 23.07 -29.47 -23.32
C LYS D 363 22.92 -30.27 -24.62
N VAL D 364 23.19 -31.57 -24.52
CA VAL D 364 23.01 -32.51 -25.63
C VAL D 364 21.65 -32.37 -26.33
N SER D 365 20.56 -32.58 -25.61
CA SER D 365 19.22 -32.45 -26.21
C SER D 365 18.97 -31.02 -26.67
N GLY D 366 20.02 -30.20 -26.62
CA GLY D 366 19.97 -28.80 -27.02
C GLY D 366 18.76 -28.04 -26.50
N SER D 367 18.48 -28.17 -25.20
CA SER D 367 17.27 -27.57 -24.65
C SER D 367 17.40 -26.06 -24.41
N LYS D 368 16.25 -25.40 -24.45
CA LYS D 368 16.15 -23.96 -24.36
C LYS D 368 15.96 -23.48 -22.91
N LYS D 369 15.59 -24.40 -22.02
CA LYS D 369 15.25 -24.08 -20.63
C LYS D 369 16.45 -23.97 -19.68
N THR D 370 16.25 -23.27 -18.57
CA THR D 370 17.27 -23.15 -17.54
C THR D 370 16.70 -23.58 -16.20
N VAL D 371 17.49 -24.36 -15.46
CA VAL D 371 17.13 -24.78 -14.11
C VAL D 371 18.09 -24.19 -13.08
N VAL D 372 17.57 -23.41 -12.14
CA VAL D 372 18.40 -22.90 -11.06
C VAL D 372 18.13 -23.71 -9.80
N ALA D 373 19.17 -24.41 -9.32
CA ALA D 373 18.99 -25.34 -8.21
C ALA D 373 19.60 -24.78 -6.93
N PHE D 374 18.77 -24.71 -5.90
CA PHE D 374 19.17 -24.22 -4.57
C PHE D 374 19.38 -25.37 -3.61
N ILE D 375 20.50 -25.34 -2.92
CA ILE D 375 20.75 -26.25 -1.80
C ILE D 375 20.71 -25.44 -0.52
N VAL D 376 19.62 -25.58 0.23
CA VAL D 376 19.46 -24.82 1.47
C VAL D 376 19.69 -25.72 2.68
N MET D 377 20.96 -25.88 3.04
CA MET D 377 21.36 -26.72 4.16
C MET D 377 22.34 -25.97 5.04
N PRO D 378 21.95 -25.66 6.28
CA PRO D 378 22.77 -24.84 7.15
C PRO D 378 24.10 -25.50 7.44
N ALA D 379 25.19 -24.74 7.32
CA ALA D 379 26.54 -25.20 7.63
C ALA D 379 27.30 -24.10 8.40
N LYS D 380 28.52 -24.40 8.83
CA LYS D 380 29.34 -23.40 9.54
C LYS D 380 29.86 -22.38 8.53
N ASN D 381 29.49 -21.11 8.72
CA ASN D 381 29.86 -20.07 7.78
C ASN D 381 30.22 -18.75 8.45
N ASN D 382 30.59 -17.76 7.64
CA ASN D 382 30.90 -16.42 8.14
C ASN D 382 30.03 -15.33 7.52
N SER D 383 28.72 -15.53 7.54
CA SER D 383 27.80 -14.60 6.89
C SER D 383 28.12 -14.48 5.40
N PHE D 384 27.48 -13.54 4.73
CA PHE D 384 27.53 -13.51 3.28
C PHE D 384 28.90 -13.09 2.74
N THR D 385 29.23 -13.56 1.54
CA THR D 385 30.46 -13.18 0.85
C THR D 385 30.37 -11.77 0.32
N VAL D 386 31.48 -11.04 0.33
CA VAL D 386 31.46 -9.66 -0.13
C VAL D 386 30.97 -9.56 -1.58
N GLU D 387 31.31 -10.57 -2.37
CA GLU D 387 30.85 -10.68 -3.74
C GLU D 387 29.33 -10.75 -3.81
N ALA D 388 28.75 -11.76 -3.18
CA ALA D 388 27.30 -11.98 -3.19
C ALA D 388 26.54 -10.73 -2.75
N LEU D 389 27.03 -10.08 -1.71
CA LEU D 389 26.41 -8.87 -1.18
C LEU D 389 26.42 -7.72 -2.15
N LYS D 390 27.52 -7.60 -2.90
CA LYS D 390 27.64 -6.53 -3.88
C LYS D 390 26.56 -6.68 -4.93
N GLY D 391 26.55 -7.84 -5.58
CA GLY D 391 25.57 -8.15 -6.61
C GLY D 391 24.19 -7.62 -6.30
N GLN D 392 23.64 -8.02 -5.16
CA GLN D 392 22.30 -7.61 -4.80
C GLN D 392 22.21 -6.08 -4.69
N ALA D 393 23.25 -5.48 -4.11
CA ALA D 393 23.23 -4.05 -3.88
C ALA D 393 23.15 -3.27 -5.18
N GLU D 394 23.98 -3.66 -6.14
CA GLU D 394 24.05 -2.93 -7.39
C GLU D 394 22.75 -3.10 -8.16
N VAL D 395 22.28 -4.34 -8.24
CA VAL D 395 21.01 -4.61 -8.91
C VAL D 395 19.84 -3.93 -8.20
N ARG D 396 19.94 -3.79 -6.88
CA ARG D 396 18.90 -3.09 -6.14
C ARG D 396 18.90 -1.62 -6.53
N ALA D 397 20.09 -1.07 -6.78
CA ALA D 397 20.24 0.32 -7.19
C ALA D 397 19.88 0.56 -8.65
N LEU D 398 19.94 -0.49 -9.47
CA LEU D 398 19.47 -0.38 -10.83
C LEU D 398 17.99 -0.12 -10.76
N GLU D 399 17.30 -0.93 -9.97
CA GLU D 399 15.85 -0.86 -9.83
C GLU D 399 15.42 0.54 -9.42
N ASN D 400 16.12 1.09 -8.45
CA ASN D 400 15.81 2.43 -7.97
C ASN D 400 15.97 3.49 -9.04
N THR D 401 17.03 3.37 -9.82
CA THR D 401 17.30 4.33 -10.85
C THR D 401 16.30 4.20 -12.01
N VAL D 402 16.01 2.97 -12.43
CA VAL D 402 14.99 2.78 -13.45
C VAL D 402 13.67 3.39 -12.98
N HIS D 403 13.34 3.12 -11.72
CA HIS D 403 12.10 3.64 -11.15
C HIS D 403 12.07 5.17 -11.23
N GLU D 404 13.08 5.82 -10.68
CA GLU D 404 13.14 7.28 -10.68
C GLU D 404 12.99 7.76 -12.12
N VAL D 405 13.82 7.20 -12.98
CA VAL D 405 13.85 7.63 -14.35
C VAL D 405 12.49 7.43 -15.02
N THR D 406 11.86 6.28 -14.82
CA THR D 406 10.55 6.09 -15.45
C THR D 406 9.47 7.01 -14.90
N THR D 407 9.42 7.25 -13.59
CA THR D 407 8.38 8.13 -13.09
C THR D 407 8.63 9.54 -13.61
N SER D 408 9.89 9.88 -13.87
CA SER D 408 10.20 11.16 -14.49
C SER D 408 9.56 11.24 -15.86
N ILE D 409 9.64 10.13 -16.59
CA ILE D 409 9.03 10.02 -17.93
C ILE D 409 7.51 10.16 -17.87
N GLY D 410 6.89 9.41 -16.95
CA GLY D 410 5.48 9.56 -16.66
C GLY D 410 5.07 11.01 -16.50
N LYS D 411 5.65 11.72 -15.53
CA LYS D 411 5.35 13.14 -15.35
C LYS D 411 5.41 13.88 -16.68
N ARG D 412 6.47 13.67 -17.43
CA ARG D 412 6.62 14.40 -18.69
C ARG D 412 5.56 14.06 -19.75
N ILE D 413 5.16 12.80 -19.83
CA ILE D 413 4.15 12.39 -20.80
C ILE D 413 2.78 12.93 -20.42
N PHE D 414 2.50 12.94 -19.13
CA PHE D 414 1.22 13.38 -18.61
C PHE D 414 1.09 14.88 -18.79
N ASP D 415 2.12 15.61 -18.37
CA ASP D 415 2.10 17.06 -18.43
C ASP D 415 1.84 17.49 -19.86
N HIS D 416 2.54 16.85 -20.79
CA HIS D 416 2.35 17.13 -22.19
C HIS D 416 0.88 16.95 -22.51
N ALA D 417 0.40 15.72 -22.33
CA ALA D 417 -0.98 15.37 -22.68
C ALA D 417 -2.02 16.34 -22.10
N ILE D 418 -1.97 16.58 -20.80
CA ILE D 418 -2.93 17.43 -20.13
C ILE D 418 -2.91 18.87 -20.69
N ARG D 419 -1.82 19.24 -21.35
CA ARG D 419 -1.64 20.59 -21.83
C ARG D 419 -2.14 20.77 -23.26
N TYR D 420 -2.19 19.66 -24.01
CA TYR D 420 -2.57 19.68 -25.42
C TYR D 420 -3.85 20.44 -25.69
N PRO D 421 -3.81 21.33 -26.71
CA PRO D 421 -2.54 21.61 -27.42
C PRO D 421 -1.54 22.42 -26.60
N GLY D 434 12.65 10.50 -30.30
CA GLY D 434 12.20 11.76 -29.73
C GLY D 434 12.80 12.00 -28.35
N GLU D 435 13.68 11.08 -27.96
CA GLU D 435 14.37 11.09 -26.65
C GLU D 435 13.60 11.72 -25.49
N LEU D 436 12.96 10.87 -24.69
CA LEU D 436 12.19 11.30 -23.53
C LEU D 436 13.04 11.18 -22.27
N LEU D 437 14.22 10.60 -22.46
CA LEU D 437 15.25 10.54 -21.44
C LEU D 437 16.18 11.70 -21.63
N LYS D 438 16.20 12.65 -20.70
CA LYS D 438 17.19 13.71 -20.80
C LYS D 438 18.61 13.13 -20.61
N SER D 439 19.64 13.95 -20.88
CA SER D 439 21.01 13.52 -20.65
C SER D 439 21.22 13.13 -19.17
N SER D 440 20.73 13.97 -18.27
CA SER D 440 20.82 13.72 -16.84
C SER D 440 20.50 12.24 -16.52
N ASP D 441 19.47 11.71 -17.17
CA ASP D 441 18.95 10.39 -16.81
C ASP D 441 19.74 9.27 -17.50
N LYS D 442 20.38 9.61 -18.61
CA LYS D 442 21.21 8.67 -19.37
C LYS D 442 22.53 8.39 -18.67
N VAL D 443 23.07 9.43 -18.05
CA VAL D 443 24.26 9.29 -17.23
C VAL D 443 24.00 8.28 -16.11
N MET D 444 23.02 8.56 -15.24
CA MET D 444 22.81 7.66 -14.11
C MET D 444 22.38 6.26 -14.53
N LEU D 445 21.65 6.14 -15.62
CA LEU D 445 21.35 4.80 -16.12
C LEU D 445 22.62 4.09 -16.53
N LYS D 446 23.47 4.79 -17.27
CA LYS D 446 24.69 4.18 -17.81
C LYS D 446 25.63 3.78 -16.69
N ARG D 447 25.69 4.58 -15.62
CA ARG D 447 26.50 4.22 -14.47
C ARG D 447 26.03 2.93 -13.81
N ARG D 448 24.72 2.81 -13.61
CA ARG D 448 24.17 1.66 -12.89
C ARG D 448 24.30 0.39 -13.71
N ILE D 449 24.35 0.55 -15.03
CA ILE D 449 24.53 -0.61 -15.90
C ILE D 449 25.99 -1.11 -15.87
N LEU D 450 26.93 -0.19 -15.79
CA LEU D 450 28.34 -0.56 -15.80
C LEU D 450 28.77 -1.19 -14.49
N ALA D 451 28.19 -0.75 -13.39
CA ALA D 451 28.51 -1.32 -12.09
C ALA D 451 28.08 -2.78 -11.99
N LEU D 452 27.48 -3.31 -13.04
CA LEU D 452 27.03 -4.70 -13.05
C LEU D 452 28.04 -5.55 -13.77
N ARG D 453 28.95 -4.90 -14.47
CA ARG D 453 30.05 -5.57 -15.16
C ARG D 453 30.79 -6.45 -14.18
N ARG D 454 31.04 -7.70 -14.54
CA ARG D 454 31.92 -8.48 -13.67
C ARG D 454 33.33 -8.75 -14.24
N PRO D 455 34.35 -8.63 -13.38
CA PRO D 455 35.75 -8.95 -13.62
C PRO D 455 35.88 -10.15 -14.55
N GLU D 456 36.52 -9.96 -15.71
CA GLU D 456 36.51 -10.96 -16.78
C GLU D 456 36.81 -12.39 -16.34
N GLY D 457 35.98 -13.33 -16.83
CA GLY D 457 36.15 -14.73 -16.53
C GLY D 457 35.64 -15.11 -15.15
N GLN D 458 35.16 -14.11 -14.39
CA GLN D 458 34.53 -14.41 -13.11
C GLN D 458 33.17 -14.98 -13.41
N LEU D 459 32.84 -16.09 -12.74
CA LEU D 459 31.55 -16.73 -12.91
C LEU D 459 30.73 -16.50 -11.66
N PRO D 460 29.38 -16.51 -11.80
CA PRO D 460 28.50 -16.35 -10.64
C PRO D 460 28.76 -17.49 -9.67
N PRO D 461 29.18 -17.17 -8.43
CA PRO D 461 29.58 -18.17 -7.44
C PRO D 461 28.57 -19.30 -7.29
N ILE D 462 29.03 -20.44 -6.81
CA ILE D 462 28.15 -21.56 -6.50
C ILE D 462 27.67 -21.49 -5.07
N VAL D 463 28.23 -20.55 -4.30
CA VAL D 463 27.85 -20.44 -2.91
C VAL D 463 27.72 -18.98 -2.49
N THR D 464 26.82 -18.71 -1.57
CA THR D 464 26.52 -17.36 -1.15
C THR D 464 27.28 -16.90 0.08
N HIS D 465 27.77 -17.86 0.89
CA HIS D 465 28.42 -17.49 2.14
C HIS D 465 29.91 -17.75 2.18
N ASN D 466 30.57 -17.13 3.15
CA ASN D 466 31.94 -17.49 3.54
C ASN D 466 31.96 -18.82 4.30
N MET D 467 32.53 -19.85 3.69
CA MET D 467 32.62 -21.16 4.34
C MET D 467 33.76 -21.28 5.38
N VAL D 468 33.40 -21.65 6.61
CA VAL D 468 34.37 -21.80 7.69
C VAL D 468 35.04 -23.15 7.58
N ASP D 469 35.66 -23.43 6.43
CA ASP D 469 36.22 -24.74 6.11
C ASP D 469 35.96 -25.04 4.65
N ASP D 470 36.32 -24.08 3.81
CA ASP D 470 36.01 -24.16 2.40
C ASP D 470 36.50 -25.46 1.75
N ALA D 471 37.70 -25.90 2.13
CA ALA D 471 38.35 -26.99 1.42
C ALA D 471 37.76 -28.35 1.70
N ASN D 472 37.31 -28.56 2.94
CA ASN D 472 36.86 -29.89 3.36
C ASN D 472 35.37 -30.17 3.14
N ASP D 473 34.57 -29.12 2.96
CA ASP D 473 33.12 -29.23 2.90
C ASP D 473 32.58 -30.23 1.87
N LEU D 474 31.72 -31.15 2.31
CA LEU D 474 31.22 -32.20 1.44
C LEU D 474 30.45 -31.67 0.23
N ILE D 475 29.50 -30.77 0.48
CA ILE D 475 28.66 -30.23 -0.58
C ILE D 475 29.49 -29.52 -1.65
N LEU D 476 30.25 -28.50 -1.27
CA LEU D 476 31.10 -27.78 -2.23
C LEU D 476 31.97 -28.73 -3.03
N ASN D 477 32.67 -29.60 -2.32
CA ASN D 477 33.58 -30.54 -2.96
C ASN D 477 32.90 -31.45 -3.96
N LYS D 478 31.63 -31.80 -3.71
CA LYS D 478 30.91 -32.64 -4.64
C LYS D 478 30.56 -31.85 -5.88
N ILE D 479 30.11 -30.61 -5.69
CA ILE D 479 29.73 -29.83 -6.87
C ILE D 479 30.98 -29.40 -7.63
N ARG D 480 32.11 -29.28 -6.92
CA ARG D 480 33.40 -29.11 -7.56
C ARG D 480 33.77 -30.31 -8.42
N GLN D 481 33.56 -31.50 -7.87
CA GLN D 481 33.86 -32.75 -8.57
C GLN D 481 33.00 -32.94 -9.82
N VAL D 482 31.80 -32.37 -9.84
CA VAL D 482 30.96 -32.46 -11.04
C VAL D 482 31.08 -31.20 -11.89
N GLN D 483 31.90 -30.27 -11.41
CA GLN D 483 32.21 -29.06 -12.14
C GLN D 483 30.96 -28.40 -12.72
N LEU D 484 29.98 -28.17 -11.85
CA LEU D 484 28.88 -27.28 -12.17
C LEU D 484 29.28 -25.92 -11.66
N PHE D 485 29.85 -25.09 -12.52
CA PHE D 485 30.47 -23.86 -12.08
C PHE D 485 29.73 -22.61 -12.53
N ASN D 486 28.53 -22.79 -13.07
CA ASN D 486 27.66 -21.67 -13.45
C ASN D 486 28.00 -20.90 -14.73
N SER D 487 28.95 -21.42 -15.51
CA SER D 487 29.27 -20.85 -16.81
C SER D 487 28.09 -20.98 -17.78
N PRO D 488 27.93 -19.99 -18.68
CA PRO D 488 26.74 -19.79 -19.52
C PRO D 488 26.34 -21.03 -20.30
N SER D 489 27.31 -21.84 -20.68
CA SER D 489 27.06 -23.10 -21.36
C SER D 489 26.18 -24.04 -20.52
N ASP D 490 26.49 -24.10 -19.22
CA ASP D 490 25.74 -24.90 -18.24
C ASP D 490 24.25 -24.53 -18.19
N ARG D 491 23.40 -25.54 -18.35
CA ARG D 491 21.97 -25.31 -18.49
C ARG D 491 21.20 -25.50 -17.16
N VAL D 492 21.87 -26.08 -16.16
CA VAL D 492 21.39 -26.00 -14.79
C VAL D 492 22.40 -25.21 -13.95
N LYS D 493 21.93 -24.20 -13.23
CA LYS D 493 22.78 -23.43 -12.33
C LYS D 493 22.75 -23.96 -10.88
N MET D 494 23.80 -23.66 -10.12
CA MET D 494 23.96 -24.20 -8.78
C MET D 494 24.12 -23.11 -7.73
N ILE D 495 23.21 -23.04 -6.77
CA ILE D 495 23.31 -22.07 -5.68
C ILE D 495 23.26 -22.73 -4.32
N PHE D 496 24.34 -22.64 -3.56
CA PHE D 496 24.41 -23.25 -2.23
C PHE D 496 24.22 -22.17 -1.17
N HIS D 497 23.19 -22.33 -0.33
CA HIS D 497 22.89 -21.32 0.69
C HIS D 497 22.95 -21.94 2.08
N PRO D 498 24.15 -21.97 2.71
CA PRO D 498 24.45 -22.71 3.93
C PRO D 498 23.95 -22.05 5.21
N GLU D 499 22.69 -21.65 5.22
CA GLU D 499 22.11 -20.92 6.33
C GLU D 499 20.60 -20.93 6.21
N PHE D 500 19.91 -20.99 7.34
CA PHE D 500 18.47 -20.88 7.33
C PHE D 500 18.04 -19.61 6.59
N LEU D 501 16.91 -19.69 5.91
CA LEU D 501 16.37 -18.53 5.22
C LEU D 501 15.57 -17.64 6.17
N ASN D 502 15.83 -16.33 6.11
CA ASN D 502 15.08 -15.35 6.88
C ASN D 502 14.64 -14.14 6.07
N ALA D 503 13.36 -13.79 6.17
CA ALA D 503 12.81 -12.71 5.37
C ALA D 503 13.64 -11.43 5.43
N ASN D 504 14.41 -11.27 6.51
CA ASN D 504 15.14 -10.04 6.78
C ASN D 504 16.59 -10.05 6.31
N ASN D 505 16.91 -10.97 5.42
CA ASN D 505 18.26 -11.07 4.87
C ASN D 505 18.50 -10.22 3.64
N PRO D 506 19.71 -9.69 3.53
CA PRO D 506 20.21 -8.90 2.39
C PRO D 506 20.17 -9.69 1.09
N ILE D 507 20.30 -11.02 1.16
CA ILE D 507 20.40 -11.85 -0.03
C ILE D 507 19.07 -12.44 -0.50
N LEU D 508 18.52 -13.38 0.27
CA LEU D 508 17.31 -14.04 -0.15
C LEU D 508 16.23 -13.72 0.88
N GLY D 509 15.52 -12.62 0.64
CA GLY D 509 14.60 -12.06 1.61
C GLY D 509 13.30 -12.83 1.75
N LEU D 510 13.42 -14.11 2.08
CA LEU D 510 12.27 -14.97 2.19
C LEU D 510 12.31 -15.82 3.44
N ASP D 511 11.15 -16.00 4.06
CA ASP D 511 11.06 -17.01 5.08
C ASP D 511 11.06 -18.34 4.33
N TYR D 512 11.48 -19.42 4.98
CA TYR D 512 11.46 -20.72 4.33
C TYR D 512 10.14 -20.90 3.60
N ASP D 513 9.03 -20.78 4.32
CA ASP D 513 7.70 -21.04 3.74
C ASP D 513 7.42 -20.20 2.47
N GLU D 514 7.87 -18.96 2.45
CA GLU D 514 7.79 -18.13 1.23
C GLU D 514 8.60 -18.73 0.08
N PHE D 515 9.89 -18.91 0.32
CA PHE D 515 10.81 -19.47 -0.66
C PHE D 515 10.31 -20.80 -1.25
N VAL D 516 9.81 -21.70 -0.42
CA VAL D 516 9.31 -22.97 -0.91
C VAL D 516 8.19 -22.75 -1.91
N ARG D 517 7.26 -21.85 -1.59
CA ARG D 517 6.09 -21.65 -2.45
C ARG D 517 6.49 -21.10 -3.82
N GLY D 518 7.54 -20.26 -3.81
CA GLY D 518 8.03 -19.65 -5.04
C GLY D 518 8.80 -20.58 -5.95
N CYS D 519 9.23 -21.73 -5.43
CA CYS D 519 9.95 -22.69 -6.24
C CYS D 519 8.99 -23.54 -7.06
N HIS D 520 9.53 -24.42 -7.88
CA HIS D 520 8.70 -25.24 -8.78
C HIS D 520 8.69 -26.71 -8.39
N LEU D 521 9.82 -27.20 -7.88
CA LEU D 521 9.96 -28.61 -7.55
C LEU D 521 10.97 -28.84 -6.41
N GLY D 522 10.52 -29.50 -5.34
CA GLY D 522 11.40 -29.87 -4.24
C GLY D 522 12.00 -31.26 -4.44
N VAL D 523 13.28 -31.41 -4.16
CA VAL D 523 13.98 -32.67 -4.41
C VAL D 523 14.63 -33.20 -3.13
N PHE D 524 14.10 -34.30 -2.62
CA PHE D 524 14.52 -34.83 -1.32
C PHE D 524 14.85 -36.31 -1.44
N PRO D 525 16.00 -36.62 -2.03
CA PRO D 525 16.46 -37.96 -2.37
C PRO D 525 17.04 -38.67 -1.15
N SER D 526 16.22 -38.83 -0.13
CA SER D 526 16.72 -39.31 1.15
C SER D 526 17.08 -40.78 1.12
N TYR D 527 18.16 -41.13 1.82
CA TYR D 527 18.57 -42.51 2.04
C TYR D 527 18.08 -43.03 3.40
N TYR D 528 18.32 -42.27 4.46
CA TYR D 528 17.75 -42.58 5.76
C TYR D 528 16.87 -41.44 6.26
N GLU D 529 15.65 -41.77 6.66
CA GLU D 529 14.66 -40.74 6.96
C GLU D 529 13.38 -41.42 7.40
N PRO D 530 13.22 -41.57 8.71
CA PRO D 530 12.07 -42.32 9.19
C PRO D 530 10.77 -41.62 8.91
N TRP D 531 10.77 -40.30 8.78
CA TRP D 531 9.58 -39.63 8.26
C TRP D 531 9.87 -38.64 7.15
N GLY D 532 10.64 -37.62 7.46
CA GLY D 532 10.90 -36.60 6.47
C GLY D 532 9.80 -35.57 6.51
N TYR D 533 9.91 -34.67 7.46
CA TYR D 533 8.92 -33.64 7.60
C TYR D 533 9.09 -32.65 6.48
N THR D 534 10.32 -32.48 6.02
CA THR D 534 10.64 -31.49 4.98
C THR D 534 9.86 -31.68 3.67
N PRO D 535 9.87 -32.91 3.10
CA PRO D 535 9.04 -33.21 1.92
C PRO D 535 7.57 -33.04 2.23
N ALA D 536 7.13 -33.63 3.33
CA ALA D 536 5.73 -33.60 3.73
C ALA D 536 5.17 -32.18 3.78
N GLU D 537 5.94 -31.25 4.34
CA GLU D 537 5.42 -29.91 4.47
C GLU D 537 5.60 -29.16 3.18
N CYS D 538 6.51 -29.64 2.34
CA CYS D 538 6.66 -29.10 0.99
C CYS D 538 5.36 -29.35 0.26
N THR D 539 4.91 -30.60 0.27
CA THR D 539 3.64 -30.99 -0.34
C THR D 539 2.40 -30.28 0.23
N VAL D 540 2.40 -29.96 1.51
CA VAL D 540 1.24 -29.31 2.12
C VAL D 540 1.10 -27.85 1.63
N MET D 541 2.18 -27.30 1.09
CA MET D 541 2.12 -25.96 0.52
C MET D 541 1.89 -25.99 -1.00
N GLY D 542 1.53 -27.16 -1.51
CA GLY D 542 1.17 -27.33 -2.90
C GLY D 542 2.33 -27.27 -3.88
N VAL D 543 3.39 -28.01 -3.57
CA VAL D 543 4.58 -27.98 -4.40
C VAL D 543 5.04 -29.38 -4.77
N PRO D 544 5.08 -29.66 -6.08
CA PRO D 544 5.60 -30.92 -6.59
C PRO D 544 6.90 -31.28 -5.87
N SER D 545 7.15 -32.56 -5.64
CA SER D 545 8.28 -32.97 -4.83
C SER D 545 8.72 -34.38 -5.18
N ILE D 546 10.02 -34.62 -5.07
CA ILE D 546 10.58 -35.94 -5.32
C ILE D 546 11.09 -36.48 -3.99
N THR D 547 10.50 -37.56 -3.51
CA THR D 547 11.04 -38.20 -2.32
C THR D 547 11.58 -39.57 -2.70
N THR D 548 11.66 -40.51 -1.77
CA THR D 548 12.12 -41.84 -2.10
C THR D 548 11.32 -42.88 -1.35
N ASN D 549 11.57 -44.15 -1.63
CA ASN D 549 10.80 -45.21 -1.00
C ASN D 549 11.49 -45.75 0.26
N VAL D 550 12.60 -45.13 0.62
CA VAL D 550 13.25 -45.39 1.90
C VAL D 550 13.00 -44.21 2.85
N SER D 551 12.30 -43.20 2.35
CA SER D 551 11.77 -42.15 3.18
C SER D 551 10.45 -42.63 3.74
N GLY D 552 10.15 -42.24 4.97
CA GLY D 552 8.90 -42.66 5.57
C GLY D 552 7.75 -41.99 4.85
N PHE D 553 7.90 -40.70 4.59
CA PHE D 553 6.86 -39.95 3.90
C PHE D 553 6.67 -40.46 2.49
N GLY D 554 7.77 -40.88 1.87
CA GLY D 554 7.73 -41.51 0.57
C GLY D 554 6.92 -42.78 0.67
N SER D 555 7.39 -43.70 1.49
CA SER D 555 6.70 -44.96 1.64
C SER D 555 5.22 -44.76 1.85
N TYR D 556 4.90 -43.81 2.70
CA TYR D 556 3.51 -43.54 2.99
C TYR D 556 2.76 -43.05 1.75
N MET D 557 3.40 -42.17 0.98
CA MET D 557 2.82 -41.64 -0.25
C MET D 557 2.61 -42.73 -1.30
N GLU D 558 3.59 -43.61 -1.42
CA GLU D 558 3.53 -44.76 -2.32
C GLU D 558 2.29 -45.63 -2.13
N ASP D 559 1.65 -45.56 -0.97
CA ASP D 559 0.38 -46.24 -0.76
C ASP D 559 -0.80 -45.30 -0.93
N LEU D 560 -0.73 -44.42 -1.93
CA LEU D 560 -1.89 -43.68 -2.45
C LEU D 560 -1.58 -43.10 -3.86
N ALA D 566 -0.18 -42.24 -11.20
CA ALA D 566 0.60 -42.22 -9.96
C ALA D 566 1.38 -40.90 -9.73
N LYS D 567 2.42 -40.67 -10.53
CA LYS D 567 3.27 -39.47 -10.45
C LYS D 567 2.55 -38.20 -10.94
N ASP D 568 1.30 -38.35 -11.34
CA ASP D 568 0.54 -37.24 -11.90
C ASP D 568 0.14 -36.25 -10.81
N TYR D 569 0.26 -36.66 -9.55
CA TYR D 569 -0.19 -35.84 -8.44
C TYR D 569 0.89 -34.94 -7.87
N GLY D 570 2.06 -34.94 -8.49
CA GLY D 570 3.15 -34.11 -8.04
C GLY D 570 4.07 -34.84 -7.09
N ILE D 571 4.00 -36.16 -7.09
CA ILE D 571 4.86 -36.93 -6.21
C ILE D 571 5.64 -38.00 -6.96
N TYR D 572 6.94 -37.78 -7.04
CA TYR D 572 7.84 -38.70 -7.69
C TYR D 572 8.54 -39.53 -6.62
N ILE D 573 8.59 -40.83 -6.79
CA ILE D 573 9.20 -41.66 -5.77
C ILE D 573 10.33 -42.53 -6.28
N VAL D 574 11.53 -41.96 -6.32
CA VAL D 574 12.73 -42.72 -6.63
C VAL D 574 12.89 -43.98 -5.78
N ASP D 575 13.01 -45.14 -6.41
CA ASP D 575 13.40 -46.35 -5.71
C ASP D 575 14.83 -46.16 -5.21
N ARG D 576 15.12 -46.66 -4.02
CA ARG D 576 16.45 -46.51 -3.44
C ARG D 576 16.77 -47.79 -2.65
N ARG D 577 15.72 -48.58 -2.44
CA ARG D 577 15.78 -49.83 -1.70
C ARG D 577 16.17 -50.99 -2.62
N PHE D 578 15.68 -50.93 -3.85
CA PHE D 578 15.83 -52.04 -4.77
C PHE D 578 16.88 -51.77 -5.85
N LYS D 579 16.63 -50.77 -6.70
CA LYS D 579 17.60 -50.41 -7.75
C LYS D 579 18.98 -50.04 -7.18
N ALA D 580 20.02 -50.18 -8.01
CA ALA D 580 21.39 -49.94 -7.58
C ALA D 580 21.67 -48.44 -7.41
N PRO D 581 22.76 -48.09 -6.71
CA PRO D 581 23.03 -46.68 -6.42
C PRO D 581 23.02 -45.84 -7.70
N ASP D 582 23.56 -46.41 -8.77
CA ASP D 582 23.68 -45.71 -10.04
C ASP D 582 22.38 -45.69 -10.85
N GLU D 583 21.55 -46.73 -10.71
CA GLU D 583 20.29 -46.79 -11.42
C GLU D 583 19.29 -45.84 -10.77
N SER D 584 19.39 -45.70 -9.44
CA SER D 584 18.56 -44.76 -8.72
C SER D 584 18.85 -43.34 -9.21
N VAL D 585 20.11 -42.96 -9.17
CA VAL D 585 20.53 -41.65 -9.67
C VAL D 585 19.90 -41.38 -11.04
N GLU D 586 20.01 -42.34 -11.95
CA GLU D 586 19.43 -42.18 -13.30
C GLU D 586 17.93 -41.97 -13.25
N GLN D 587 17.23 -42.74 -12.43
CA GLN D 587 15.80 -42.59 -12.28
C GLN D 587 15.44 -41.17 -11.86
N LEU D 588 16.31 -40.57 -11.08
CA LEU D 588 16.10 -39.20 -10.61
C LEU D 588 16.22 -38.27 -11.80
N VAL D 589 17.29 -38.43 -12.58
CA VAL D 589 17.52 -37.57 -13.74
C VAL D 589 16.34 -37.65 -14.71
N ASP D 590 15.81 -38.85 -14.91
CA ASP D 590 14.63 -39.05 -15.75
C ASP D 590 13.48 -38.20 -15.24
N TYR D 591 13.30 -38.19 -13.91
CA TYR D 591 12.19 -37.47 -13.28
C TYR D 591 12.28 -35.96 -13.44
N MET D 592 13.50 -35.43 -13.33
CA MET D 592 13.72 -33.99 -13.50
C MET D 592 13.45 -33.59 -14.95
N GLU D 593 14.11 -34.29 -15.88
CA GLU D 593 13.92 -34.08 -17.30
C GLU D 593 12.44 -34.00 -17.64
N GLU D 594 11.71 -35.06 -17.31
CA GLU D 594 10.25 -35.11 -17.46
C GLU D 594 9.59 -33.83 -16.97
N PHE D 595 9.98 -33.36 -15.78
CA PHE D 595 9.42 -32.15 -15.19
C PHE D 595 9.81 -30.88 -15.98
N VAL D 596 11.03 -30.85 -16.49
CA VAL D 596 11.54 -29.74 -17.29
C VAL D 596 10.74 -29.58 -18.59
N LYS D 597 10.50 -30.71 -19.27
CA LYS D 597 9.79 -30.71 -20.54
C LYS D 597 8.29 -30.48 -20.37
N LYS D 598 7.80 -30.58 -19.13
CA LYS D 598 6.42 -30.26 -18.86
C LYS D 598 6.10 -28.90 -19.50
N THR D 599 4.90 -28.77 -20.07
CA THR D 599 4.47 -27.51 -20.69
C THR D 599 3.81 -26.58 -19.67
N ALA D 600 3.46 -25.36 -20.09
CA ALA D 600 2.80 -24.41 -19.20
C ALA D 600 1.55 -25.01 -18.60
N ALA D 601 0.82 -25.76 -19.42
CA ALA D 601 -0.42 -26.40 -18.98
C ALA D 601 -0.15 -27.67 -18.17
N GLN D 602 0.77 -28.50 -18.66
CA GLN D 602 1.13 -29.73 -17.97
C GLN D 602 1.64 -29.48 -16.56
N ALA D 603 2.27 -28.32 -16.35
CA ALA D 603 2.80 -27.93 -15.05
C ALA D 603 1.67 -27.48 -14.13
N ILE D 604 0.88 -26.52 -14.58
CA ILE D 604 -0.24 -26.01 -13.79
C ILE D 604 -1.25 -27.12 -13.46
N ASN D 605 -1.42 -28.06 -14.37
CA ASN D 605 -2.22 -29.23 -14.08
C ASN D 605 -1.73 -29.89 -12.80
N GLN D 606 -0.46 -30.29 -12.81
CA GLN D 606 0.16 -31.00 -11.68
C GLN D 606 0.02 -30.22 -10.40
N ARG D 607 0.48 -28.97 -10.41
CA ARG D 607 0.42 -28.13 -9.23
C ARG D 607 -0.94 -28.21 -8.54
N ASN D 608 -2.00 -27.96 -9.31
CA ASN D 608 -3.36 -28.05 -8.79
C ASN D 608 -3.69 -29.40 -8.20
N ARG D 609 -3.11 -30.45 -8.77
CA ARG D 609 -3.31 -31.80 -8.26
C ARG D 609 -2.61 -32.03 -6.93
N THR D 610 -1.36 -31.57 -6.82
CA THR D 610 -0.62 -31.72 -5.58
C THR D 610 -1.26 -30.85 -4.50
N GLU D 611 -1.87 -29.75 -4.92
CA GLU D 611 -2.49 -28.84 -3.99
C GLU D 611 -3.69 -29.47 -3.30
N ARG D 612 -4.30 -30.44 -3.96
CA ARG D 612 -5.44 -31.12 -3.38
C ARG D 612 -5.02 -32.29 -2.50
N LEU D 613 -3.76 -32.71 -2.63
CA LEU D 613 -3.19 -33.75 -1.78
C LEU D 613 -3.03 -33.23 -0.36
N SER D 614 -2.80 -31.93 -0.23
CA SER D 614 -2.68 -31.26 1.06
C SER D 614 -3.52 -31.90 2.18
N ASP D 615 -4.84 -31.82 2.06
CA ASP D 615 -5.72 -32.22 3.16
C ASP D 615 -5.56 -33.66 3.62
N LEU D 616 -5.13 -34.54 2.72
CA LEU D 616 -4.87 -35.92 3.10
C LEU D 616 -3.95 -35.98 4.30
N LEU D 617 -3.11 -34.96 4.44
CA LEU D 617 -1.99 -34.96 5.39
C LEU D 617 -2.27 -34.23 6.71
N ASP D 618 -3.50 -33.75 6.89
CA ASP D 618 -3.89 -33.08 8.13
C ASP D 618 -4.10 -34.13 9.22
N TRP D 619 -4.03 -33.69 10.48
CA TRP D 619 -4.21 -34.62 11.59
C TRP D 619 -5.64 -35.16 11.66
N LYS D 620 -6.60 -34.39 11.16
CA LYS D 620 -7.98 -34.86 11.06
C LYS D 620 -8.09 -36.20 10.33
N ARG D 621 -7.19 -36.46 9.40
CA ARG D 621 -7.21 -37.76 8.75
C ARG D 621 -6.20 -38.73 9.36
N MET D 622 -4.99 -38.25 9.65
CA MET D 622 -3.94 -39.11 10.18
C MET D 622 -4.12 -39.40 11.67
N GLY D 623 -4.94 -38.58 12.32
CA GLY D 623 -5.23 -38.78 13.73
C GLY D 623 -5.94 -40.07 14.00
N LEU D 624 -6.57 -40.62 12.96
CA LEU D 624 -7.37 -41.83 13.11
C LEU D 624 -6.50 -43.05 13.27
N GLU D 625 -5.26 -42.98 12.81
CA GLU D 625 -4.34 -44.09 13.02
C GLU D 625 -4.00 -44.20 14.51
N TYR D 626 -4.03 -43.08 15.20
CA TYR D 626 -3.77 -43.08 16.63
C TYR D 626 -4.92 -43.74 17.36
N VAL D 627 -6.15 -43.35 17.00
CA VAL D 627 -7.32 -43.98 17.59
C VAL D 627 -7.27 -45.49 17.41
N LYS D 628 -6.96 -45.96 16.20
CA LYS D 628 -6.82 -47.39 15.99
C LYS D 628 -5.86 -47.94 17.02
N ALA D 629 -4.69 -47.31 17.13
CA ALA D 629 -3.66 -47.76 18.09
C ALA D 629 -4.14 -47.87 19.53
N ARG D 630 -4.82 -46.83 20.01
CA ARG D 630 -5.30 -46.80 21.39
C ARG D 630 -6.34 -47.87 21.62
N GLN D 631 -7.20 -48.10 20.64
CA GLN D 631 -8.24 -49.10 20.80
C GLN D 631 -7.70 -50.51 20.71
N LEU D 632 -6.68 -50.73 19.89
CA LEU D 632 -6.04 -52.03 19.89
C LEU D 632 -5.43 -52.29 21.28
N ALA D 633 -4.99 -51.22 21.93
CA ALA D 633 -4.42 -51.30 23.26
C ALA D 633 -5.46 -51.74 24.28
N LEU D 634 -6.67 -51.19 24.17
CA LEU D 634 -7.76 -51.57 25.07
C LEU D 634 -8.23 -53.01 24.80
N ARG D 635 -8.45 -53.33 23.53
CA ARG D 635 -8.85 -54.67 23.13
C ARG D 635 -7.87 -55.73 23.64
N ARG D 636 -6.59 -55.41 23.74
CA ARG D 636 -5.61 -56.38 24.26
C ARG D 636 -5.55 -56.44 25.79
N GLY D 637 -5.90 -55.36 26.46
CA GLY D 637 -5.79 -55.33 27.90
C GLY D 637 -7.05 -55.82 28.57
N TYR D 638 -8.17 -55.61 27.90
CA TYR D 638 -9.48 -56.00 28.43
C TYR D 638 -10.29 -56.80 27.42
N PRO D 639 -9.77 -57.95 26.99
CA PRO D 639 -10.37 -58.71 25.88
C PRO D 639 -11.85 -58.98 26.14
N ASP D 640 -12.19 -59.28 27.38
CA ASP D 640 -13.58 -59.53 27.74
C ASP D 640 -14.43 -58.27 27.66
N GLN D 641 -14.14 -57.28 28.50
CA GLN D 641 -14.95 -56.07 28.54
C GLN D 641 -15.11 -55.47 27.15
N PHE D 642 -14.10 -55.65 26.30
CA PHE D 642 -14.12 -55.07 24.95
C PHE D 642 -15.27 -55.67 24.15
N ARG D 643 -15.35 -57.00 24.18
CA ARG D 643 -16.41 -57.76 23.53
C ARG D 643 -17.80 -57.18 23.79
N GLU D 644 -18.09 -56.86 25.06
CA GLU D 644 -19.38 -56.27 25.43
C GLU D 644 -19.61 -54.93 24.75
N LEU D 645 -18.56 -54.13 24.62
CA LEU D 645 -18.71 -52.79 24.08
C LEU D 645 -18.88 -52.82 22.56
N VAL D 646 -18.47 -53.92 21.94
CA VAL D 646 -18.47 -54.03 20.49
C VAL D 646 -19.56 -54.99 19.99
N GLY D 647 -19.76 -56.07 20.73
CA GLY D 647 -20.79 -57.05 20.39
C GLY D 647 -20.25 -58.28 19.68
N GLU D 648 -18.96 -58.57 19.86
CA GLU D 648 -18.33 -59.74 19.26
C GLU D 648 -16.84 -59.71 19.57
N GLU D 649 -16.09 -60.73 19.15
CA GLU D 649 -14.64 -60.68 19.30
C GLU D 649 -13.89 -60.35 18.00
N LEU D 650 -13.62 -59.05 17.84
CA LEU D 650 -12.82 -58.53 16.74
C LEU D 650 -11.37 -58.98 16.85
N ASN D 651 -10.65 -58.90 15.74
CA ASN D 651 -9.25 -59.34 15.70
C ASN D 651 -8.25 -58.39 16.36
N ASP D 652 -7.29 -58.97 17.08
CA ASP D 652 -6.37 -58.19 17.89
C ASP D 652 -4.90 -58.37 17.48
N SER D 653 -4.64 -58.67 16.22
CA SER D 653 -3.26 -58.90 15.80
C SER D 653 -2.56 -57.68 15.16
N ASN D 654 -3.32 -56.85 14.44
CA ASN D 654 -2.84 -55.53 14.04
C ASN D 654 -3.91 -54.47 14.22
N MET D 655 -3.52 -53.22 14.09
CA MET D 655 -4.46 -52.11 14.24
C MET D 655 -5.47 -52.10 13.10
N ASP D 656 -5.02 -52.51 11.91
CA ASP D 656 -5.92 -52.59 10.77
C ASP D 656 -6.80 -53.82 10.88
N ALA D 657 -6.21 -54.93 11.33
CA ALA D 657 -6.97 -56.13 11.61
C ALA D 657 -8.17 -55.84 12.51
N LEU D 658 -8.01 -54.90 13.43
CA LEU D 658 -9.09 -54.53 14.34
C LEU D 658 -10.19 -53.79 13.60
N ALA D 659 -9.81 -52.81 12.77
CA ALA D 659 -10.77 -51.99 12.01
C ALA D 659 -10.64 -52.24 10.50
N UNK E 1 -22.52 -0.63 -24.01
CA UNK E 1 -23.21 -1.39 -25.06
C UNK E 1 -24.50 -2.05 -24.54
N UNK E 2 -24.91 -1.69 -23.32
CA UNK E 2 -26.12 -2.25 -22.71
C UNK E 2 -27.23 -1.20 -22.61
N UNK F 1 9.45 -23.93 12.00
CA UNK F 1 9.48 -25.09 11.11
C UNK F 1 10.87 -25.33 10.50
N UNK F 2 11.45 -24.29 9.90
CA UNK F 2 12.81 -24.36 9.35
C UNK F 2 13.88 -24.69 10.40
N UNK F 3 13.77 -24.11 11.60
CA UNK F 3 14.76 -24.33 12.67
C UNK F 3 14.74 -25.76 13.25
N UNK F 4 14.10 -26.68 12.52
CA UNK F 4 14.28 -28.12 12.71
C UNK F 4 15.24 -28.67 11.63
N UNK F 5 16.11 -27.80 11.10
CA UNK F 5 17.11 -28.18 10.08
C UNK F 5 18.54 -27.88 10.53
C1 GLC G . 62.91 17.01 -19.06
C2 GLC G . 61.67 16.08 -18.96
C3 GLC G . 60.94 16.07 -20.30
C4 GLC G . 60.49 17.51 -20.62
C5 GLC G . 61.72 18.39 -20.66
C6 GLC G . 61.27 19.83 -20.93
O1 GLC G . 63.94 16.52 -19.93
O2 GLC G . 62.13 14.77 -18.62
O3 GLC G . 59.81 15.17 -20.25
O4 GLC G . 59.77 17.53 -21.88
O5 GLC G . 62.43 18.33 -19.39
O6 GLC G . 62.42 20.69 -20.96
C1 GLC G . 58.37 17.32 -21.84
C2 GLC G . 57.84 17.06 -23.23
C3 GLC G . 58.12 18.22 -24.15
C4 GLC G . 57.47 19.49 -23.65
C5 GLC G . 57.98 19.69 -22.21
C6 GLC G . 57.31 20.95 -21.67
O2 GLC G . 58.47 15.84 -23.70
O3 GLC G . 57.64 17.85 -25.43
O4 GLC G . 57.75 20.56 -24.59
O5 GLC G . 57.73 18.51 -21.36
O6 GLC G . 55.88 20.86 -21.63
C1 GLC G . 56.55 20.73 -25.40
C2 GLC G . 56.82 21.15 -26.83
C3 GLC G . 57.52 22.47 -26.89
C4 GLC G . 56.70 23.57 -26.25
C5 GLC G . 56.19 23.06 -24.83
C6 GLC G . 55.36 24.05 -23.95
O2 GLC G . 57.60 20.16 -27.47
O3 GLC G . 57.58 22.88 -28.27
O4 GLC G . 57.58 24.73 -26.45
O5 GLC G . 55.62 21.71 -24.91
O6 GLC G . 56.00 25.28 -23.63
C1 GLC G . 57.25 26.18 -26.27
C2 GLC G . 57.83 26.89 -27.52
C3 GLC G . 59.33 26.71 -27.59
C4 GLC G . 59.87 27.41 -26.37
C5 GLC G . 59.31 26.78 -25.15
C6 GLC G . 59.75 27.73 -24.04
O2 GLC G . 57.12 26.26 -28.59
O3 GLC G . 59.87 27.22 -28.80
O4 GLC G . 61.33 27.33 -26.29
O5 GLC G . 57.86 26.84 -25.09
O6 GLC G . 59.35 27.38 -22.72
C1 GLC H . 29.89 -10.69 20.99
C2 GLC H . 30.65 -9.39 20.71
C3 GLC H . 31.05 -8.80 22.06
C4 GLC H . 29.86 -8.48 22.97
C5 GLC H . 28.96 -9.73 23.06
C6 GLC H . 27.66 -9.40 23.86
O1 GLC H . 30.64 -11.75 21.64
O2 GLC H . 31.81 -9.65 19.88
O3 GLC H . 31.73 -7.58 21.79
O4 GLC H . 30.36 -7.91 24.24
O5 GLC H . 28.71 -10.36 21.76
O6 GLC H . 26.80 -10.54 23.99
C1 GLC H . 30.16 -6.47 24.25
C2 GLC H . 31.24 -5.71 25.02
C3 GLC H . 31.34 -6.11 26.47
C4 GLC H . 30.01 -5.85 27.10
C5 GLC H . 28.87 -6.51 26.31
C6 GLC H . 27.49 -6.22 26.92
O2 GLC H . 32.52 -5.95 24.41
O3 GLC H . 32.28 -5.25 27.14
O4 GLC H . 30.18 -6.24 28.49
O5 GLC H . 28.92 -6.11 24.91
O6 GLC H . 27.20 -4.82 26.91
C1 GLC H . 30.01 -5.04 29.27
C2 GLC H . 30.95 -4.99 30.44
C3 GLC H . 30.68 -6.19 31.31
C4 GLC H . 29.22 -6.07 31.74
C5 GLC H . 28.28 -6.10 30.54
C6 GLC H . 26.84 -6.12 31.05
O2 GLC H . 32.30 -5.06 29.96
O3 GLC H . 31.59 -6.16 32.40
O4 GLC H . 29.04 -7.23 32.56
O5 GLC H . 28.63 -4.95 29.70
O6 GLC H . 25.93 -6.04 29.95
C1 GLC H . 29.00 -6.97 34.00
C2 GLC H . 29.74 -8.10 34.75
C3 GLC H . 29.12 -9.42 34.34
C4 GLC H . 27.68 -9.39 34.80
C5 GLC H . 27.03 -8.20 34.11
C6 GLC H . 25.50 -8.13 34.19
O2 GLC H . 31.11 -8.12 34.29
O3 GLC H . 29.78 -10.48 35.05
O4 GLC H . 26.97 -10.61 34.40
O5 GLC H . 27.60 -6.91 34.41
O6 GLC H . 25.02 -6.79 34.10
C1 GLC I . -49.35 28.27 37.27
C2 GLC I . -48.72 27.22 36.34
C3 GLC I . -48.31 26.01 37.15
C4 GLC I . -47.28 26.42 38.20
C5 GLC I . -47.91 27.51 39.04
C6 GLC I . -46.85 27.95 40.06
O1 GLC I . -50.53 27.79 37.94
O2 GLC I . -49.71 26.79 35.41
O3 GLC I . -47.77 24.98 36.27
O4 GLC I . -46.87 25.26 38.97
O5 GLC I . -48.34 28.63 38.24
O6 GLC I . -47.37 28.99 40.92
C1 GLC I . -45.81 24.52 38.39
C2 GLC I . -45.77 23.15 39.02
C3 GLC I . -45.57 23.23 40.51
C4 GLC I . -44.27 23.93 40.87
C5 GLC I . -44.39 25.32 40.18
C6 GLC I . -43.18 26.20 40.49
O2 GLC I . -46.99 22.45 38.70
O3 GLC I . -45.58 21.94 41.10
O4 GLC I . -44.19 23.95 42.32
O5 GLC I . -44.60 25.22 38.73
O6 GLC I . -41.93 25.64 40.03
C1 GLC I . -42.96 23.23 42.62
C2 GLC I . -43.07 22.47 43.93
C3 GLC I . -43.33 23.35 45.11
C4 GLC I . -42.19 24.35 45.25
C5 GLC I . -41.96 25.03 43.88
C6 GLC I . -40.82 26.07 43.92
O2 GLC I . -44.18 21.57 43.79
O3 GLC I . -43.32 22.54 46.32
O4 GLC I . -42.56 25.10 46.41
O5 GLC I . -41.81 24.08 42.79
O6 GLC I . -39.59 25.42 44.31
C1 GLC I . -41.72 26.10 47.09
C2 GLC I . -42.28 26.16 48.53
C3 GLC I . -43.73 26.64 48.56
C4 GLC I . -43.70 28.04 47.96
C5 GLC I . -43.15 27.96 46.56
C6 GLC I . -42.93 29.40 46.06
O2 GLC I . -42.12 24.83 49.08
O3 GLC I . -44.32 26.55 49.87
O4 GLC I . -45.02 28.63 47.93
O5 GLC I . -41.83 27.43 46.51
O6 GLC I . -42.14 30.11 47.04
C1 GLC J . -25.73 22.30 -16.72
C2 GLC J . -25.78 23.12 -15.42
C3 GLC J . -25.80 24.59 -15.84
C4 GLC J . -24.52 24.93 -16.66
C5 GLC J . -24.50 24.00 -17.87
C6 GLC J . -23.24 24.32 -18.70
O1 GLC J . -26.96 22.31 -17.44
O2 GLC J . -26.95 22.71 -14.69
O3 GLC J . -25.90 25.36 -14.64
O4 GLC J . -24.58 26.33 -17.02
O5 GLC J . -24.55 22.60 -17.49
O6 GLC J . -23.07 23.47 -19.85
C1 GLC J . -23.75 27.07 -16.06
C2 GLC J . -24.18 28.52 -15.95
C3 GLC J . -24.04 29.22 -17.28
C4 GLC J . -22.60 29.16 -17.78
C5 GLC J . -22.15 27.69 -17.76
C6 GLC J . -20.71 27.45 -18.27
O2 GLC J . -25.54 28.56 -15.54
O3 GLC J . -24.39 30.59 -17.09
O4 GLC J . -22.63 29.87 -19.04
O5 GLC J . -22.36 27.06 -16.45
O6 GLC J . -19.73 28.14 -17.49
C1 GLC J . -21.53 30.80 -19.20
C2 GLC J . -22.00 31.97 -20.07
C3 GLC J . -22.44 31.58 -21.48
C4 GLC J . -21.19 30.94 -22.13
C5 GLC J . -20.64 29.80 -21.22
C6 GLC J . -19.39 29.05 -21.80
O2 GLC J . -23.00 32.74 -19.34
O3 GLC J . -22.86 32.73 -22.24
O4 GLC J . -21.64 30.60 -23.44
O5 GLC J . -20.34 30.27 -19.87
O6 GLC J . -18.90 28.11 -20.81
C1 GLC J . -20.66 30.17 -24.44
C2 GLC J . -21.24 30.50 -25.80
C3 GLC J . -22.54 29.76 -26.10
C4 GLC J . -22.23 28.26 -26.08
C5 GLC J . -21.70 27.94 -24.68
C6 GLC J . -21.44 26.44 -24.55
O2 GLC J . -21.43 31.92 -25.80
O3 GLC J . -23.17 30.23 -27.32
O4 GLC J . -23.36 27.40 -26.39
O5 GLC J . -20.51 28.72 -24.41
O6 GLC J . -20.50 26.08 -25.56
S SO4 K . 29.79 10.21 -2.97
O1 SO4 K . 30.46 9.23 -2.11
O2 SO4 K . 30.56 11.46 -2.97
O3 SO4 K . 29.69 9.67 -4.33
O4 SO4 K . 28.44 10.47 -2.47
S SO4 L . 35.90 14.42 6.08
O1 SO4 L . 36.81 13.27 5.98
O2 SO4 L . 36.76 15.58 6.40
O3 SO4 L . 35.15 14.65 4.82
O4 SO4 L . 34.93 14.17 7.15
S SO4 M . 13.66 29.36 21.29
O1 SO4 M . 12.49 29.48 22.16
O2 SO4 M . 14.87 29.26 22.12
O3 SO4 M . 13.54 28.16 20.46
O4 SO4 M . 13.71 30.52 20.40
S SO4 N . 8.21 -20.23 18.92
O1 SO4 N . 8.19 -21.65 18.52
O2 SO4 N . 8.74 -20.09 20.28
O3 SO4 N . 9.08 -19.49 18.01
O4 SO4 N . 6.83 -19.70 18.83
S SO4 O . -20.67 18.75 14.85
O1 SO4 O . -20.99 17.36 15.17
O2 SO4 O . -20.26 19.47 16.07
O3 SO4 O . -19.53 18.78 13.94
O4 SO4 O . -21.85 19.38 14.25
S SO4 P . -22.25 30.15 12.13
O1 SO4 P . -21.62 29.22 13.09
O2 SO4 P . -22.40 31.50 12.72
O3 SO4 P . -21.42 30.22 10.92
O4 SO4 P . -23.60 29.70 11.74
S SO4 Q . -13.30 4.45 -25.28
O1 SO4 Q . -13.98 4.23 -24.01
O2 SO4 Q . -13.48 5.84 -25.74
O3 SO4 Q . -11.88 4.18 -25.12
O4 SO4 Q . -13.86 3.50 -26.25
S SO4 R . 7.28 37.06 6.34
O1 SO4 R . 6.39 35.90 6.40
O2 SO4 R . 7.64 37.44 7.71
O3 SO4 R . 8.49 36.72 5.59
O4 SO4 R . 6.57 38.16 5.69
S SO4 S . -23.69 11.30 13.36
O1 SO4 S . -24.27 10.50 14.44
O2 SO4 S . -22.40 11.85 13.79
O3 SO4 S . -23.52 10.43 12.19
O4 SO4 S . -24.63 12.39 13.04
S SO4 T . -28.04 -8.07 -28.66
O1 SO4 T . -27.58 -8.21 -27.26
O2 SO4 T . -27.43 -6.86 -29.23
O3 SO4 T . -27.64 -9.27 -29.41
O4 SO4 T . -29.50 -7.90 -28.73
S SO4 U . -16.03 -1.93 -26.49
O1 SO4 U . -15.81 -3.00 -25.50
O2 SO4 U . -16.41 -0.69 -25.80
O3 SO4 U . -14.79 -1.71 -27.25
O4 SO4 U . -17.08 -2.34 -27.41
S SO4 V . -18.49 -32.71 -9.80
O1 SO4 V . -18.97 -34.07 -9.62
O2 SO4 V . -18.50 -31.99 -8.52
O3 SO4 V . -17.12 -32.75 -10.30
O4 SO4 V . -19.36 -32.00 -10.73
S SO4 W . 28.21 4.46 -7.05
O1 SO4 W . 27.36 3.45 -6.42
O2 SO4 W . 29.47 4.55 -6.29
O3 SO4 W . 28.53 4.02 -8.41
O4 SO4 W . 27.52 5.76 -7.10
S SO4 X . 13.30 -35.04 9.63
O1 SO4 X . 11.89 -35.28 9.97
O2 SO4 X . 14.04 -36.33 9.72
O3 SO4 X . 13.39 -34.39 8.30
O4 SO4 X . 13.83 -34.09 10.62
S SO4 Y . 7.24 -26.08 15.23
O1 SO4 Y . 6.36 -27.17 15.67
O2 SO4 Y . 7.07 -24.91 16.08
O3 SO4 Y . 8.62 -26.58 15.29
O4 SO4 Y . 6.91 -25.72 13.84
S SO4 Z . -1.74 -33.50 -17.87
O1 SO4 Z . -1.52 -34.61 -16.94
O2 SO4 Z . -1.30 -32.24 -17.28
O3 SO4 Z . -0.96 -33.77 -19.09
O4 SO4 Z . -3.17 -33.39 -18.17
#